data_2YKV
#
_entry.id   2YKV
#
_cell.length_a   183.582
_cell.length_b   94.321
_cell.length_c   102.307
_cell.angle_alpha   90.00
_cell.angle_beta   113.99
_cell.angle_gamma   90.00
#
_symmetry.space_group_name_H-M   'C 1 2 1'
#
loop_
_entity.id
_entity.type
_entity.pdbx_description
1 polymer BETA-TRANSAMINASE
2 non-polymer "4'-DEOXY-4'-ACETYLYAMINO-PYRIDOXAL-5'-PHOSPHATE"
3 non-polymer 1,2-ETHANEDIOL
4 water water
#
_entity_poly.entity_id   1
_entity_poly.type   'polypeptide(L)'
_entity_poly.pdbx_seq_one_letter_code
;MGSSHHHHHHSSGLVPRGSHMNEPIGEPGRSPASDTAEKAQAIAAARNTFARDNPVSAGHHERARRSMPGGNTRSILFHR
PFPLVIAQGTGSRFQDVDGHAYVNFLGEYTAGLFGHSHPVIRAAVERALAVGLNLSTQTENEALFAEAVCDRFPSIDLVR
FTNSGTEANLMALATATAITGRKTVLAFDGGYHGGLLNFASGHAPTNAPYHVVLGVYNDVEGTADLLKRHGHDCAAILVE
PMLGAGGCVPAERAFLDLLRAEASRCGALLIFDEVMTSRLSGGGAQEMLGISADLTTLGKYIGGGMSFGAFGGRRDLMER
FDPARDGAFAHAGTFNNNILTMSAGHAALTQIYTRQAASDLSASGDRFRANLNRIAVENQAPLQFTGLGSLGTIHFSRAP
IRSAGDVRAADQQLKELFFFHMLRKGIYLAPRGMYALSLEIADAGRDAFAEALADFIGEQRALLM
;
_entity_poly.pdbx_strand_id   A,B,C
#
# COMPACT_ATOMS: atom_id res chain seq x y z
N ALA A 33 27.74 -4.26 43.84
CA ALA A 33 27.34 -2.98 44.48
C ALA A 33 26.12 -3.22 45.36
N SER A 34 25.94 -2.38 46.37
CA SER A 34 24.72 -2.46 47.18
C SER A 34 24.16 -1.07 47.49
N ASP A 35 22.86 -0.98 47.73
CA ASP A 35 22.27 0.31 48.04
C ASP A 35 22.87 0.88 49.31
N THR A 36 23.06 2.19 49.33
CA THR A 36 23.50 2.90 50.54
C THR A 36 22.56 4.07 50.84
N ALA A 37 22.54 4.43 52.12
CA ALA A 37 21.77 5.58 52.59
C ALA A 37 22.22 6.90 51.95
N GLU A 38 23.53 7.05 51.78
CA GLU A 38 24.16 8.18 51.10
C GLU A 38 23.57 8.40 49.69
N LYS A 39 23.62 7.34 48.89
CA LYS A 39 23.10 7.40 47.51
C LYS A 39 21.59 7.63 47.50
N ALA A 40 20.85 6.96 48.39
CA ALA A 40 19.41 7.17 48.51
C ALA A 40 19.06 8.63 48.77
N GLN A 41 19.83 9.28 49.63
CA GLN A 41 19.56 10.67 49.99
C GLN A 41 19.86 11.59 48.79
N ALA A 42 20.94 11.28 48.06
CA ALA A 42 21.24 11.99 46.81
C ALA A 42 20.08 11.81 45.81
N ILE A 43 19.59 10.58 45.65
CA ILE A 43 18.45 10.36 44.76
C ILE A 43 17.19 11.11 45.20
N ALA A 44 16.89 11.10 46.50
CA ALA A 44 15.72 11.77 47.01
C ALA A 44 15.80 13.28 46.76
N ALA A 45 17.01 13.84 46.87
CA ALA A 45 17.23 15.26 46.56
C ALA A 45 17.05 15.55 45.07
N ALA A 46 17.57 14.68 44.22
CA ALA A 46 17.43 14.84 42.77
C ALA A 46 15.97 14.77 42.32
N ARG A 47 15.19 13.87 42.94
CA ARG A 47 13.75 13.74 42.63
C ARG A 47 13.00 15.00 43.09
N ASN A 48 13.39 15.52 44.24
CA ASN A 48 12.73 16.70 44.80
CA ASN A 48 12.76 16.70 44.82
C ASN A 48 12.96 17.93 43.94
N THR A 49 14.20 18.11 43.49
CA THR A 49 14.57 19.19 42.58
C THR A 49 13.79 19.05 41.25
N PHE A 50 13.75 17.82 40.73
CA PHE A 50 12.99 17.50 39.52
C PHE A 50 11.50 17.86 39.67
N ALA A 51 10.90 17.48 40.79
CA ALA A 51 9.50 17.81 41.08
C ALA A 51 9.28 19.32 41.13
N ARG A 52 10.18 20.03 41.83
CA ARG A 52 10.15 21.49 41.93
C ARG A 52 10.35 22.20 40.59
N ASP A 53 11.28 21.68 39.78
CA ASP A 53 11.57 22.24 38.45
C ASP A 53 10.38 22.08 37.47
N ASN A 54 9.51 21.10 37.74
CA ASN A 54 8.50 20.65 36.75
C ASN A 54 7.07 20.52 37.29
N PRO A 55 6.51 21.61 37.87
CA PRO A 55 5.16 21.52 38.46
C PRO A 55 4.03 21.29 37.44
N VAL A 56 4.20 21.76 36.20
CA VAL A 56 3.17 21.51 35.18
C VAL A 56 3.10 20.00 34.84
N SER A 57 4.25 19.37 34.55
CA SER A 57 4.30 17.90 34.39
C SER A 57 3.66 17.16 35.57
N ALA A 58 3.92 17.65 36.80
CA ALA A 58 3.32 17.04 38.02
C ALA A 58 1.80 17.07 38.01
N GLY A 59 1.22 18.21 37.62
CA GLY A 59 -0.23 18.33 37.48
C GLY A 59 -0.79 17.44 36.37
N HIS A 60 -0.09 17.36 35.24
CA HIS A 60 -0.46 16.39 34.19
C HIS A 60 -0.57 14.96 34.72
N HIS A 61 0.38 14.57 35.56
CA HIS A 61 0.41 13.22 36.08
C HIS A 61 -0.84 12.94 36.90
N GLU A 62 -1.18 13.87 37.79
CA GLU A 62 -2.37 13.73 38.64
C GLU A 62 -3.63 13.54 37.80
N ARG A 63 -3.80 14.36 36.77
CA ARG A 63 -4.92 14.20 35.84
C ARG A 63 -4.88 12.85 35.09
N ALA A 64 -3.71 12.51 34.53
CA ALA A 64 -3.54 11.26 33.77
C ALA A 64 -3.95 10.02 34.55
N ARG A 65 -3.71 10.05 35.86
CA ARG A 65 -4.00 8.92 36.76
C ARG A 65 -5.47 8.58 36.85
N ARG A 66 -6.32 9.52 36.49
CA ARG A 66 -7.75 9.35 36.50
C ARG A 66 -8.25 8.42 35.38
N SER A 67 -7.51 8.30 34.28
CA SER A 67 -7.98 7.52 33.13
C SER A 67 -7.08 6.35 32.68
N MET A 68 -5.80 6.38 33.08
CA MET A 68 -4.86 5.28 32.79
C MET A 68 -4.22 4.83 34.09
N PRO A 69 -3.95 3.51 34.24
CA PRO A 69 -3.36 2.99 35.48
C PRO A 69 -2.04 3.69 35.78
N GLY A 70 -1.98 4.37 36.92
CA GLY A 70 -0.85 5.24 37.27
C GLY A 70 -0.54 6.32 36.26
N GLY A 71 -1.54 6.73 35.48
CA GLY A 71 -1.36 7.75 34.43
C GLY A 71 -0.46 7.30 33.29
N ASN A 72 -0.43 5.98 33.06
CA ASN A 72 0.55 5.36 32.17
C ASN A 72 -0.12 4.42 31.17
N THR A 73 0.40 4.37 29.93
CA THR A 73 -0.05 3.35 28.97
C THR A 73 1.09 2.58 28.28
N ARG A 74 2.30 2.80 28.77
CA ARG A 74 3.51 2.20 28.24
C ARG A 74 4.55 2.22 29.37
N SER A 75 4.70 1.07 30.06
CA SER A 75 5.37 1.03 31.38
C SER A 75 6.73 1.70 31.43
N ILE A 76 7.47 1.53 30.34
CA ILE A 76 8.84 2.03 30.19
C ILE A 76 8.95 3.57 30.32
N LEU A 77 7.87 4.28 30.03
CA LEU A 77 7.86 5.75 30.15
C LEU A 77 7.79 6.29 31.58
N PHE A 78 7.32 5.46 32.50
CA PHE A 78 7.21 5.86 33.89
C PHE A 78 8.52 5.81 34.64
N HIS A 79 8.78 6.88 35.37
CA HIS A 79 9.77 6.87 36.42
C HIS A 79 9.24 7.76 37.54
N ARG A 80 9.74 7.54 38.76
CA ARG A 80 9.43 8.40 39.89
C ARG A 80 10.19 9.72 39.78
N PRO A 81 9.65 10.81 40.37
CA PRO A 81 8.37 10.94 41.04
C PRO A 81 7.20 10.94 40.04
N PHE A 82 7.46 11.42 38.82
CA PHE A 82 6.52 11.37 37.70
C PHE A 82 7.33 11.60 36.42
N PRO A 83 6.78 11.23 35.26
CA PRO A 83 7.51 11.48 34.03
C PRO A 83 7.33 12.90 33.51
N LEU A 84 8.30 13.38 32.73
CA LEU A 84 8.15 14.63 31.99
C LEU A 84 7.07 14.48 30.94
N VAL A 85 6.26 15.52 30.75
CA VAL A 85 5.32 15.59 29.63
C VAL A 85 5.92 16.57 28.64
N ILE A 86 6.07 16.18 27.40
CA ILE A 86 6.64 17.15 26.49
C ILE A 86 5.59 17.92 25.71
N ALA A 87 5.95 19.12 25.28
CA ALA A 87 5.03 20.00 24.59
C ALA A 87 5.21 19.89 23.08
N GLN A 88 6.44 19.92 22.60
CA GLN A 88 6.72 19.78 21.19
C GLN A 88 8.15 19.44 20.89
N GLY A 89 8.42 18.95 19.71
CA GLY A 89 9.77 18.59 19.33
C GLY A 89 10.02 18.87 17.87
N THR A 90 11.28 19.21 17.56
CA THR A 90 11.77 19.48 16.22
C THR A 90 13.15 18.88 16.10
N GLY A 91 13.44 18.22 14.98
CA GLY A 91 14.77 17.64 14.78
C GLY A 91 15.14 16.72 15.95
N SER A 92 16.32 16.94 16.51
CA SER A 92 16.83 16.16 17.62
C SER A 92 16.46 16.75 19.00
N ARG A 93 15.66 17.81 19.02
CA ARG A 93 15.40 18.53 20.27
C ARG A 93 13.92 18.54 20.65
N PHE A 94 13.63 18.63 21.94
CA PHE A 94 12.25 18.85 22.37
C PHE A 94 12.15 19.74 23.60
N GLN A 95 10.95 20.17 23.93
CA GLN A 95 10.65 21.02 25.06
C GLN A 95 9.52 20.40 25.87
N ASP A 96 9.67 20.39 27.19
CA ASP A 96 8.64 19.87 28.08
C ASP A 96 7.64 20.97 28.45
N VAL A 97 6.58 20.60 29.14
CA VAL A 97 5.48 21.53 29.43
C VAL A 97 5.83 22.59 30.47
N ASP A 98 7.01 22.49 31.07
CA ASP A 98 7.52 23.52 31.99
C ASP A 98 8.54 24.43 31.34
N GLY A 99 8.76 24.20 30.05
CA GLY A 99 9.57 25.11 29.24
C GLY A 99 11.04 24.76 29.11
N HIS A 100 11.44 23.57 29.58
CA HIS A 100 12.83 23.18 29.47
C HIS A 100 13.07 22.55 28.12
N ALA A 101 14.22 22.87 27.51
CA ALA A 101 14.66 22.24 26.26
C ALA A 101 15.69 21.14 26.52
N TYR A 102 15.62 20.07 25.71
CA TYR A 102 16.57 18.98 25.82
C TYR A 102 16.95 18.50 24.41
N VAL A 103 18.12 17.90 24.29
CA VAL A 103 18.40 17.10 23.11
C VAL A 103 18.08 15.64 23.40
N ASN A 104 17.35 15.04 22.46
CA ASN A 104 16.75 13.74 22.62
C ASN A 104 17.73 12.62 22.21
N PHE A 105 18.48 12.08 23.18
CA PHE A 105 19.39 10.97 22.95
C PHE A 105 18.71 9.61 23.08
N LEU A 106 17.43 9.62 23.48
CA LEU A 106 16.65 8.37 23.59
C LEU A 106 16.11 7.92 22.23
N GLY A 107 15.58 8.85 21.44
CA GLY A 107 15.17 8.50 20.07
C GLY A 107 14.14 7.37 20.04
N GLU A 108 13.10 7.52 20.87
CA GLU A 108 11.97 6.58 20.93
C GLU A 108 12.39 5.12 21.09
N TYR A 109 13.35 4.87 22.00
CA TYR A 109 13.85 3.52 22.25
C TYR A 109 14.23 2.84 20.92
N THR A 110 14.98 3.60 20.11
CA THR A 110 15.58 3.21 18.80
C THR A 110 14.65 3.32 17.60
N ALA A 111 13.37 3.60 17.84
CA ALA A 111 12.42 3.80 16.73
C ALA A 111 12.55 5.18 16.10
N GLY A 112 12.97 6.15 16.90
CA GLY A 112 12.99 7.57 16.51
C GLY A 112 14.28 7.97 15.80
N LEU A 113 14.61 7.24 14.76
CA LEU A 113 15.85 7.41 14.04
C LEU A 113 15.90 8.70 13.19
N PHE A 114 14.74 9.31 12.98
CA PHE A 114 14.61 10.39 11.99
C PHE A 114 14.42 11.75 12.65
N GLY A 115 14.47 11.78 13.98
CA GLY A 115 14.13 13.02 14.68
C GLY A 115 12.63 13.20 14.74
N HIS A 116 12.20 14.35 15.25
CA HIS A 116 10.79 14.62 15.49
C HIS A 116 10.06 15.22 14.28
N SER A 117 10.79 15.61 13.25
CA SER A 117 10.19 16.36 12.15
C SER A 117 10.92 16.21 10.81
N HIS A 118 11.22 14.96 10.42
CA HIS A 118 12.01 14.72 9.22
C HIS A 118 11.19 15.07 7.98
N PRO A 119 11.72 15.92 7.10
CA PRO A 119 10.94 16.34 5.91
C PRO A 119 10.53 15.19 4.99
N VAL A 120 11.36 14.16 4.91
CA VAL A 120 11.09 13.04 4.02
C VAL A 120 9.98 12.16 4.60
N ILE A 121 10.01 11.95 5.92
CA ILE A 121 8.90 11.27 6.61
C ILE A 121 7.61 12.04 6.41
N ARG A 122 7.66 13.35 6.63
CA ARG A 122 6.51 14.23 6.46
C ARG A 122 5.94 14.13 5.04
N ALA A 123 6.81 14.12 4.03
CA ALA A 123 6.39 13.95 2.64
C ALA A 123 5.74 12.59 2.39
N ALA A 124 6.28 11.54 3.02
CA ALA A 124 5.67 10.24 2.89
C ALA A 124 4.28 10.21 3.50
N VAL A 125 4.08 10.91 4.62
CA VAL A 125 2.77 11.02 5.28
C VAL A 125 1.77 11.74 4.35
N GLU A 126 2.23 12.84 3.74
CA GLU A 126 1.41 13.62 2.80
C GLU A 126 0.99 12.78 1.59
N ARG A 127 1.92 12.00 1.03
CA ARG A 127 1.64 11.11 -0.10
C ARG A 127 0.57 10.07 0.30
N ALA A 128 0.72 9.51 1.50
CA ALA A 128 -0.20 8.52 2.05
C ALA A 128 -1.63 9.05 2.17
N LEU A 129 -1.76 10.26 2.71
CA LEU A 129 -3.05 10.92 2.84
C LEU A 129 -3.69 11.15 1.46
N ALA A 130 -2.87 11.52 0.48
CA ALA A 130 -3.32 11.73 -0.91
C ALA A 130 -3.76 10.43 -1.60
N VAL A 131 -3.11 9.32 -1.30
CA VAL A 131 -3.54 8.00 -1.80
C VAL A 131 -4.93 7.63 -1.18
N GLY A 132 -5.07 7.81 0.12
CA GLY A 132 -6.32 7.46 0.79
C GLY A 132 -6.04 6.61 2.03
N LEU A 133 -6.78 6.87 3.11
CA LEU A 133 -6.62 6.08 4.35
C LEU A 133 -7.58 4.91 4.37
N ASN A 134 -7.20 3.87 5.13
CA ASN A 134 -8.10 2.72 5.38
C ASN A 134 -8.74 2.15 4.09
N LEU A 135 -7.90 1.93 3.08
CA LEU A 135 -8.44 1.56 1.77
C LEU A 135 -8.96 0.13 1.64
N SER A 136 -8.75 -0.70 2.67
CA SER A 136 -9.59 -1.90 2.86
C SER A 136 -9.21 -3.04 1.91
N THR A 137 -8.05 -2.89 1.27
CA THR A 137 -7.66 -3.78 0.21
C THR A 137 -6.14 -3.77 0.14
N GLN A 138 -5.60 -4.62 -0.71
CA GLN A 138 -4.18 -4.55 -1.02
C GLN A 138 -3.84 -3.35 -1.86
N THR A 139 -2.68 -2.76 -1.58
CA THR A 139 -2.13 -1.72 -2.46
C THR A 139 -0.72 -2.12 -2.93
N GLU A 140 -0.15 -1.32 -3.81
CA GLU A 140 1.17 -1.59 -4.35
C GLU A 140 2.22 -1.27 -3.29
N ASN A 141 1.94 -0.25 -2.49
CA ASN A 141 2.86 0.25 -1.49
C ASN A 141 3.39 -0.85 -0.58
N GLU A 142 2.53 -1.80 -0.21
CA GLU A 142 2.96 -2.91 0.63
C GLU A 142 3.96 -3.83 -0.07
N ALA A 143 3.77 -4.08 -1.38
CA ALA A 143 4.73 -4.90 -2.13
C ALA A 143 6.07 -4.20 -2.28
N LEU A 144 6.04 -2.90 -2.52
CA LEU A 144 7.25 -2.08 -2.68
C LEU A 144 8.05 -2.03 -1.37
N PHE A 145 7.36 -1.84 -0.24
CA PHE A 145 7.99 -1.91 1.09
C PHE A 145 8.59 -3.30 1.39
N ALA A 146 7.85 -4.36 1.11
CA ALA A 146 8.32 -5.74 1.30
C ALA A 146 9.59 -6.03 0.46
N GLU A 147 9.61 -5.52 -0.76
CA GLU A 147 10.81 -5.64 -1.62
C GLU A 147 12.02 -4.91 -1.01
N ALA A 148 11.78 -3.72 -0.47
CA ALA A 148 12.85 -2.94 0.16
C ALA A 148 13.41 -3.65 1.38
N VAL A 149 12.53 -4.31 2.14
CA VAL A 149 12.94 -5.10 3.31
C VAL A 149 13.75 -6.32 2.87
N CYS A 150 13.27 -7.04 1.86
CA CYS A 150 13.97 -8.22 1.37
C CYS A 150 15.33 -7.86 0.75
N ASP A 151 15.41 -6.73 0.05
CA ASP A 151 16.69 -6.25 -0.51
C ASP A 151 17.69 -6.03 0.61
N ARG A 152 17.18 -5.49 1.71
CA ARG A 152 17.98 -4.93 2.78
C ARG A 152 18.56 -6.00 3.73
N PHE A 153 17.77 -7.03 4.01
CA PHE A 153 18.14 -7.99 5.06
C PHE A 153 18.51 -9.34 4.48
N PRO A 154 19.77 -9.76 4.68
CA PRO A 154 20.31 -10.84 3.85
C PRO A 154 19.72 -12.22 4.07
N SER A 155 19.10 -12.48 5.22
CA SER A 155 18.47 -13.77 5.47
C SER A 155 16.93 -13.75 5.38
N ILE A 156 16.37 -12.65 4.89
CA ILE A 156 14.91 -12.55 4.73
C ILE A 156 14.56 -12.65 3.24
N ASP A 157 14.02 -13.82 2.85
CA ASP A 157 13.64 -14.05 1.46
C ASP A 157 12.22 -13.57 1.21
N LEU A 158 11.36 -13.72 2.22
CA LEU A 158 9.96 -13.30 2.19
C LEU A 158 9.62 -12.71 3.55
N VAL A 159 8.67 -11.79 3.57
CA VAL A 159 8.38 -11.06 4.80
C VAL A 159 6.88 -10.82 4.94
N ARG A 160 6.43 -10.74 6.19
CA ARG A 160 5.08 -10.25 6.49
C ARG A 160 5.13 -9.13 7.53
N PHE A 161 4.30 -8.11 7.36
CA PHE A 161 4.27 -7.00 8.31
C PHE A 161 3.28 -7.24 9.43
N THR A 162 3.65 -6.78 10.63
CA THR A 162 2.78 -6.77 11.79
C THR A 162 2.69 -5.31 12.29
N ASN A 163 2.03 -5.09 13.43
CA ASN A 163 1.83 -3.74 13.92
C ASN A 163 2.76 -3.41 15.08
N SER A 164 3.66 -4.36 15.41
CA SER A 164 4.61 -4.17 16.50
C SER A 164 5.67 -5.27 16.51
N GLY A 165 6.76 -5.01 17.22
CA GLY A 165 7.79 -6.02 17.44
C GLY A 165 7.22 -7.17 18.28
N THR A 166 6.32 -6.82 19.20
CA THR A 166 5.64 -7.82 20.04
C THR A 166 4.91 -8.80 19.15
N GLU A 167 4.13 -8.29 18.20
CA GLU A 167 3.41 -9.17 17.29
C GLU A 167 4.37 -9.94 16.41
N ALA A 168 5.44 -9.29 15.95
CA ALA A 168 6.42 -9.99 15.09
C ALA A 168 7.01 -11.24 15.81
N ASN A 169 7.43 -11.06 17.06
CA ASN A 169 7.98 -12.19 17.79
C ASN A 169 6.96 -13.29 18.10
N LEU A 170 5.72 -12.90 18.43
CA LEU A 170 4.67 -13.90 18.65
C LEU A 170 4.42 -14.72 17.40
N MET A 171 4.32 -14.05 16.25
CA MET A 171 4.14 -14.76 14.97
C MET A 171 5.34 -15.65 14.61
N ALA A 172 6.55 -15.22 14.96
CA ALA A 172 7.73 -16.06 14.70
C ALA A 172 7.66 -17.33 15.57
N LEU A 173 7.28 -17.17 16.84
CA LEU A 173 7.04 -18.35 17.68
C LEU A 173 5.89 -19.20 17.19
N ALA A 174 4.80 -18.57 16.73
CA ALA A 174 3.65 -19.27 16.17
C ALA A 174 4.09 -20.13 14.96
N THR A 175 4.93 -19.55 14.12
CA THR A 175 5.48 -20.22 12.95
C THR A 175 6.30 -21.46 13.34
N ALA A 176 7.20 -21.28 14.31
CA ALA A 176 8.13 -22.35 14.76
C ALA A 176 7.40 -23.51 15.40
N THR A 177 6.47 -23.22 16.33
CA THR A 177 5.72 -24.28 17.00
C THR A 177 4.81 -25.03 16.01
N ALA A 178 4.15 -24.29 15.13
CA ALA A 178 3.24 -24.91 14.18
C ALA A 178 3.97 -25.72 13.12
N ILE A 179 5.15 -25.26 12.69
CA ILE A 179 5.94 -25.99 11.71
C ILE A 179 6.56 -27.23 12.34
N THR A 180 7.14 -27.08 13.53
CA THR A 180 7.85 -28.20 14.18
C THR A 180 6.98 -29.21 14.94
N GLY A 181 5.78 -28.78 15.37
CA GLY A 181 4.91 -29.57 16.25
C GLY A 181 5.39 -29.63 17.70
N ARG A 182 6.42 -28.86 18.01
CA ARG A 182 7.09 -28.91 19.30
C ARG A 182 6.65 -27.75 20.19
N LYS A 183 6.87 -27.89 21.50
CA LYS A 183 6.37 -26.92 22.49
C LYS A 183 7.44 -26.04 23.14
N THR A 184 8.68 -26.54 23.24
CA THR A 184 9.71 -25.84 24.04
C THR A 184 10.41 -24.71 23.26
N VAL A 185 10.61 -23.59 23.94
CA VAL A 185 11.31 -22.44 23.37
C VAL A 185 12.46 -22.10 24.29
N LEU A 186 13.66 -22.00 23.73
CA LEU A 186 14.81 -21.54 24.48
C LEU A 186 14.95 -20.04 24.27
N ALA A 187 14.94 -19.29 25.36
CA ALA A 187 15.26 -17.86 25.28
C ALA A 187 16.21 -17.56 26.41
N PHE A 188 16.52 -16.28 26.62
CA PHE A 188 17.53 -15.90 27.60
C PHE A 188 17.08 -14.89 28.62
N ASP A 189 17.49 -15.12 29.87
CA ASP A 189 17.31 -14.21 30.97
C ASP A 189 17.92 -12.83 30.63
N GLY A 190 17.16 -11.76 30.84
CA GLY A 190 17.56 -10.42 30.36
C GLY A 190 16.96 -10.11 28.98
N GLY A 191 16.47 -11.14 28.30
CA GLY A 191 15.88 -11.00 26.96
C GLY A 191 14.54 -10.30 26.99
N TYR A 192 14.27 -9.51 25.96
CA TYR A 192 13.01 -8.80 25.86
C TYR A 192 12.53 -8.83 24.41
N HIS A 193 11.35 -9.43 24.21
CA HIS A 193 10.77 -9.67 22.87
C HIS A 193 9.34 -9.13 22.75
N GLY A 194 8.99 -8.22 23.65
CA GLY A 194 7.70 -7.52 23.54
C GLY A 194 6.85 -7.79 24.77
N GLY A 195 5.65 -7.23 24.77
CA GLY A 195 4.74 -7.26 25.90
C GLY A 195 4.32 -8.63 26.42
N LEU A 196 4.28 -9.63 25.54
CA LEU A 196 3.86 -10.97 25.90
C LEU A 196 5.07 -11.91 25.99
N LEU A 197 6.27 -11.37 25.78
CA LEU A 197 7.53 -12.16 25.82
C LEU A 197 8.65 -11.40 26.50
N ASN A 198 8.41 -11.09 27.77
CA ASN A 198 9.28 -10.23 28.56
C ASN A 198 10.09 -11.08 29.53
N PHE A 199 11.41 -11.21 29.30
CA PHE A 199 12.27 -11.98 30.20
C PHE A 199 13.34 -11.11 30.84
N ALA A 200 13.14 -9.79 30.76
CA ALA A 200 14.11 -8.82 31.29
C ALA A 200 14.41 -9.07 32.79
N SER A 201 13.42 -9.49 33.55
CA SER A 201 13.60 -9.85 34.97
C SER A 201 13.18 -11.30 35.21
N GLY A 202 13.50 -12.18 34.26
CA GLY A 202 13.07 -13.57 34.33
C GLY A 202 11.65 -13.78 33.86
N HIS A 203 11.02 -14.88 34.27
CA HIS A 203 9.65 -15.17 33.82
C HIS A 203 8.67 -14.13 34.36
N ALA A 204 7.93 -13.48 33.46
CA ALA A 204 6.89 -12.55 33.88
C ALA A 204 5.56 -13.30 33.92
N PRO A 205 4.75 -13.08 34.97
CA PRO A 205 3.47 -13.77 35.11
C PRO A 205 2.49 -13.45 33.95
N THR A 206 2.70 -12.33 33.27
CA THR A 206 1.87 -11.93 32.13
C THR A 206 2.30 -12.53 30.78
N ASN A 207 3.43 -13.24 30.76
CA ASN A 207 3.89 -13.78 29.48
C ASN A 207 2.90 -14.76 28.89
N ALA A 208 2.73 -14.70 27.56
CA ALA A 208 2.04 -15.75 26.82
C ALA A 208 2.65 -17.11 27.20
N PRO A 209 1.81 -18.15 27.44
CA PRO A 209 2.29 -19.38 28.10
C PRO A 209 3.01 -20.37 27.17
N TYR A 210 3.97 -19.88 26.40
CA TYR A 210 4.88 -20.76 25.70
C TYR A 210 5.71 -21.46 26.76
N HIS A 211 6.08 -22.71 26.49
CA HIS A 211 6.91 -23.45 27.44
C HIS A 211 8.36 -23.03 27.27
N VAL A 212 8.71 -21.94 27.95
CA VAL A 212 10.00 -21.28 27.75
C VAL A 212 11.02 -21.73 28.78
N VAL A 213 12.18 -22.18 28.31
CA VAL A 213 13.32 -22.41 29.16
C VAL A 213 14.26 -21.21 29.05
N LEU A 214 14.69 -20.62 30.18
CA LEU A 214 15.61 -19.49 30.13
C LEU A 214 17.06 -19.88 30.39
N GLY A 215 17.92 -19.51 29.44
CA GLY A 215 19.36 -19.64 29.61
C GLY A 215 19.98 -18.34 30.08
N VAL A 216 21.29 -18.41 30.32
CA VAL A 216 22.06 -17.23 30.64
C VAL A 216 22.68 -16.73 29.34
N TYR A 217 22.48 -15.45 29.06
CA TYR A 217 23.01 -14.82 27.88
C TYR A 217 24.53 -14.94 27.88
N ASN A 218 25.08 -15.37 26.72
CA ASN A 218 26.54 -15.50 26.51
C ASN A 218 27.22 -16.65 27.25
N ASP A 219 26.41 -17.52 27.86
CA ASP A 219 26.93 -18.66 28.61
C ASP A 219 27.00 -19.90 27.72
N VAL A 220 28.17 -20.17 27.14
CA VAL A 220 28.31 -21.29 26.21
C VAL A 220 28.03 -22.66 26.88
N GLU A 221 28.75 -22.98 27.95
CA GLU A 221 28.63 -24.30 28.60
C GLU A 221 27.23 -24.55 29.15
N GLY A 222 26.75 -23.60 29.96
CA GLY A 222 25.38 -23.66 30.47
C GLY A 222 24.32 -23.83 29.40
N THR A 223 24.40 -23.03 28.34
CA THR A 223 23.44 -23.17 27.22
C THR A 223 23.56 -24.51 26.48
N ALA A 224 24.79 -24.98 26.28
CA ALA A 224 25.01 -26.30 25.66
C ALA A 224 24.34 -27.41 26.47
N ASP A 225 24.48 -27.35 27.80
CA ASP A 225 23.76 -28.24 28.73
C ASP A 225 22.23 -28.19 28.54
N LEU A 226 21.66 -26.99 28.52
CA LEU A 226 20.22 -26.82 28.34
C LEU A 226 19.75 -27.44 27.01
N LEU A 227 20.53 -27.20 25.95
CA LEU A 227 20.21 -27.77 24.63
C LEU A 227 20.33 -29.30 24.60
N LYS A 228 21.28 -29.84 25.39
CA LYS A 228 21.40 -31.29 25.57
C LYS A 228 20.12 -31.86 26.19
N ARG A 229 19.61 -31.19 27.23
CA ARG A 229 18.40 -31.61 27.94
C ARG A 229 17.10 -31.42 27.15
N HIS A 230 16.96 -30.29 26.45
CA HIS A 230 15.66 -29.87 25.90
C HIS A 230 15.60 -29.88 24.38
N GLY A 231 16.78 -29.95 23.74
CA GLY A 231 16.92 -29.82 22.30
C GLY A 231 15.98 -30.60 21.40
N HIS A 232 15.71 -31.86 21.75
CA HIS A 232 14.75 -32.71 21.02
C HIS A 232 13.33 -32.14 20.97
N ASP A 233 12.96 -31.31 21.95
CA ASP A 233 11.61 -30.73 22.05
C ASP A 233 11.58 -29.21 21.76
N CYS A 234 12.67 -28.70 21.21
N CYS A 234 12.68 -28.68 21.24
CA CYS A 234 12.84 -27.26 20.97
CA CYS A 234 12.76 -27.25 20.99
C CYS A 234 12.26 -26.83 19.63
C CYS A 234 12.24 -26.84 19.63
N ALA A 235 11.15 -26.08 19.64
CA ALA A 235 10.58 -25.50 18.43
C ALA A 235 11.45 -24.36 17.92
N ALA A 236 12.03 -23.60 18.87
CA ALA A 236 12.74 -22.37 18.55
C ALA A 236 13.76 -21.99 19.58
N ILE A 237 14.81 -21.33 19.10
CA ILE A 237 15.71 -20.54 19.92
C ILE A 237 15.45 -19.06 19.60
N LEU A 238 15.06 -18.29 20.62
CA LEU A 238 14.72 -16.87 20.44
C LEU A 238 15.75 -16.01 21.18
N VAL A 239 16.45 -15.15 20.43
CA VAL A 239 17.60 -14.44 21.00
C VAL A 239 17.83 -13.12 20.25
N GLU A 240 18.14 -12.10 21.02
CA GLU A 240 18.58 -10.81 20.48
C GLU A 240 20.08 -10.92 20.23
N PRO A 241 20.57 -10.42 19.07
CA PRO A 241 22.04 -10.41 18.87
C PRO A 241 22.80 -9.47 19.82
N MET A 242 22.05 -8.60 20.50
CA MET A 242 22.54 -7.75 21.59
C MET A 242 21.34 -7.51 22.48
N LEU A 243 21.45 -7.75 23.79
CA LEU A 243 20.31 -7.46 24.70
C LEU A 243 20.03 -5.98 24.61
N GLY A 244 18.79 -5.62 24.30
CA GLY A 244 18.42 -4.21 24.16
C GLY A 244 18.00 -3.60 25.48
N ALA A 245 16.76 -3.86 25.86
CA ALA A 245 16.21 -3.42 27.14
C ALA A 245 17.04 -3.97 28.29
N GLY A 246 17.64 -5.14 28.07
CA GLY A 246 18.48 -5.84 29.05
C GLY A 246 19.85 -5.23 29.30
N GLY A 247 20.25 -4.24 28.50
CA GLY A 247 21.42 -3.40 28.83
C GLY A 247 22.42 -3.06 27.74
N CYS A 248 22.03 -3.22 26.47
CA CYS A 248 22.98 -3.09 25.32
C CYS A 248 24.20 -4.00 25.51
N VAL A 249 23.92 -5.28 25.68
CA VAL A 249 24.94 -6.28 25.95
C VAL A 249 25.17 -7.12 24.70
N PRO A 250 26.29 -6.87 23.97
CA PRO A 250 26.58 -7.63 22.75
C PRO A 250 26.68 -9.13 22.98
N ALA A 251 26.10 -9.91 22.06
CA ALA A 251 26.28 -11.35 22.04
C ALA A 251 27.68 -11.64 21.55
N GLU A 252 28.32 -12.63 22.18
CA GLU A 252 29.65 -13.04 21.76
C GLU A 252 29.53 -14.06 20.66
N ARG A 253 30.55 -14.10 19.80
CA ARG A 253 30.54 -14.99 18.65
C ARG A 253 30.35 -16.48 18.98
N ALA A 254 31.07 -16.96 19.99
CA ALA A 254 31.01 -18.37 20.38
C ALA A 254 29.60 -18.75 20.84
N PHE A 255 28.92 -17.80 21.48
CA PHE A 255 27.54 -17.98 21.94
C PHE A 255 26.57 -18.15 20.75
N LEU A 256 26.62 -17.21 19.80
CA LEU A 256 25.75 -17.29 18.61
C LEU A 256 26.08 -18.47 17.69
N ASP A 257 27.37 -18.77 17.48
CA ASP A 257 27.76 -20.02 16.79
C ASP A 257 27.14 -21.26 17.41
N LEU A 258 27.16 -21.35 18.73
CA LEU A 258 26.52 -22.46 19.45
C LEU A 258 25.03 -22.54 19.12
N LEU A 259 24.34 -21.40 19.18
CA LEU A 259 22.90 -21.39 18.90
C LEU A 259 22.59 -21.79 17.48
N ARG A 260 23.39 -21.28 16.52
CA ARG A 260 23.20 -21.61 15.11
C ARG A 260 23.44 -23.10 14.83
N ALA A 261 24.52 -23.64 15.39
CA ALA A 261 24.82 -25.07 15.21
C ALA A 261 23.77 -25.97 15.85
N GLU A 262 23.42 -25.69 17.10
CA GLU A 262 22.47 -26.51 17.85
C GLU A 262 21.04 -26.42 17.31
N ALA A 263 20.65 -25.26 16.81
CA ALA A 263 19.34 -25.12 16.16
C ALA A 263 19.26 -26.07 14.97
N SER A 264 20.25 -26.01 14.09
CA SER A 264 20.33 -26.89 12.94
C SER A 264 20.34 -28.36 13.35
N ARG A 265 21.22 -28.70 14.29
CA ARG A 265 21.34 -30.09 14.75
C ARG A 265 20.02 -30.61 15.33
N CYS A 266 19.39 -29.82 16.20
CA CYS A 266 18.12 -30.22 16.83
C CYS A 266 16.87 -30.14 15.95
N GLY A 267 16.90 -29.30 14.92
CA GLY A 267 15.69 -29.08 14.11
C GLY A 267 14.80 -27.95 14.66
N ALA A 268 15.38 -27.14 15.57
CA ALA A 268 14.72 -25.93 16.06
C ALA A 268 14.94 -24.77 15.10
N LEU A 269 13.99 -23.85 15.04
CA LEU A 269 14.21 -22.63 14.25
C LEU A 269 14.96 -21.65 15.10
N LEU A 270 16.08 -21.16 14.58
CA LEU A 270 16.79 -20.05 15.17
C LEU A 270 16.08 -18.75 14.75
N ILE A 271 15.57 -18.03 15.75
CA ILE A 271 14.95 -16.71 15.51
C ILE A 271 15.82 -15.62 16.12
N PHE A 272 16.33 -14.74 15.27
CA PHE A 272 17.06 -13.59 15.74
C PHE A 272 16.06 -12.46 15.85
N ASP A 273 15.89 -11.94 17.07
CA ASP A 273 15.08 -10.77 17.30
C ASP A 273 15.97 -9.55 17.00
N GLU A 274 15.77 -8.95 15.81
CA GLU A 274 16.55 -7.77 15.38
C GLU A 274 15.70 -6.51 15.42
N VAL A 275 14.65 -6.54 16.25
CA VAL A 275 13.77 -5.40 16.44
C VAL A 275 14.61 -4.15 16.75
N MET A 276 15.60 -4.30 17.60
CA MET A 276 16.54 -3.21 17.83
C MET A 276 17.81 -3.29 16.98
N THR A 277 18.42 -4.48 16.90
CA THR A 277 19.75 -4.58 16.27
C THR A 277 19.77 -4.40 14.73
N SER A 278 18.62 -4.50 14.06
CA SER A 278 18.61 -4.42 12.58
C SER A 278 19.29 -3.16 12.05
N ARG A 279 19.32 -2.11 12.85
CA ARG A 279 19.89 -0.83 12.43
C ARG A 279 21.42 -0.84 12.31
N LEU A 280 22.07 -1.84 12.92
CA LEU A 280 23.52 -1.77 13.18
C LEU A 280 24.40 -1.79 11.92
N SER A 281 23.92 -2.44 10.88
CA SER A 281 24.53 -2.27 9.56
C SER A 281 23.41 -2.32 8.53
N GLY A 282 23.78 -2.22 7.26
CA GLY A 282 22.81 -2.36 6.17
C GLY A 282 21.96 -3.59 6.34
N GLY A 283 22.59 -4.71 6.71
CA GLY A 283 21.83 -5.93 6.89
C GLY A 283 21.75 -6.42 8.34
N GLY A 284 21.77 -5.50 9.28
CA GLY A 284 21.59 -5.83 10.70
C GLY A 284 22.77 -6.60 11.27
N ALA A 285 22.55 -7.26 12.40
CA ALA A 285 23.63 -7.98 13.07
C ALA A 285 24.04 -9.20 12.24
N GLN A 286 23.09 -9.80 11.53
CA GLN A 286 23.41 -10.95 10.70
C GLN A 286 24.47 -10.69 9.62
N GLU A 287 24.41 -9.52 8.98
CA GLU A 287 25.47 -9.11 8.02
C GLU A 287 26.81 -8.92 8.72
N MET A 288 26.81 -8.23 9.86
CA MET A 288 28.04 -8.05 10.66
C MET A 288 28.67 -9.39 11.02
N LEU A 289 27.83 -10.34 11.42
CA LEU A 289 28.26 -11.63 11.97
C LEU A 289 28.59 -12.67 10.91
N GLY A 290 27.88 -12.64 9.78
CA GLY A 290 27.91 -13.75 8.84
C GLY A 290 27.27 -14.99 9.43
N ILE A 291 26.24 -14.81 10.26
CA ILE A 291 25.42 -15.92 10.73
C ILE A 291 24.00 -15.64 10.26
N SER A 292 23.33 -16.63 9.69
CA SER A 292 21.94 -16.46 9.24
C SER A 292 20.97 -17.19 10.15
N ALA A 293 19.96 -16.46 10.62
CA ALA A 293 18.84 -17.04 11.35
C ALA A 293 17.79 -17.61 10.39
N ASP A 294 16.99 -18.56 10.87
CA ASP A 294 15.88 -19.11 10.08
C ASP A 294 14.74 -18.12 9.92
N LEU A 295 14.47 -17.37 11.00
CA LEU A 295 13.50 -16.27 11.00
C LEU A 295 14.16 -15.07 11.66
N THR A 296 13.79 -13.89 11.21
CA THR A 296 14.30 -12.65 11.77
C THR A 296 13.07 -11.79 12.07
N THR A 297 13.00 -11.19 13.25
CA THR A 297 11.93 -10.23 13.54
C THR A 297 12.45 -8.80 13.50
N LEU A 298 11.60 -7.87 13.07
CA LEU A 298 12.00 -6.48 12.84
C LEU A 298 11.00 -5.55 13.48
N GLY A 299 11.44 -4.32 13.75
CA GLY A 299 10.53 -3.33 14.32
C GLY A 299 11.14 -1.94 14.33
N LYS A 300 10.67 -1.14 15.28
CA LYS A 300 11.24 0.17 15.59
C LYS A 300 11.19 1.16 14.41
N TYR A 301 12.35 1.52 13.85
CA TYR A 301 12.48 2.63 12.88
C TYR A 301 12.07 2.28 11.43
N ILE A 302 11.98 0.98 11.12
CA ILE A 302 11.84 0.51 9.73
C ILE A 302 10.57 1.03 9.03
N GLY A 303 9.50 1.25 9.81
CA GLY A 303 8.27 1.82 9.29
C GLY A 303 8.28 3.34 9.30
N GLY A 304 9.46 3.95 9.40
CA GLY A 304 9.61 5.40 9.35
C GLY A 304 9.11 6.11 10.59
N GLY A 305 8.98 5.38 11.69
CA GLY A 305 8.46 5.94 12.93
C GLY A 305 6.95 5.73 13.11
N MET A 306 6.30 5.13 12.12
CA MET A 306 4.90 4.70 12.21
C MET A 306 4.83 3.33 12.88
N SER A 307 3.63 2.90 13.27
CA SER A 307 3.49 1.56 13.88
C SER A 307 4.07 0.54 12.92
N PHE A 308 4.79 -0.43 13.47
CA PHE A 308 5.52 -1.37 12.62
C PHE A 308 6.13 -2.52 13.39
N GLY A 309 6.02 -3.71 12.81
CA GLY A 309 6.91 -4.83 13.06
C GLY A 309 6.91 -5.68 11.79
N ALA A 310 7.78 -6.69 11.75
CA ALA A 310 7.75 -7.64 10.65
C ALA A 310 8.42 -8.93 11.10
N PHE A 311 8.00 -10.04 10.50
CA PHE A 311 8.75 -11.28 10.60
C PHE A 311 8.99 -11.84 9.19
N GLY A 312 10.18 -12.37 8.97
CA GLY A 312 10.54 -12.90 7.67
C GLY A 312 11.67 -13.89 7.86
N GLY A 313 12.15 -14.46 6.77
CA GLY A 313 13.24 -15.41 6.88
C GLY A 313 13.24 -16.31 5.67
N ARG A 314 13.66 -17.56 5.88
CA ARG A 314 13.76 -18.56 4.82
C ARG A 314 12.47 -18.70 4.03
N ARG A 315 12.61 -18.76 2.70
CA ARG A 315 11.48 -18.92 1.81
C ARG A 315 10.57 -20.11 2.17
N ASP A 316 11.16 -21.28 2.40
CA ASP A 316 10.34 -22.48 2.66
C ASP A 316 9.51 -22.37 3.97
N LEU A 317 10.03 -21.64 4.95
CA LEU A 317 9.29 -21.40 6.20
C LEU A 317 8.15 -20.40 6.02
N MET A 318 8.45 -19.27 5.38
CA MET A 318 7.47 -18.19 5.17
C MET A 318 6.36 -18.58 4.20
N GLU A 319 6.66 -19.47 3.25
CA GLU A 319 5.61 -19.95 2.30
C GLU A 319 4.42 -20.68 2.98
N ARG A 320 4.58 -21.06 4.24
CA ARG A 320 3.46 -21.68 4.95
CA ARG A 320 3.51 -21.62 5.06
C ARG A 320 2.31 -20.69 5.14
N PHE A 321 2.57 -19.39 4.95
CA PHE A 321 1.54 -18.33 5.00
C PHE A 321 0.91 -17.97 3.63
N ASP A 322 1.39 -18.59 2.55
CA ASP A 322 0.77 -18.37 1.25
C ASP A 322 -0.70 -18.78 1.32
N PRO A 323 -1.64 -17.80 1.23
CA PRO A 323 -3.07 -18.12 1.45
C PRO A 323 -3.71 -19.01 0.37
N ALA A 324 -2.99 -19.25 -0.71
CA ALA A 324 -3.47 -20.18 -1.73
C ALA A 324 -3.14 -21.65 -1.36
N ARG A 325 -2.28 -21.85 -0.35
CA ARG A 325 -1.93 -23.20 0.08
C ARG A 325 -3.04 -23.82 0.90
N ASP A 326 -3.27 -25.12 0.70
CA ASP A 326 -4.16 -25.85 1.59
C ASP A 326 -3.48 -26.03 2.93
N GLY A 327 -4.20 -25.66 3.99
CA GLY A 327 -3.64 -25.63 5.34
C GLY A 327 -2.75 -24.43 5.59
N ALA A 328 -2.92 -23.38 4.78
CA ALA A 328 -2.17 -22.14 4.92
C ALA A 328 -2.31 -21.62 6.35
N PHE A 329 -1.22 -21.10 6.91
CA PHE A 329 -1.28 -20.48 8.24
C PHE A 329 -2.01 -19.15 8.06
N ALA A 330 -2.91 -18.82 9.00
CA ALA A 330 -3.65 -17.55 8.94
C ALA A 330 -2.91 -16.44 9.69
N HIS A 331 -2.85 -15.26 9.07
CA HIS A 331 -2.27 -14.09 9.72
C HIS A 331 -2.89 -12.83 9.14
N ALA A 332 -4.04 -12.47 9.68
CA ALA A 332 -4.67 -11.20 9.38
C ALA A 332 -4.10 -10.13 10.33
N GLY A 333 -4.74 -8.97 10.42
CA GLY A 333 -4.29 -7.88 11.28
C GLY A 333 -4.67 -6.58 10.61
N THR A 334 -5.62 -5.87 11.23
CA THR A 334 -6.28 -4.71 10.63
C THR A 334 -5.29 -3.75 10.02
N PHE A 335 -4.25 -3.43 10.76
CA PHE A 335 -3.32 -2.41 10.33
C PHE A 335 -2.01 -2.92 9.70
N ASN A 336 -1.87 -4.23 9.46
CA ASN A 336 -0.61 -4.80 8.92
C ASN A 336 -0.05 -4.03 7.69
N ASN A 337 -0.95 -3.71 6.76
CA ASN A 337 -0.59 -3.10 5.48
C ASN A 337 -1.05 -1.64 5.38
N ASN A 338 -1.17 -0.97 6.52
CA ASN A 338 -1.76 0.38 6.54
C ASN A 338 -0.87 1.32 5.74
N ILE A 339 -1.47 2.30 5.07
CA ILE A 339 -0.76 3.09 4.06
C ILE A 339 0.36 3.96 4.66
N LEU A 340 0.14 4.46 5.88
CA LEU A 340 1.14 5.32 6.51
C LEU A 340 2.45 4.55 6.77
N THR A 341 2.34 3.35 7.35
CA THR A 341 3.53 2.53 7.59
C THR A 341 4.20 2.12 6.27
N MET A 342 3.40 1.66 5.32
CA MET A 342 3.93 1.21 4.02
C MET A 342 4.71 2.33 3.33
N SER A 343 4.16 3.53 3.38
N SER A 343 4.14 3.53 3.36
CA SER A 343 4.73 4.69 2.68
CA SER A 343 4.71 4.71 2.68
C SER A 343 5.95 5.26 3.39
C SER A 343 5.95 5.23 3.39
N ALA A 344 5.83 5.50 4.69
CA ALA A 344 6.96 6.04 5.49
C ALA A 344 8.08 5.03 5.60
N GLY A 345 7.72 3.74 5.62
CA GLY A 345 8.68 2.67 5.72
C GLY A 345 9.52 2.54 4.46
N HIS A 346 8.86 2.55 3.30
CA HIS A 346 9.58 2.51 2.03
C HIS A 346 10.55 3.71 1.94
N ALA A 347 10.08 4.89 2.34
CA ALA A 347 10.93 6.09 2.36
C ALA A 347 12.09 5.95 3.35
N ALA A 348 11.80 5.42 4.53
CA ALA A 348 12.82 5.22 5.56
C ALA A 348 13.98 4.35 5.06
N LEU A 349 13.67 3.23 4.41
CA LEU A 349 14.71 2.30 3.98
C LEU A 349 15.43 2.70 2.69
N THR A 350 14.71 3.35 1.77
CA THR A 350 15.27 3.58 0.43
C THR A 350 15.79 4.99 0.21
N GLN A 351 15.27 5.96 0.96
CA GLN A 351 15.64 7.36 0.80
C GLN A 351 16.40 7.92 2.00
N ILE A 352 16.18 7.42 3.20
CA ILE A 352 16.75 8.09 4.36
C ILE A 352 17.87 7.27 4.97
N TYR A 353 17.52 6.12 5.52
CA TYR A 353 18.48 5.27 6.19
C TYR A 353 18.87 4.14 5.28
N THR A 354 19.69 4.49 4.29
CA THR A 354 20.24 3.56 3.34
C THR A 354 21.26 2.66 4.04
N ARG A 355 21.76 1.65 3.32
CA ARG A 355 22.79 0.79 3.90
C ARG A 355 24.03 1.57 4.28
N GLN A 356 24.47 2.49 3.40
CA GLN A 356 25.61 3.35 3.71
C GLN A 356 25.33 4.25 4.92
N ALA A 357 24.12 4.78 5.04
CA ALA A 357 23.77 5.63 6.18
C ALA A 357 23.84 4.83 7.48
N ALA A 358 23.47 3.55 7.44
CA ALA A 358 23.60 2.65 8.60
C ALA A 358 25.06 2.44 9.02
N SER A 359 25.93 2.14 8.05
N SER A 359 25.92 2.16 8.04
CA SER A 359 27.37 1.99 8.33
CA SER A 359 27.35 1.99 8.31
C SER A 359 27.90 3.28 8.95
C SER A 359 27.93 3.27 8.91
N ASP A 360 27.55 4.41 8.33
CA ASP A 360 28.02 5.74 8.79
C ASP A 360 27.55 6.07 10.21
N LEU A 361 26.28 5.83 10.49
CA LEU A 361 25.73 6.08 11.83
C LEU A 361 26.35 5.14 12.87
N SER A 362 26.53 3.89 12.50
CA SER A 362 27.18 2.94 13.42
C SER A 362 28.64 3.32 13.67
N ALA A 363 29.34 3.78 12.64
CA ALA A 363 30.71 4.23 12.84
C ALA A 363 30.77 5.46 13.76
N SER A 364 29.82 6.38 13.55
CA SER A 364 29.71 7.56 14.38
C SER A 364 29.41 7.17 15.85
N GLY A 365 28.52 6.20 16.02
CA GLY A 365 28.15 5.71 17.36
C GLY A 365 29.31 4.98 18.04
N ASP A 366 30.08 4.21 17.27
CA ASP A 366 31.26 3.52 17.80
C ASP A 366 32.32 4.49 18.32
N ARG A 367 32.51 5.60 17.61
CA ARG A 367 33.48 6.63 18.01
C ARG A 367 32.99 7.38 19.26
N PHE A 368 31.71 7.72 19.27
CA PHE A 368 31.01 8.26 20.44
C PHE A 368 31.21 7.39 21.68
N ARG A 369 30.81 6.12 21.60
CA ARG A 369 30.89 5.24 22.77
C ARG A 369 32.36 5.13 23.27
N ALA A 370 33.29 4.99 22.33
CA ALA A 370 34.73 4.94 22.66
C ALA A 370 35.18 6.20 23.39
N ASN A 371 34.72 7.36 22.96
CA ASN A 371 35.01 8.61 23.65
C ASN A 371 34.45 8.67 25.06
N LEU A 372 33.21 8.20 25.23
CA LEU A 372 32.60 8.12 26.56
C LEU A 372 33.39 7.19 27.51
N ASN A 373 33.81 6.03 27.00
CA ASN A 373 34.60 5.11 27.80
C ASN A 373 36.00 5.64 28.11
N ARG A 374 36.58 6.38 27.16
CA ARG A 374 37.87 7.04 27.36
C ARG A 374 37.79 8.04 28.53
N ILE A 375 36.70 8.82 28.55
CA ILE A 375 36.42 9.78 29.64
C ILE A 375 36.31 9.09 31.00
N ALA A 376 35.62 7.95 31.04
CA ALA A 376 35.52 7.11 32.25
C ALA A 376 36.90 6.64 32.72
N VAL A 377 37.66 6.04 31.80
CA VAL A 377 38.97 5.46 32.09
C VAL A 377 39.95 6.51 32.62
N GLU A 378 39.95 7.70 31.99
CA GLU A 378 40.89 8.77 32.35
C GLU A 378 40.63 9.38 33.72
N ASN A 379 39.37 9.37 34.12
CA ASN A 379 38.95 9.82 35.43
C ASN A 379 38.88 8.67 36.45
N GLN A 380 39.24 7.47 36.01
CA GLN A 380 39.24 6.27 36.84
C GLN A 380 37.85 6.01 37.45
N ALA A 381 36.80 6.34 36.69
CA ALA A 381 35.41 6.21 37.14
C ALA A 381 34.93 4.77 37.05
N PRO A 382 34.13 4.31 38.04
CA PRO A 382 33.61 2.95 38.01
C PRO A 382 32.34 2.87 37.14
N LEU A 383 32.50 3.20 35.86
CA LEU A 383 31.39 3.18 34.90
C LEU A 383 31.91 2.89 33.50
N GLN A 384 31.06 2.28 32.68
CA GLN A 384 31.36 2.02 31.29
C GLN A 384 30.07 2.19 30.47
N PHE A 385 30.22 2.35 29.16
CA PHE A 385 29.08 2.27 28.24
C PHE A 385 29.26 1.03 27.39
N THR A 386 28.24 0.16 27.36
CA THR A 386 28.23 -1.03 26.53
C THR A 386 27.31 -0.85 25.33
N GLY A 387 27.55 -1.61 24.26
CA GLY A 387 26.67 -1.55 23.09
C GLY A 387 27.41 -1.71 21.77
N LEU A 388 26.72 -1.37 20.68
CA LEU A 388 27.23 -1.52 19.32
C LEU A 388 26.74 -0.37 18.48
N GLY A 389 27.57 0.07 17.53
CA GLY A 389 27.19 1.19 16.69
C GLY A 389 26.56 2.35 17.45
N SER A 390 25.36 2.74 17.04
CA SER A 390 24.65 3.91 17.60
C SER A 390 23.82 3.65 18.88
N LEU A 391 23.99 2.49 19.48
CA LEU A 391 23.20 2.11 20.67
C LEU A 391 24.15 1.91 21.82
N GLY A 392 23.79 2.40 22.99
CA GLY A 392 24.64 2.18 24.16
C GLY A 392 23.92 2.44 25.45
N THR A 393 24.45 1.85 26.53
CA THR A 393 23.87 1.99 27.86
C THR A 393 24.98 2.10 28.90
N ILE A 394 24.82 3.05 29.83
CA ILE A 394 25.73 3.16 30.96
C ILE A 394 25.48 2.04 31.99
N HIS A 395 26.56 1.52 32.55
CA HIS A 395 26.53 0.56 33.64
C HIS A 395 27.58 0.97 34.64
N PHE A 396 27.15 1.13 35.88
CA PHE A 396 28.08 1.50 36.97
C PHE A 396 28.76 0.27 37.57
N SER A 397 29.74 -0.23 36.82
CA SER A 397 30.52 -1.43 37.14
C SER A 397 31.81 -1.40 36.35
N ARG A 398 32.85 -2.04 36.90
CA ARG A 398 34.17 -2.15 36.24
C ARG A 398 34.31 -3.54 35.64
N ALA A 399 33.38 -4.42 35.97
CA ALA A 399 33.38 -5.80 35.48
C ALA A 399 33.00 -5.88 34.00
N PRO A 400 33.40 -6.95 33.30
CA PRO A 400 32.85 -7.20 31.98
C PRO A 400 31.33 -7.40 32.08
N ILE A 401 30.59 -6.75 31.18
CA ILE A 401 29.15 -6.87 31.13
C ILE A 401 28.82 -7.86 30.01
N ARG A 402 28.49 -9.09 30.41
CA ARG A 402 28.30 -10.21 29.47
C ARG A 402 26.92 -10.87 29.53
N SER A 403 26.26 -10.75 30.69
CA SER A 403 24.94 -11.36 30.91
C SER A 403 24.04 -10.46 31.74
N ALA A 404 22.78 -10.86 31.93
CA ALA A 404 21.84 -10.10 32.77
C ALA A 404 22.33 -9.93 34.22
N GLY A 405 22.91 -10.99 34.77
CA GLY A 405 23.56 -10.96 36.09
C GLY A 405 24.55 -9.82 36.26
N ASP A 406 25.39 -9.61 35.25
CA ASP A 406 26.35 -8.50 35.26
C ASP A 406 25.66 -7.13 35.27
N VAL A 407 24.60 -7.00 34.47
CA VAL A 407 23.82 -5.75 34.42
C VAL A 407 23.15 -5.47 35.78
N ARG A 408 22.56 -6.51 36.37
CA ARG A 408 21.85 -6.36 37.64
C ARG A 408 22.81 -6.11 38.80
N ALA A 409 24.04 -6.65 38.71
CA ALA A 409 25.09 -6.41 39.73
C ALA A 409 25.64 -4.98 39.72
N ALA A 410 25.51 -4.29 38.60
CA ALA A 410 26.02 -2.92 38.51
C ALA A 410 25.15 -2.00 39.40
N ASP A 411 25.70 -0.85 39.77
CA ASP A 411 25.06 0.04 40.74
C ASP A 411 23.83 0.72 40.13
N GLN A 412 22.65 0.35 40.63
CA GLN A 412 21.39 0.88 40.11
C GLN A 412 21.06 2.28 40.63
N GLN A 413 21.50 2.60 41.84
CA GLN A 413 21.26 3.94 42.40
C GLN A 413 22.02 5.02 41.62
N LEU A 414 23.28 4.72 41.25
CA LEU A 414 24.06 5.71 40.50
C LEU A 414 23.48 5.93 39.11
N LYS A 415 22.90 4.87 38.54
CA LYS A 415 22.20 4.96 37.26
C LYS A 415 21.01 5.94 37.33
N GLU A 416 20.29 5.92 38.46
CA GLU A 416 19.17 6.84 38.67
C GLU A 416 19.67 8.28 38.79
N LEU A 417 20.73 8.46 39.57
CA LEU A 417 21.32 9.79 39.73
C LEU A 417 21.86 10.32 38.40
N PHE A 418 22.49 9.44 37.61
CA PHE A 418 22.94 9.79 36.26
C PHE A 418 21.79 10.37 35.41
N PHE A 419 20.63 9.72 35.44
CA PHE A 419 19.45 10.18 34.68
C PHE A 419 19.05 11.62 35.01
N PHE A 420 18.86 11.91 36.31
CA PHE A 420 18.49 13.26 36.72
C PHE A 420 19.57 14.29 36.44
N HIS A 421 20.84 13.92 36.62
CA HIS A 421 21.93 14.81 36.26
C HIS A 421 21.86 15.22 34.77
N MET A 422 21.72 14.23 33.90
CA MET A 422 21.69 14.49 32.47
C MET A 422 20.51 15.43 32.11
N LEU A 423 19.35 15.23 32.72
CA LEU A 423 18.20 16.13 32.53
C LEU A 423 18.52 17.58 32.85
N ARG A 424 19.19 17.80 33.98
CA ARG A 424 19.61 19.14 34.42
C ARG A 424 20.54 19.79 33.38
N LYS A 425 21.32 18.97 32.68
CA LYS A 425 22.23 19.46 31.65
C LYS A 425 21.57 19.56 30.26
N GLY A 426 20.24 19.41 30.21
CA GLY A 426 19.50 19.51 28.95
C GLY A 426 19.72 18.32 28.01
N ILE A 427 20.02 17.15 28.58
CA ILE A 427 20.24 15.92 27.82
C ILE A 427 19.18 14.91 28.26
N TYR A 428 18.38 14.43 27.31
CA TYR A 428 17.41 13.39 27.60
C TYR A 428 17.83 12.00 27.08
N LEU A 429 18.02 11.04 27.99
CA LEU A 429 18.22 9.65 27.62
C LEU A 429 17.30 8.80 28.47
N ALA A 430 17.25 7.49 28.22
CA ALA A 430 16.35 6.61 28.99
C ALA A 430 16.70 6.64 30.50
N PRO A 431 15.67 6.56 31.37
CA PRO A 431 15.94 6.33 32.81
C PRO A 431 16.95 5.21 33.10
N ARG A 432 16.85 4.11 32.35
CA ARG A 432 17.76 2.96 32.48
C ARG A 432 19.15 3.18 31.86
N GLY A 433 19.40 4.38 31.33
CA GLY A 433 20.74 4.80 30.88
C GLY A 433 21.07 4.48 29.43
N MET A 434 20.04 4.20 28.64
CA MET A 434 20.24 3.88 27.23
C MET A 434 20.13 5.15 26.39
N TYR A 435 21.07 5.30 25.46
CA TYR A 435 20.92 6.25 24.35
C TYR A 435 20.80 5.46 23.02
N ALA A 436 20.13 6.06 22.04
CA ALA A 436 19.99 5.48 20.71
C ALA A 436 20.09 6.65 19.73
N LEU A 437 21.29 6.85 19.16
CA LEU A 437 21.57 8.02 18.33
C LEU A 437 20.67 8.07 17.10
N SER A 438 19.97 9.19 16.94
CA SER A 438 19.17 9.47 15.73
C SER A 438 20.08 10.04 14.65
N LEU A 439 19.56 10.12 13.42
CA LEU A 439 20.24 10.77 12.32
C LEU A 439 20.37 12.30 12.52
N GLU A 440 19.61 12.84 13.46
CA GLU A 440 19.62 14.28 13.69
C GLU A 440 20.60 14.74 14.78
N ILE A 441 21.21 13.81 15.51
CA ILE A 441 22.24 14.15 16.52
C ILE A 441 23.51 14.63 15.79
N ALA A 442 23.96 15.83 16.13
CA ALA A 442 25.16 16.40 15.53
C ALA A 442 26.27 16.61 16.56
N ASP A 443 27.39 17.20 16.13
CA ASP A 443 28.57 17.38 16.99
C ASP A 443 28.26 18.08 18.29
N ALA A 444 27.48 19.15 18.23
CA ALA A 444 27.13 19.93 19.42
C ALA A 444 26.46 19.05 20.48
N GLY A 445 25.53 18.21 20.05
CA GLY A 445 24.81 17.33 20.98
C GLY A 445 25.71 16.28 21.60
N ARG A 446 26.54 15.65 20.77
CA ARG A 446 27.48 14.64 21.24
C ARG A 446 28.52 15.24 22.17
N ASP A 447 28.94 16.47 21.87
CA ASP A 447 29.89 17.20 22.74
C ASP A 447 29.26 17.50 24.08
N ALA A 448 28.04 18.05 24.06
CA ALA A 448 27.31 18.32 25.29
C ALA A 448 27.12 17.06 26.16
N PHE A 449 26.72 15.94 25.54
CA PHE A 449 26.64 14.66 26.25
C PHE A 449 27.96 14.29 26.95
N ALA A 450 29.07 14.34 26.20
CA ALA A 450 30.39 14.02 26.74
C ALA A 450 30.80 14.95 27.89
N GLU A 451 30.54 16.24 27.73
CA GLU A 451 30.81 17.23 28.77
C GLU A 451 29.98 16.98 30.02
N ALA A 452 28.70 16.66 29.83
CA ALA A 452 27.78 16.36 30.93
C ALA A 452 28.22 15.13 31.72
N LEU A 453 28.74 14.12 31.01
CA LEU A 453 29.32 12.94 31.64
C LEU A 453 30.50 13.35 32.55
N ALA A 454 31.41 14.14 32.01
CA ALA A 454 32.55 14.65 32.78
C ALA A 454 32.11 15.41 34.03
N ASP A 455 31.10 16.28 33.87
CA ASP A 455 30.54 17.02 35.00
C ASP A 455 29.93 16.09 36.04
N PHE A 456 29.31 15.00 35.58
CA PHE A 456 28.72 14.03 36.52
C PHE A 456 29.82 13.43 37.37
N ILE A 457 30.89 12.97 36.71
CA ILE A 457 32.03 12.34 37.36
C ILE A 457 32.67 13.26 38.42
N GLY A 458 32.80 14.54 38.07
CA GLY A 458 33.33 15.56 38.99
C GLY A 458 32.38 15.89 40.12
N GLU A 459 31.13 16.19 39.79
CA GLU A 459 30.15 16.58 40.79
C GLU A 459 29.79 15.44 41.76
N GLN A 460 29.90 14.20 41.30
CA GLN A 460 29.51 13.04 42.13
C GLN A 460 30.68 12.16 42.55
N ARG A 461 31.87 12.75 42.58
CA ARG A 461 33.10 12.04 42.94
C ARG A 461 32.98 11.29 44.28
N ALA A 462 32.40 11.95 45.28
CA ALA A 462 32.20 11.34 46.61
C ALA A 462 31.45 10.00 46.58
N LEU A 463 30.43 9.92 45.73
CA LEU A 463 29.64 8.69 45.62
C LEU A 463 30.22 7.67 44.64
N LEU A 464 31.35 8.01 44.02
CA LEU A 464 31.95 7.14 43.02
C LEU A 464 33.23 6.48 43.53
N THR B 36 -22.65 -28.31 -5.72
CA THR B 36 -22.98 -28.87 -7.07
C THR B 36 -22.01 -28.42 -8.15
N ALA B 37 -22.03 -29.19 -9.23
CA ALA B 37 -21.27 -28.90 -10.44
C ALA B 37 -21.72 -27.59 -11.08
N GLU B 38 -23.03 -27.34 -11.07
CA GLU B 38 -23.60 -26.14 -11.70
C GLU B 38 -23.04 -24.87 -11.08
N LYS B 39 -23.03 -24.82 -9.75
CA LYS B 39 -22.48 -23.68 -9.02
C LYS B 39 -20.96 -23.55 -9.18
N ALA B 40 -20.25 -24.67 -9.19
CA ALA B 40 -18.81 -24.71 -9.43
C ALA B 40 -18.43 -24.07 -10.76
N GLN B 41 -19.23 -24.35 -11.79
CA GLN B 41 -19.03 -23.77 -13.12
C GLN B 41 -19.36 -22.28 -13.14
N ALA B 42 -20.37 -21.88 -12.37
CA ALA B 42 -20.72 -20.48 -12.27
C ALA B 42 -19.56 -19.69 -11.60
N ILE B 43 -18.93 -20.31 -10.60
CA ILE B 43 -17.78 -19.72 -9.92
C ILE B 43 -16.56 -19.67 -10.85
N ALA B 44 -16.30 -20.79 -11.56
CA ALA B 44 -15.23 -20.79 -12.56
C ALA B 44 -15.40 -19.63 -13.55
N ALA B 45 -16.62 -19.45 -14.06
CA ALA B 45 -16.93 -18.32 -14.96
C ALA B 45 -16.74 -16.93 -14.32
N ALA B 46 -17.16 -16.79 -13.06
CA ALA B 46 -17.06 -15.50 -12.37
C ALA B 46 -15.58 -15.18 -12.10
N ARG B 47 -14.80 -16.19 -11.71
CA ARG B 47 -13.38 -15.99 -11.48
C ARG B 47 -12.66 -15.55 -12.76
N ASN B 48 -12.97 -16.22 -13.87
N ASN B 48 -12.97 -16.22 -13.88
CA ASN B 48 -12.40 -15.86 -15.17
CA ASN B 48 -12.40 -15.88 -15.17
C ASN B 48 -12.76 -14.45 -15.62
C ASN B 48 -12.76 -14.46 -15.63
N THR B 49 -14.02 -14.08 -15.43
CA THR B 49 -14.51 -12.72 -15.75
C THR B 49 -13.78 -11.65 -14.94
N PHE B 50 -13.67 -11.89 -13.62
CA PHE B 50 -12.86 -11.05 -12.74
C PHE B 50 -11.41 -10.95 -13.24
N ALA B 51 -10.81 -12.09 -13.60
CA ALA B 51 -9.42 -12.10 -14.07
C ALA B 51 -9.28 -11.29 -15.38
N ARG B 52 -10.20 -11.47 -16.32
CA ARG B 52 -10.24 -10.69 -17.58
C ARG B 52 -10.49 -9.20 -17.37
N ASP B 53 -11.31 -8.87 -16.36
CA ASP B 53 -11.55 -7.48 -16.03
C ASP B 53 -10.32 -6.80 -15.41
N ASN B 54 -9.48 -7.58 -14.72
CA ASN B 54 -8.44 -7.04 -13.85
C ASN B 54 -6.99 -7.49 -14.12
N PRO B 55 -6.53 -7.44 -15.39
CA PRO B 55 -5.17 -7.91 -15.68
C PRO B 55 -4.03 -7.09 -15.03
N VAL B 56 -4.26 -5.82 -14.71
CA VAL B 56 -3.25 -5.01 -14.01
C VAL B 56 -3.13 -5.48 -12.56
N SER B 57 -4.26 -5.72 -11.87
CA SER B 57 -4.20 -6.37 -10.55
C SER B 57 -3.49 -7.73 -10.64
N ALA B 58 -3.74 -8.48 -11.71
CA ALA B 58 -3.07 -9.78 -11.91
C ALA B 58 -1.54 -9.64 -11.97
N GLY B 59 -1.05 -8.63 -12.69
CA GLY B 59 0.39 -8.38 -12.77
C GLY B 59 0.98 -8.01 -11.42
N HIS B 60 0.28 -7.14 -10.68
CA HIS B 60 0.69 -6.77 -9.31
C HIS B 60 0.84 -8.02 -8.40
N HIS B 61 -0.10 -8.97 -8.52
CA HIS B 61 -0.07 -10.19 -7.71
C HIS B 61 1.20 -11.00 -8.03
N GLU B 62 1.49 -11.15 -9.33
CA GLU B 62 2.66 -11.93 -9.73
C GLU B 62 3.94 -11.32 -9.18
N ARG B 63 4.04 -9.98 -9.21
CA ARG B 63 5.17 -9.30 -8.56
C ARG B 63 5.15 -9.40 -7.02
N ALA B 64 3.97 -9.25 -6.41
CA ALA B 64 3.90 -9.28 -4.95
C ALA B 64 4.38 -10.63 -4.38
N ARG B 65 4.21 -11.70 -5.17
CA ARG B 65 4.64 -13.04 -4.74
C ARG B 65 6.14 -13.16 -4.53
N ARG B 66 6.91 -12.22 -5.07
CA ARG B 66 8.38 -12.24 -4.93
C ARG B 66 8.87 -11.87 -3.53
N SER B 67 8.10 -11.06 -2.80
CA SER B 67 8.55 -10.50 -1.52
C SER B 67 7.70 -10.91 -0.31
N MET B 68 6.47 -11.33 -0.55
CA MET B 68 5.55 -11.77 0.52
C MET B 68 4.96 -13.12 0.16
N PRO B 69 4.70 -13.98 1.17
CA PRO B 69 4.13 -15.30 0.90
C PRO B 69 2.81 -15.17 0.15
N GLY B 70 2.71 -15.79 -1.01
CA GLY B 70 1.52 -15.65 -1.87
C GLY B 70 1.15 -14.21 -2.17
N GLY B 71 2.12 -13.30 -2.09
CA GLY B 71 1.88 -11.87 -2.34
C GLY B 71 1.02 -11.19 -1.28
N ASN B 72 1.06 -11.73 -0.07
CA ASN B 72 0.08 -11.39 0.98
C ASN B 72 0.74 -11.06 2.31
N THR B 73 0.23 -10.03 3.00
CA THR B 73 0.69 -9.72 4.37
C THR B 73 -0.46 -9.59 5.41
N ARG B 74 -1.66 -9.92 4.97
CA ARG B 74 -2.87 -9.82 5.78
C ARG B 74 -3.83 -10.81 5.15
N SER B 75 -3.90 -12.00 5.75
CA SER B 75 -4.58 -13.15 5.12
C SER B 75 -6.00 -12.89 4.58
N ILE B 76 -6.77 -12.09 5.33
CA ILE B 76 -8.17 -11.80 5.01
C ILE B 76 -8.33 -11.06 3.67
N LEU B 77 -7.29 -10.34 3.24
CA LEU B 77 -7.31 -9.67 1.94
C LEU B 77 -7.23 -10.60 0.74
N PHE B 78 -6.69 -11.80 0.93
CA PHE B 78 -6.58 -12.72 -0.20
C PHE B 78 -7.93 -13.33 -0.59
N HIS B 79 -8.19 -13.37 -1.90
CA HIS B 79 -9.20 -14.27 -2.48
C HIS B 79 -8.74 -14.70 -3.87
N ARG B 80 -9.28 -15.82 -4.33
CA ARG B 80 -9.05 -16.28 -5.71
C ARG B 80 -9.79 -15.42 -6.72
N PRO B 81 -9.27 -15.35 -7.95
CA PRO B 81 -8.00 -15.94 -8.40
C PRO B 81 -6.80 -15.13 -7.91
N PHE B 82 -7.05 -13.88 -7.54
CA PHE B 82 -6.07 -12.98 -6.92
C PHE B 82 -6.88 -11.79 -6.39
N PRO B 83 -6.33 -11.04 -5.41
CA PRO B 83 -7.03 -9.85 -4.92
C PRO B 83 -6.93 -8.62 -5.84
N LEU B 84 -7.93 -7.74 -5.70
CA LEU B 84 -7.89 -6.43 -6.35
C LEU B 84 -6.83 -5.61 -5.67
N VAL B 85 -6.04 -4.88 -6.44
CA VAL B 85 -5.15 -3.90 -5.85
C VAL B 85 -5.79 -2.53 -6.05
N ILE B 86 -5.90 -1.74 -4.99
CA ILE B 86 -6.46 -0.43 -5.25
C ILE B 86 -5.39 0.64 -5.39
N ALA B 87 -5.74 1.67 -6.15
CA ALA B 87 -4.82 2.72 -6.48
C ALA B 87 -5.00 3.92 -5.56
N GLN B 88 -6.26 4.28 -5.29
CA GLN B 88 -6.56 5.53 -4.60
C GLN B 88 -8.04 5.57 -4.17
N GLY B 89 -8.32 6.34 -3.13
CA GLY B 89 -9.70 6.55 -2.71
C GLY B 89 -9.95 7.89 -2.09
N THR B 90 -11.21 8.31 -2.21
CA THR B 90 -11.69 9.58 -1.67
C THR B 90 -13.09 9.28 -1.10
N GLY B 91 -13.35 9.75 0.12
CA GLY B 91 -14.66 9.60 0.76
C GLY B 91 -15.01 8.14 0.85
N SER B 92 -16.18 7.77 0.33
CA SER B 92 -16.63 6.38 0.38
C SER B 92 -16.25 5.60 -0.87
N ARG B 93 -15.51 6.23 -1.77
CA ARG B 93 -15.18 5.60 -3.05
C ARG B 93 -13.70 5.31 -3.23
N PHE B 94 -13.42 4.24 -3.94
CA PHE B 94 -12.06 3.95 -4.38
C PHE B 94 -11.99 3.39 -5.79
N GLN B 95 -10.80 3.43 -6.37
CA GLN B 95 -10.58 2.93 -7.72
C GLN B 95 -9.46 1.88 -7.69
N ASP B 96 -9.62 0.79 -8.43
CA ASP B 96 -8.56 -0.23 -8.51
C ASP B 96 -7.51 0.15 -9.56
N VAL B 97 -6.45 -0.64 -9.67
CA VAL B 97 -5.32 -0.30 -10.58
C VAL B 97 -5.68 -0.44 -12.08
N ASP B 98 -6.77 -1.15 -12.39
CA ASP B 98 -7.29 -1.21 -13.75
C ASP B 98 -8.17 -0.02 -14.09
N GLY B 99 -8.43 0.85 -13.12
CA GLY B 99 -9.29 2.02 -13.31
C GLY B 99 -10.75 1.89 -12.87
N HIS B 100 -11.17 0.70 -12.41
CA HIS B 100 -12.61 0.53 -12.04
C HIS B 100 -12.91 1.23 -10.75
N ALA B 101 -14.08 1.89 -10.66
CA ALA B 101 -14.46 2.59 -9.42
C ALA B 101 -15.48 1.78 -8.63
N TYR B 102 -15.46 1.90 -7.29
CA TYR B 102 -16.39 1.15 -6.41
C TYR B 102 -16.82 2.02 -5.24
N VAL B 103 -17.98 1.74 -4.65
CA VAL B 103 -18.31 2.25 -3.35
C VAL B 103 -17.80 1.22 -2.36
N ASN B 104 -17.06 1.69 -1.37
CA ASN B 104 -16.44 0.83 -0.36
C ASN B 104 -17.38 0.57 0.80
N PHE B 105 -18.10 -0.56 0.72
CA PHE B 105 -19.00 -0.97 1.81
C PHE B 105 -18.27 -1.80 2.87
N LEU B 106 -17.01 -2.11 2.62
CA LEU B 106 -16.21 -2.88 3.57
C LEU B 106 -15.70 -2.04 4.74
N GLY B 107 -15.18 -0.84 4.46
CA GLY B 107 -14.81 0.11 5.50
C GLY B 107 -13.78 -0.45 6.46
N GLU B 108 -12.75 -1.07 5.87
CA GLU B 108 -11.58 -1.57 6.57
C GLU B 108 -11.96 -2.54 7.71
N TYR B 109 -12.81 -3.52 7.36
CA TYR B 109 -13.38 -4.45 8.35
C TYR B 109 -13.75 -3.75 9.65
N THR B 110 -14.45 -2.65 9.48
CA THR B 110 -15.03 -1.83 10.53
C THR B 110 -14.15 -0.72 11.13
N ALA B 111 -12.86 -0.69 10.78
CA ALA B 111 -11.95 0.37 11.24
C ALA B 111 -12.15 1.66 10.47
N GLY B 112 -12.65 1.52 9.24
CA GLY B 112 -12.64 2.62 8.26
C GLY B 112 -13.97 3.33 8.29
N LEU B 113 -14.30 3.83 9.47
CA LEU B 113 -15.56 4.52 9.74
C LEU B 113 -15.66 5.92 9.11
N PHE B 114 -14.51 6.47 8.69
CA PHE B 114 -14.38 7.89 8.36
C PHE B 114 -14.20 8.11 6.87
N GLY B 115 -14.27 7.01 6.10
CA GLY B 115 -13.98 7.03 4.66
C GLY B 115 -12.49 7.22 4.43
N HIS B 116 -12.09 7.50 3.20
CA HIS B 116 -10.68 7.48 2.83
C HIS B 116 -9.93 8.81 3.02
N SER B 117 -10.67 9.88 3.34
CA SER B 117 -10.10 11.24 3.29
C SER B 117 -10.86 12.23 4.19
N HIS B 118 -11.12 11.82 5.42
CA HIS B 118 -11.92 12.66 6.30
C HIS B 118 -11.13 13.90 6.69
N PRO B 119 -11.73 15.09 6.47
CA PRO B 119 -10.97 16.32 6.78
C PRO B 119 -10.64 16.50 8.26
N VAL B 120 -11.49 16.01 9.17
CA VAL B 120 -11.17 16.12 10.59
C VAL B 120 -9.97 15.21 10.98
N ILE B 121 -9.97 13.98 10.47
CA ILE B 121 -8.83 13.04 10.64
C ILE B 121 -7.56 13.69 10.05
N ARG B 122 -7.68 14.20 8.82
CA ARG B 122 -6.55 14.85 8.17
C ARG B 122 -5.99 15.99 9.03
N ALA B 123 -6.87 16.81 9.61
CA ALA B 123 -6.47 17.91 10.50
C ALA B 123 -5.76 17.41 11.76
N ALA B 124 -6.24 16.31 12.34
CA ALA B 124 -5.60 15.69 13.49
C ALA B 124 -4.18 15.21 13.11
N VAL B 125 -4.04 14.64 11.93
CA VAL B 125 -2.71 14.23 11.45
C VAL B 125 -1.77 15.43 11.29
N GLU B 126 -2.29 16.52 10.73
CA GLU B 126 -1.49 17.73 10.57
C GLU B 126 -1.06 18.31 11.93
N ARG B 127 -1.99 18.30 12.91
CA ARG B 127 -1.71 18.82 14.27
C ARG B 127 -0.65 17.94 14.94
N ALA B 128 -0.72 16.63 14.76
CA ALA B 128 0.28 15.69 15.31
C ALA B 128 1.70 15.93 14.77
N LEU B 129 1.81 16.13 13.45
CA LEU B 129 3.08 16.45 12.80
C LEU B 129 3.68 17.76 13.30
N ALA B 130 2.79 18.71 13.65
CA ALA B 130 3.22 19.99 14.22
C ALA B 130 3.72 19.82 15.65
N VAL B 131 3.10 18.90 16.40
CA VAL B 131 3.56 18.57 17.75
C VAL B 131 4.95 17.91 17.71
N GLY B 132 5.11 16.94 16.80
CA GLY B 132 6.36 16.22 16.64
C GLY B 132 6.12 14.72 16.69
N LEU B 133 6.90 13.99 15.92
CA LEU B 133 6.76 12.53 15.86
C LEU B 133 7.78 11.86 16.78
N ASN B 134 7.44 10.65 17.24
CA ASN B 134 8.36 9.83 18.03
C ASN B 134 8.91 10.60 19.23
N LEU B 135 8.02 11.28 19.97
CA LEU B 135 8.45 12.22 21.00
C LEU B 135 9.12 11.57 22.21
N SER B 136 9.06 10.23 22.29
CA SER B 136 9.92 9.46 23.22
C SER B 136 9.55 9.66 24.69
N THR B 137 8.41 10.30 24.93
CA THR B 137 8.01 10.68 26.28
C THR B 137 6.51 10.57 26.47
N GLN B 138 6.09 10.76 27.71
CA GLN B 138 4.69 10.94 28.07
C GLN B 138 4.14 12.18 27.36
N THR B 139 2.93 12.06 26.84
CA THR B 139 2.29 13.15 26.11
C THR B 139 1.01 13.58 26.84
N GLU B 140 0.53 14.79 26.56
CA GLU B 140 -0.80 15.19 27.00
C GLU B 140 -1.93 14.44 26.25
N ASN B 141 -1.74 14.26 24.95
CA ASN B 141 -2.79 13.70 24.10
C ASN B 141 -3.22 12.29 24.49
N GLU B 142 -2.28 11.46 24.94
CA GLU B 142 -2.63 10.12 25.38
C GLU B 142 -3.65 10.14 26.54
N ALA B 143 -3.50 11.09 27.47
CA ALA B 143 -4.43 11.21 28.60
C ALA B 143 -5.80 11.74 28.17
N LEU B 144 -5.81 12.72 27.27
CA LEU B 144 -7.06 13.24 26.70
C LEU B 144 -7.84 12.17 25.94
N PHE B 145 -7.11 11.34 25.18
CA PHE B 145 -7.70 10.22 24.44
C PHE B 145 -8.27 9.21 25.46
N ALA B 146 -7.50 8.91 26.49
CA ALA B 146 -7.93 7.98 27.54
C ALA B 146 -9.20 8.46 28.24
N GLU B 147 -9.25 9.75 28.56
CA GLU B 147 -10.43 10.35 29.18
C GLU B 147 -11.66 10.17 28.31
N ALA B 148 -11.52 10.44 27.01
CA ALA B 148 -12.61 10.22 26.05
C ALA B 148 -13.08 8.76 25.99
N VAL B 149 -12.11 7.83 26.04
CA VAL B 149 -12.42 6.41 26.05
C VAL B 149 -13.20 6.00 27.32
N CYS B 150 -12.65 6.31 28.50
CA CYS B 150 -13.31 6.00 29.78
C CYS B 150 -14.69 6.67 29.91
N ASP B 151 -14.80 7.91 29.46
CA ASP B 151 -16.12 8.61 29.40
C ASP B 151 -17.18 7.87 28.56
N ARG B 152 -16.78 7.40 27.37
CA ARG B 152 -17.69 6.69 26.45
C ARG B 152 -18.18 5.33 26.91
N PHE B 153 -17.27 4.51 27.44
CA PHE B 153 -17.57 3.11 27.71
C PHE B 153 -17.84 2.83 29.20
N PRO B 154 -19.06 2.39 29.53
CA PRO B 154 -19.52 2.44 30.92
C PRO B 154 -18.87 1.43 31.89
N SER B 155 -18.24 0.38 31.36
CA SER B 155 -17.55 -0.59 32.21
C SER B 155 -16.02 -0.43 32.18
N ILE B 156 -15.54 0.59 31.47
CA ILE B 156 -14.12 0.94 31.43
C ILE B 156 -13.79 2.11 32.38
N ASP B 157 -13.26 1.77 33.54
CA ASP B 157 -12.89 2.74 34.57
C ASP B 157 -11.51 3.32 34.25
N LEU B 158 -10.61 2.46 33.78
CA LEU B 158 -9.26 2.85 33.36
C LEU B 158 -8.91 2.09 32.09
N VAL B 159 -8.04 2.65 31.26
CA VAL B 159 -7.71 2.01 29.97
C VAL B 159 -6.21 2.07 29.68
N ARG B 160 -5.72 1.12 28.89
CA ARG B 160 -4.39 1.17 28.29
C ARG B 160 -4.49 0.94 26.77
N PHE B 161 -3.71 1.69 26.01
CA PHE B 161 -3.68 1.52 24.56
C PHE B 161 -2.63 0.49 24.13
N THR B 162 -2.99 -0.25 23.09
CA THR B 162 -2.08 -1.17 22.42
C THR B 162 -2.02 -0.74 20.95
N ASN B 163 -1.38 -1.57 20.12
CA ASN B 163 -1.21 -1.24 18.72
C ASN B 163 -2.14 -2.04 17.80
N SER B 164 -3.06 -2.81 18.39
CA SER B 164 -3.98 -3.66 17.63
C SER B 164 -4.98 -4.30 18.56
N GLY B 165 -6.09 -4.79 18.02
CA GLY B 165 -7.02 -5.64 18.79
C GLY B 165 -6.40 -6.94 19.26
N THR B 166 -5.48 -7.49 18.45
CA THR B 166 -4.75 -8.73 18.78
C THR B 166 -4.00 -8.52 20.10
N GLU B 167 -3.22 -7.45 20.17
CA GLU B 167 -2.50 -7.10 21.39
C GLU B 167 -3.46 -6.86 22.58
N ALA B 168 -4.55 -6.13 22.32
CA ALA B 168 -5.54 -5.83 23.37
C ALA B 168 -6.07 -7.11 24.02
N ASN B 169 -6.53 -8.05 23.20
CA ASN B 169 -7.00 -9.35 23.69
C ASN B 169 -5.93 -10.20 24.38
N LEU B 170 -4.70 -10.17 23.85
CA LEU B 170 -3.61 -10.90 24.49
C LEU B 170 -3.33 -10.33 25.88
N MET B 171 -3.33 -9.01 26.01
CA MET B 171 -3.10 -8.36 27.29
C MET B 171 -4.25 -8.63 28.28
N ALA B 172 -5.47 -8.73 27.77
CA ALA B 172 -6.63 -9.00 28.61
C ALA B 172 -6.56 -10.43 29.17
N LEU B 173 -6.15 -11.37 28.32
CA LEU B 173 -5.83 -12.72 28.81
C LEU B 173 -4.63 -12.79 29.75
N ALA B 174 -3.57 -12.03 29.46
CA ALA B 174 -2.44 -11.93 30.40
C ALA B 174 -2.90 -11.46 31.79
N THR B 175 -3.77 -10.44 31.77
CA THR B 175 -4.38 -9.89 33.00
C THR B 175 -5.16 -10.96 33.74
N ALA B 176 -6.10 -11.61 33.06
CA ALA B 176 -6.96 -12.62 33.69
C ALA B 176 -6.15 -13.77 34.27
N THR B 177 -5.22 -14.30 33.48
CA THR B 177 -4.40 -15.44 33.92
C THR B 177 -3.46 -15.08 35.07
N ALA B 178 -2.80 -13.92 34.98
CA ALA B 178 -1.87 -13.49 36.02
C ALA B 178 -2.58 -13.20 37.33
N ILE B 179 -3.75 -12.55 37.27
CA ILE B 179 -4.49 -12.23 38.49
C ILE B 179 -5.07 -13.47 39.18
N THR B 180 -5.71 -14.35 38.40
CA THR B 180 -6.39 -15.49 38.98
C THR B 180 -5.44 -16.66 39.28
N GLY B 181 -4.29 -16.71 38.59
CA GLY B 181 -3.37 -17.86 38.71
C GLY B 181 -3.87 -19.11 38.00
N ARG B 182 -4.90 -18.96 37.18
CA ARG B 182 -5.52 -20.09 36.48
C ARG B 182 -5.12 -20.12 35.01
N LYS B 183 -5.21 -21.29 34.38
CA LYS B 183 -4.76 -21.46 32.99
C LYS B 183 -5.88 -21.54 31.93
N THR B 184 -7.07 -21.98 32.32
CA THR B 184 -8.13 -22.25 31.34
C THR B 184 -8.87 -21.00 30.85
N VAL B 185 -9.09 -20.97 29.55
CA VAL B 185 -9.83 -19.88 28.93
C VAL B 185 -10.97 -20.49 28.16
N LEU B 186 -12.19 -20.03 28.43
CA LEU B 186 -13.33 -20.47 27.65
C LEU B 186 -13.55 -19.46 26.52
N ALA B 187 -13.55 -19.95 25.29
CA ALA B 187 -13.90 -19.10 24.14
C ALA B 187 -14.89 -19.85 23.26
N PHE B 188 -15.23 -19.28 22.10
CA PHE B 188 -16.25 -19.90 21.26
C PHE B 188 -15.84 -20.14 19.82
N ASP B 189 -16.25 -21.29 19.30
CA ASP B 189 -15.97 -21.70 17.93
C ASP B 189 -16.63 -20.63 17.04
N GLY B 190 -15.89 -20.11 16.06
CA GLY B 190 -16.35 -18.97 15.26
C GLY B 190 -15.78 -17.66 15.75
N GLY B 191 -15.32 -17.63 17.01
CA GLY B 191 -14.81 -16.44 17.64
C GLY B 191 -13.50 -16.04 17.00
N TYR B 192 -13.27 -14.75 16.86
CA TYR B 192 -12.01 -14.27 16.30
C TYR B 192 -11.53 -13.12 17.15
N HIS B 193 -10.36 -13.28 17.74
CA HIS B 193 -9.83 -12.29 18.69
C HIS B 193 -8.43 -11.81 18.28
N GLY B 194 -8.07 -12.07 17.04
CA GLY B 194 -6.80 -11.56 16.51
C GLY B 194 -5.87 -12.66 16.04
N GLY B 195 -4.68 -12.23 15.62
CA GLY B 195 -3.66 -13.10 15.02
C GLY B 195 -3.25 -14.32 15.82
N LEU B 196 -3.23 -14.20 17.15
CA LEU B 196 -2.76 -15.29 18.01
C LEU B 196 -3.93 -15.96 18.75
N LEU B 197 -5.16 -15.50 18.46
CA LEU B 197 -6.38 -15.98 19.14
C LEU B 197 -7.52 -16.14 18.13
N ASN B 198 -7.25 -16.96 17.11
CA ASN B 198 -8.14 -17.16 15.98
C ASN B 198 -8.95 -18.45 16.13
N PHE B 199 -10.24 -18.35 16.41
CA PHE B 199 -11.05 -19.57 16.58
C PHE B 199 -12.13 -19.67 15.52
N ALA B 200 -11.90 -18.99 14.39
CA ALA B 200 -12.91 -18.89 13.35
C ALA B 200 -13.23 -20.25 12.70
N SER B 201 -12.22 -21.11 12.64
CA SER B 201 -12.38 -22.48 12.15
C SER B 201 -11.88 -23.45 13.20
N GLY B 202 -12.26 -23.22 14.46
CA GLY B 202 -11.72 -24.00 15.57
C GLY B 202 -10.32 -23.56 15.96
N HIS B 203 -9.56 -24.49 16.55
CA HIS B 203 -8.22 -24.18 17.03
C HIS B 203 -7.25 -24.00 15.86
N ALA B 204 -6.61 -22.85 15.76
CA ALA B 204 -5.61 -22.66 14.72
C ALA B 204 -4.25 -23.07 15.31
N PRO B 205 -3.41 -23.75 14.49
CA PRO B 205 -2.14 -24.28 15.00
C PRO B 205 -1.17 -23.17 15.40
N THR B 206 -1.43 -21.97 14.88
CA THR B 206 -0.63 -20.79 15.17
C THR B 206 -1.05 -20.01 16.43
N ASN B 207 -2.18 -20.37 17.05
CA ASN B 207 -2.63 -19.66 18.24
C ASN B 207 -1.63 -19.71 19.38
N ALA B 208 -1.51 -18.61 20.12
CA ALA B 208 -0.73 -18.61 21.36
C ALA B 208 -1.30 -19.74 22.25
N PRO B 209 -0.40 -20.52 22.89
CA PRO B 209 -0.83 -21.77 23.55
C PRO B 209 -1.51 -21.59 24.91
N TYR B 210 -2.45 -20.65 25.02
CA TYR B 210 -3.34 -20.61 26.17
C TYR B 210 -4.16 -21.90 26.18
N HIS B 211 -4.52 -22.39 27.37
CA HIS B 211 -5.34 -23.60 27.47
C HIS B 211 -6.81 -23.22 27.21
N VAL B 212 -7.19 -23.25 25.94
CA VAL B 212 -8.48 -22.74 25.50
C VAL B 212 -9.45 -23.91 25.30
N VAL B 213 -10.62 -23.82 25.94
CA VAL B 213 -11.74 -24.71 25.67
C VAL B 213 -12.76 -23.94 24.81
N LEU B 214 -13.19 -24.52 23.70
CA LEU B 214 -14.16 -23.85 22.81
C LEU B 214 -15.58 -24.37 22.99
N GLY B 215 -16.50 -23.47 23.31
CA GLY B 215 -17.91 -23.80 23.32
C GLY B 215 -18.53 -23.47 21.98
N VAL B 216 -19.82 -23.74 21.86
CA VAL B 216 -20.61 -23.32 20.69
C VAL B 216 -21.27 -22.00 21.01
N TYR B 217 -21.10 -21.02 20.12
CA TYR B 217 -21.71 -19.70 20.31
C TYR B 217 -23.23 -19.85 20.45
N ASN B 218 -23.80 -19.10 21.40
CA ASN B 218 -25.26 -19.10 21.69
C ASN B 218 -25.83 -20.40 22.28
N ASP B 219 -24.97 -21.34 22.64
CA ASP B 219 -25.42 -22.63 23.14
C ASP B 219 -25.38 -22.64 24.67
N VAL B 220 -26.54 -22.33 25.26
CA VAL B 220 -26.67 -22.27 26.72
C VAL B 220 -26.35 -23.61 27.41
N GLU B 221 -26.97 -24.68 26.93
CA GLU B 221 -26.87 -26.02 27.52
C GLU B 221 -25.43 -26.57 27.46
N GLY B 222 -24.81 -26.55 26.29
CA GLY B 222 -23.43 -27.05 26.13
C GLY B 222 -22.44 -26.22 26.93
N THR B 223 -22.62 -24.90 26.92
CA THR B 223 -21.71 -23.98 27.58
C THR B 223 -21.79 -24.08 29.11
N ALA B 224 -23.00 -24.24 29.66
CA ALA B 224 -23.14 -24.52 31.09
C ALA B 224 -22.38 -25.80 31.50
N ASP B 225 -22.55 -26.86 30.71
CA ASP B 225 -21.82 -28.11 30.90
C ASP B 225 -20.30 -27.90 30.93
N LEU B 226 -19.77 -27.15 29.96
CA LEU B 226 -18.33 -26.85 29.91
C LEU B 226 -17.87 -26.08 31.15
N LEU B 227 -18.68 -25.13 31.60
CA LEU B 227 -18.35 -24.36 32.79
C LEU B 227 -18.39 -25.18 34.10
N LYS B 228 -19.28 -26.16 34.19
CA LYS B 228 -19.29 -27.11 35.31
C LYS B 228 -17.96 -27.89 35.33
N ARG B 229 -17.56 -28.38 34.17
CA ARG B 229 -16.32 -29.12 33.96
C ARG B 229 -15.06 -28.29 34.26
N HIS B 230 -15.03 -27.06 33.76
CA HIS B 230 -13.79 -26.26 33.76
C HIS B 230 -13.80 -25.00 34.63
N GLY B 231 -14.95 -24.67 35.22
CA GLY B 231 -15.11 -23.39 35.94
C GLY B 231 -14.09 -23.09 37.01
N HIS B 232 -13.68 -24.13 37.73
CA HIS B 232 -12.71 -24.03 38.80
C HIS B 232 -11.34 -23.57 38.29
N ASP B 233 -11.02 -23.93 37.07
CA ASP B 233 -9.75 -23.55 36.50
C ASP B 233 -9.88 -22.43 35.43
N CYS B 234 -11.00 -21.75 35.36
CA CYS B 234 -11.09 -20.76 34.31
CA CYS B 234 -11.22 -20.74 34.31
C CYS B 234 -10.75 -19.35 34.66
N ALA B 235 -9.66 -18.93 34.03
CA ALA B 235 -9.14 -17.59 34.24
C ALA B 235 -10.07 -16.55 33.62
N ALA B 236 -10.64 -16.88 32.46
CA ALA B 236 -11.44 -15.93 31.68
C ALA B 236 -12.45 -16.59 30.77
N ILE B 237 -13.52 -15.83 30.52
CA ILE B 237 -14.44 -16.13 29.43
C ILE B 237 -14.21 -14.99 28.45
N LEU B 238 -13.87 -15.36 27.22
CA LEU B 238 -13.56 -14.39 26.18
C LEU B 238 -14.58 -14.51 25.07
N VAL B 239 -15.32 -13.43 24.84
CA VAL B 239 -16.42 -13.54 23.92
C VAL B 239 -16.76 -12.20 23.25
N GLU B 240 -17.09 -12.28 21.96
CA GLU B 240 -17.63 -11.13 21.20
C GLU B 240 -19.14 -11.04 21.43
N PRO B 241 -19.68 -9.82 21.68
CA PRO B 241 -21.15 -9.69 21.79
C PRO B 241 -21.89 -9.94 20.48
N MET B 242 -21.15 -9.99 19.38
CA MET B 242 -21.65 -10.44 18.08
C MET B 242 -20.44 -11.05 17.34
N LEU B 243 -20.52 -12.28 16.86
CA LEU B 243 -19.40 -12.82 16.06
C LEU B 243 -19.21 -11.87 14.88
N GLY B 244 -17.98 -11.40 14.70
CA GLY B 244 -17.69 -10.40 13.68
C GLY B 244 -17.21 -11.10 12.43
N ALA B 245 -15.91 -11.43 12.41
CA ALA B 245 -15.35 -12.28 11.36
C ALA B 245 -16.14 -13.59 11.18
N GLY B 246 -16.71 -14.09 12.28
CA GLY B 246 -17.51 -15.33 12.25
C GLY B 246 -18.88 -15.21 11.58
N GLY B 247 -19.27 -14.00 11.19
CA GLY B 247 -20.45 -13.84 10.34
C GLY B 247 -21.54 -12.87 10.75
N CYS B 248 -21.19 -11.87 11.57
CA CYS B 248 -22.14 -10.91 12.15
C CYS B 248 -23.34 -11.65 12.77
N VAL B 249 -23.01 -12.55 13.69
CA VAL B 249 -23.99 -13.36 14.42
C VAL B 249 -24.20 -12.77 15.82
N PRO B 250 -25.34 -12.11 16.05
CA PRO B 250 -25.57 -11.51 17.38
C PRO B 250 -25.64 -12.54 18.51
N ALA B 251 -25.05 -12.18 19.65
CA ALA B 251 -25.19 -13.00 20.86
C ALA B 251 -26.59 -12.84 21.42
N GLU B 252 -27.19 -13.96 21.78
CA GLU B 252 -28.49 -13.95 22.44
C GLU B 252 -28.34 -13.60 23.91
N ARG B 253 -29.32 -12.85 24.41
CA ARG B 253 -29.37 -12.42 25.80
C ARG B 253 -29.10 -13.56 26.81
N ALA B 254 -29.78 -14.70 26.63
CA ALA B 254 -29.70 -15.87 27.52
C ALA B 254 -28.27 -16.41 27.59
N PHE B 255 -27.58 -16.40 26.45
CA PHE B 255 -26.18 -16.82 26.34
C PHE B 255 -25.28 -15.87 27.15
N LEU B 256 -25.40 -14.56 26.94
CA LEU B 256 -24.54 -13.61 27.67
C LEU B 256 -24.84 -13.56 29.17
N ASP B 257 -26.11 -13.76 29.53
CA ASP B 257 -26.48 -13.82 30.95
C ASP B 257 -25.82 -15.04 31.61
N LEU B 258 -25.84 -16.18 30.92
CA LEU B 258 -25.13 -17.36 31.42
C LEU B 258 -23.66 -17.08 31.69
N LEU B 259 -23.01 -16.44 30.72
CA LEU B 259 -21.58 -16.12 30.86
C LEU B 259 -21.28 -15.17 32.02
N ARG B 260 -22.07 -14.10 32.16
CA ARG B 260 -21.90 -13.15 33.27
C ARG B 260 -22.11 -13.83 34.65
N ALA B 261 -23.21 -14.57 34.79
CA ALA B 261 -23.50 -15.29 36.05
C ALA B 261 -22.42 -16.30 36.44
N GLU B 262 -22.00 -17.13 35.48
CA GLU B 262 -21.00 -18.17 35.70
C GLU B 262 -19.58 -17.64 35.93
N ALA B 263 -19.20 -16.59 35.21
CA ALA B 263 -17.91 -15.93 35.46
C ALA B 263 -17.86 -15.43 36.90
N SER B 264 -18.94 -14.76 37.33
CA SER B 264 -19.03 -14.28 38.72
C SER B 264 -18.97 -15.44 39.73
N ARG B 265 -19.69 -16.53 39.46
CA ARG B 265 -19.74 -17.68 40.37
C ARG B 265 -18.41 -18.41 40.53
N CYS B 266 -17.67 -18.61 39.44
N CYS B 266 -17.69 -18.60 39.43
CA CYS B 266 -16.44 -19.38 39.49
CA CYS B 266 -16.43 -19.36 39.41
C CYS B 266 -15.19 -18.52 39.69
C CYS B 266 -15.21 -18.51 39.78
N GLY B 267 -15.35 -17.20 39.63
CA GLY B 267 -14.23 -16.28 39.85
C GLY B 267 -13.40 -16.03 38.58
N ALA B 268 -13.96 -16.35 37.42
CA ALA B 268 -13.29 -16.07 36.13
C ALA B 268 -13.57 -14.62 35.70
N LEU B 269 -12.64 -14.01 34.97
CA LEU B 269 -12.93 -12.71 34.38
C LEU B 269 -13.73 -12.82 33.09
N LEU B 270 -14.85 -12.11 33.01
CA LEU B 270 -15.61 -12.00 31.77
C LEU B 270 -14.96 -10.92 30.91
N ILE B 271 -14.50 -11.30 29.72
CA ILE B 271 -13.89 -10.33 28.79
C ILE B 271 -14.79 -10.20 27.55
N PHE B 272 -15.37 -9.03 27.37
CA PHE B 272 -16.14 -8.74 26.16
C PHE B 272 -15.18 -8.17 25.13
N ASP B 273 -15.02 -8.89 24.01
CA ASP B 273 -14.18 -8.37 22.92
C ASP B 273 -15.08 -7.50 22.07
N GLU B 274 -15.00 -6.18 22.28
CA GLU B 274 -15.81 -5.23 21.52
C GLU B 274 -14.99 -4.53 20.45
N VAL B 275 -13.97 -5.22 19.95
CA VAL B 275 -13.09 -4.60 18.94
C VAL B 275 -13.93 -4.17 17.72
N MET B 276 -14.90 -4.99 17.36
CA MET B 276 -15.87 -4.62 16.35
C MET B 276 -17.14 -3.97 16.94
N THR B 277 -17.67 -4.55 18.01
CA THR B 277 -19.01 -4.16 18.50
C THR B 277 -19.10 -2.79 19.21
N SER B 278 -17.97 -2.20 19.57
CA SER B 278 -17.99 -0.94 20.31
C SER B 278 -18.68 0.20 19.57
N ARG B 279 -18.76 0.09 18.25
CA ARG B 279 -19.36 1.13 17.41
C ARG B 279 -20.88 1.19 17.52
N LEU B 280 -21.49 0.13 18.04
CA LEU B 280 -22.94 -0.06 17.89
C LEU B 280 -23.78 0.99 18.63
N SER B 281 -23.25 1.49 19.73
CA SER B 281 -23.76 2.68 20.38
C SER B 281 -22.58 3.46 20.95
N GLY B 282 -22.85 4.62 21.55
CA GLY B 282 -21.82 5.42 22.23
C GLY B 282 -20.98 4.62 23.23
N GLY B 283 -21.64 3.74 23.98
CA GLY B 283 -20.98 2.86 24.95
C GLY B 283 -20.95 1.40 24.56
N GLY B 284 -20.97 1.14 23.26
CA GLY B 284 -20.86 -0.20 22.68
C GLY B 284 -22.00 -1.15 23.01
N ALA B 285 -21.72 -2.45 23.00
CA ALA B 285 -22.78 -3.43 23.23
C ALA B 285 -23.20 -3.45 24.70
N GLN B 286 -22.24 -3.23 25.60
CA GLN B 286 -22.55 -3.25 27.03
C GLN B 286 -23.60 -2.23 27.45
N GLU B 287 -23.53 -1.04 26.84
CA GLU B 287 -24.54 -0.02 27.05
C GLU B 287 -25.93 -0.48 26.59
N MET B 288 -25.99 -1.11 25.43
CA MET B 288 -27.27 -1.59 24.87
C MET B 288 -27.82 -2.75 25.66
N LEU B 289 -26.93 -3.55 26.26
CA LEU B 289 -27.30 -4.78 26.93
C LEU B 289 -27.62 -4.61 28.44
N GLY B 290 -26.98 -3.64 29.09
CA GLY B 290 -27.01 -3.58 30.56
C GLY B 290 -26.27 -4.75 31.18
N ILE B 291 -25.28 -5.26 30.45
CA ILE B 291 -24.40 -6.33 30.97
C ILE B 291 -22.98 -5.76 30.98
N SER B 292 -22.30 -5.92 32.11
CA SER B 292 -20.97 -5.38 32.31
C SER B 292 -19.93 -6.49 32.34
N ALA B 293 -18.95 -6.44 31.44
CA ALA B 293 -17.79 -7.35 31.48
C ALA B 293 -16.76 -6.84 32.47
N ASP B 294 -15.90 -7.74 32.95
CA ASP B 294 -14.84 -7.34 33.87
C ASP B 294 -13.73 -6.60 33.14
N LEU B 295 -13.47 -7.02 31.90
CA LEU B 295 -12.51 -6.33 31.04
C LEU B 295 -13.14 -6.22 29.66
N THR B 296 -12.81 -5.15 28.96
CA THR B 296 -13.34 -4.89 27.61
C THR B 296 -12.15 -4.59 26.68
N THR B 297 -12.15 -5.21 25.50
CA THR B 297 -11.11 -4.88 24.52
C THR B 297 -11.71 -4.08 23.38
N LEU B 298 -10.88 -3.21 22.80
CA LEU B 298 -11.32 -2.25 21.80
C LEU B 298 -10.30 -2.20 20.68
N GLY B 299 -10.72 -1.72 19.50
CA GLY B 299 -9.84 -1.65 18.35
C GLY B 299 -10.49 -0.86 17.23
N LYS B 300 -10.09 -1.20 16.01
CA LYS B 300 -10.72 -0.72 14.78
C LYS B 300 -10.75 0.81 14.67
N TYR B 301 -11.96 1.38 14.70
CA TYR B 301 -12.16 2.81 14.34
C TYR B 301 -11.72 3.82 15.39
N ILE B 302 -11.53 3.37 16.63
CA ILE B 302 -11.38 4.30 17.78
C ILE B 302 -10.16 5.22 17.71
N GLY B 303 -9.08 4.78 17.06
CA GLY B 303 -7.90 5.61 16.87
C GLY B 303 -7.91 6.42 15.58
N GLY B 304 -9.12 6.63 15.06
CA GLY B 304 -9.34 7.50 13.88
C GLY B 304 -8.83 6.90 12.60
N GLY B 305 -8.64 5.58 12.59
CA GLY B 305 -8.11 4.93 11.40
C GLY B 305 -6.62 4.66 11.49
N MET B 306 -5.97 5.15 12.55
CA MET B 306 -4.53 4.89 12.81
C MET B 306 -4.39 3.57 13.55
N SER B 307 -3.17 3.02 13.61
CA SER B 307 -2.96 1.79 14.38
C SER B 307 -3.57 1.97 15.78
N PHE B 308 -4.32 0.97 16.21
CA PHE B 308 -4.98 1.09 17.49
C PHE B 308 -5.51 -0.22 18.09
N GLY B 309 -5.37 -0.33 19.41
CA GLY B 309 -6.11 -1.29 20.21
C GLY B 309 -6.18 -0.75 21.64
N ALA B 310 -7.04 -1.33 22.47
CA ALA B 310 -7.05 -0.96 23.89
C ALA B 310 -7.64 -2.06 24.73
N PHE B 311 -7.18 -2.15 25.97
CA PHE B 311 -7.89 -2.96 26.96
C PHE B 311 -8.12 -2.10 28.22
N GLY B 312 -9.32 -2.25 28.78
CA GLY B 312 -9.73 -1.48 29.94
C GLY B 312 -10.74 -2.29 30.73
N GLY B 313 -11.23 -1.76 31.84
CA GLY B 313 -12.20 -2.51 32.62
C GLY B 313 -12.25 -1.99 34.03
N ARG B 314 -12.63 -2.86 34.97
CA ARG B 314 -12.73 -2.50 36.38
C ARG B 314 -11.45 -1.88 36.85
N ARG B 315 -11.60 -0.82 37.66
CA ARG B 315 -10.46 -0.12 38.23
C ARG B 315 -9.48 -1.04 38.94
N ASP B 316 -9.98 -1.95 39.76
CA ASP B 316 -9.10 -2.76 40.60
C ASP B 316 -8.25 -3.75 39.80
N LEU B 317 -8.81 -4.23 38.69
CA LEU B 317 -8.08 -5.10 37.76
C LEU B 317 -7.03 -4.29 36.99
N MET B 318 -7.41 -3.11 36.49
CA MET B 318 -6.48 -2.29 35.69
C MET B 318 -5.34 -1.65 36.50
N GLU B 319 -5.60 -1.36 37.77
CA GLU B 319 -4.55 -0.81 38.65
C GLU B 319 -3.37 -1.77 38.85
N ARG B 320 -3.56 -3.03 38.53
CA ARG B 320 -2.45 -3.98 38.54
C ARG B 320 -1.35 -3.55 37.54
N PHE B 321 -1.69 -2.66 36.60
CA PHE B 321 -0.72 -2.13 35.63
C PHE B 321 -0.13 -0.77 36.02
N ASP B 322 -0.56 -0.20 37.15
CA ASP B 322 0.05 1.06 37.63
C ASP B 322 1.54 0.81 37.87
N PRO B 323 2.43 1.46 37.09
CA PRO B 323 3.85 1.06 37.21
C PRO B 323 4.52 1.47 38.53
N ALA B 324 3.87 2.34 39.30
CA ALA B 324 4.36 2.74 40.62
C ALA B 324 4.01 1.70 41.70
N ARG B 325 3.13 0.76 41.39
CA ARG B 325 2.60 -0.14 42.43
C ARG B 325 3.36 -1.46 42.58
N ASP B 326 3.21 -2.06 43.76
CA ASP B 326 4.02 -3.21 44.18
C ASP B 326 3.72 -4.42 43.31
N GLY B 327 4.75 -4.94 42.64
CA GLY B 327 4.57 -6.09 41.76
C GLY B 327 3.64 -5.77 40.59
N ALA B 328 3.79 -4.55 40.06
CA ALA B 328 2.99 -4.09 38.91
C ALA B 328 3.27 -4.98 37.71
N PHE B 329 2.23 -5.27 36.93
CA PHE B 329 2.41 -5.94 35.64
C PHE B 329 3.07 -4.99 34.65
N ALA B 330 3.96 -5.51 33.81
CA ALA B 330 4.62 -4.69 32.77
C ALA B 330 3.86 -4.71 31.44
N HIS B 331 3.71 -3.52 30.84
CA HIS B 331 3.08 -3.37 29.52
C HIS B 331 3.71 -2.19 28.81
N ALA B 332 4.88 -2.41 28.24
CA ALA B 332 5.48 -1.42 27.34
C ALA B 332 4.88 -1.64 25.95
N GLY B 333 5.51 -1.05 24.93
CA GLY B 333 4.96 -1.15 23.57
C GLY B 333 5.35 0.13 22.86
N THR B 334 6.30 0.01 21.93
CA THR B 334 6.89 1.19 21.29
C THR B 334 5.86 2.24 20.83
N PHE B 335 4.80 1.78 20.17
CA PHE B 335 3.85 2.71 19.55
C PHE B 335 2.56 2.90 20.31
N ASN B 336 2.51 2.40 21.56
CA ASN B 336 1.28 2.44 22.36
C ASN B 336 0.67 3.83 22.41
N ASN B 337 1.51 4.83 22.73
CA ASN B 337 1.06 6.20 22.92
C ASN B 337 1.44 7.13 21.76
N ASN B 338 1.65 6.56 20.57
CA ASN B 338 2.10 7.33 19.41
C ASN B 338 1.17 8.51 19.12
N ILE B 339 1.76 9.64 18.74
CA ILE B 339 1.01 10.91 18.64
C ILE B 339 -0.11 10.90 17.57
N LEU B 340 0.09 10.20 16.45
CA LEU B 340 -0.93 10.10 15.42
C LEU B 340 -2.19 9.41 15.91
N THR B 341 -2.01 8.26 16.56
CA THR B 341 -3.17 7.54 17.12
C THR B 341 -3.86 8.34 18.22
N MET B 342 -3.08 8.93 19.14
CA MET B 342 -3.65 9.65 20.27
C MET B 342 -4.44 10.87 19.78
N SER B 343 -3.89 11.57 18.78
N SER B 343 -3.89 11.58 18.80
CA SER B 343 -4.51 12.78 18.22
CA SER B 343 -4.52 12.77 18.23
C SER B 343 -5.70 12.49 17.30
C SER B 343 -5.74 12.40 17.39
N ALA B 344 -5.55 11.53 16.40
CA ALA B 344 -6.66 11.13 15.51
C ALA B 344 -7.80 10.44 16.27
N GLY B 345 -7.45 9.65 17.27
CA GLY B 345 -8.47 8.99 18.10
C GLY B 345 -9.30 9.96 18.94
N HIS B 346 -8.64 10.92 19.58
CA HIS B 346 -9.35 11.93 20.38
C HIS B 346 -10.34 12.69 19.49
N ALA B 347 -9.87 13.10 18.30
CA ALA B 347 -10.72 13.72 17.29
C ALA B 347 -11.87 12.80 16.88
N ALA B 348 -11.55 11.51 16.65
CA ALA B 348 -12.57 10.54 16.25
C ALA B 348 -13.73 10.42 17.25
N LEU B 349 -13.41 10.38 18.54
CA LEU B 349 -14.43 10.17 19.56
C LEU B 349 -15.18 11.46 19.89
N THR B 350 -14.45 12.58 19.93
CA THR B 350 -15.03 13.84 20.43
C THR B 350 -15.64 14.71 19.34
N GLN B 351 -15.12 14.61 18.12
CA GLN B 351 -15.56 15.49 17.04
C GLN B 351 -16.33 14.80 15.90
N ILE B 352 -16.10 13.51 15.67
CA ILE B 352 -16.69 12.84 14.51
C ILE B 352 -17.72 11.80 14.92
N TYR B 353 -17.26 10.69 15.51
CA TYR B 353 -18.15 9.63 15.94
C TYR B 353 -18.55 9.81 17.40
N THR B 354 -19.36 10.85 17.62
CA THR B 354 -19.95 11.13 18.91
C THR B 354 -20.97 10.06 19.25
N ARG B 355 -21.47 10.08 20.48
CA ARG B 355 -22.56 9.21 20.88
C ARG B 355 -23.76 9.33 19.94
N GLN B 356 -24.10 10.58 19.58
CA GLN B 356 -25.23 10.81 18.66
C GLN B 356 -24.97 10.21 17.28
N ALA B 357 -23.75 10.39 16.77
CA ALA B 357 -23.37 9.82 15.46
C ALA B 357 -23.47 8.30 15.47
N ALA B 358 -23.09 7.68 16.60
CA ALA B 358 -23.22 6.24 16.78
C ALA B 358 -24.67 5.76 16.73
N SER B 359 -25.56 6.47 17.43
N SER B 359 -25.56 6.47 17.43
CA SER B 359 -26.99 6.15 17.41
CA SER B 359 -27.00 6.18 17.41
C SER B 359 -27.56 6.28 15.99
C SER B 359 -27.53 6.27 15.99
N ASP B 360 -27.27 7.40 15.35
CA ASP B 360 -27.72 7.66 13.97
C ASP B 360 -27.21 6.64 12.97
N LEU B 361 -25.90 6.33 13.00
CA LEU B 361 -25.35 5.35 12.05
C LEU B 361 -25.95 3.95 12.25
N SER B 362 -26.11 3.57 13.52
CA SER B 362 -26.69 2.28 13.85
C SER B 362 -28.18 2.16 13.45
N ALA B 363 -28.93 3.24 13.63
CA ALA B 363 -30.34 3.27 13.20
C ALA B 363 -30.40 3.20 11.67
N SER B 364 -29.54 3.97 10.99
CA SER B 364 -29.41 3.90 9.53
C SER B 364 -29.05 2.48 9.06
N GLY B 365 -28.14 1.83 9.78
CA GLY B 365 -27.73 0.48 9.48
C GLY B 365 -28.83 -0.54 9.67
N ASP B 366 -29.61 -0.40 10.76
CA ASP B 366 -30.80 -1.23 10.99
C ASP B 366 -31.82 -1.13 9.86
N ARG B 367 -32.13 0.08 9.44
CA ARG B 367 -33.07 0.28 8.32
C ARG B 367 -32.53 -0.34 7.03
N PHE B 368 -31.25 -0.10 6.72
CA PHE B 368 -30.56 -0.71 5.57
C PHE B 368 -30.68 -2.24 5.56
N ARG B 369 -30.34 -2.88 6.69
CA ARG B 369 -30.36 -4.35 6.77
C ARG B 369 -31.79 -4.91 6.62
N ALA B 370 -32.76 -4.24 7.24
CA ALA B 370 -34.19 -4.60 7.10
C ALA B 370 -34.63 -4.51 5.63
N ASN B 371 -34.23 -3.43 4.95
CA ASN B 371 -34.50 -3.27 3.52
C ASN B 371 -33.88 -4.39 2.68
N LEU B 372 -32.63 -4.75 2.98
CA LEU B 372 -31.99 -5.89 2.28
C LEU B 372 -32.77 -7.18 2.54
N ASN B 373 -33.16 -7.43 3.78
CA ASN B 373 -33.95 -8.63 4.09
C ASN B 373 -35.35 -8.63 3.45
N ARG B 374 -35.98 -7.46 3.38
CA ARG B 374 -37.27 -7.29 2.68
C ARG B 374 -37.15 -7.69 1.21
N ILE B 375 -36.09 -7.22 0.56
CA ILE B 375 -35.79 -7.62 -0.83
C ILE B 375 -35.67 -9.15 -1.00
N ALA B 376 -34.94 -9.81 -0.09
CA ALA B 376 -34.83 -11.28 -0.13
C ALA B 376 -36.22 -11.92 0.05
N VAL B 377 -36.97 -11.41 1.03
CA VAL B 377 -38.27 -11.98 1.39
C VAL B 377 -39.27 -11.84 0.23
N GLU B 378 -39.38 -10.63 -0.29
CA GLU B 378 -40.29 -10.34 -1.41
C GLU B 378 -39.97 -11.10 -2.67
N ASN B 379 -38.69 -11.47 -2.84
CA ASN B 379 -38.26 -12.23 -4.02
C ASN B 379 -38.06 -13.72 -3.80
N GLN B 380 -38.52 -14.22 -2.64
CA GLN B 380 -38.38 -15.64 -2.28
C GLN B 380 -36.92 -16.12 -2.37
N ALA B 381 -35.99 -15.26 -1.99
CA ALA B 381 -34.56 -15.57 -2.14
C ALA B 381 -34.07 -16.38 -0.94
N PRO B 382 -33.28 -17.45 -1.18
CA PRO B 382 -32.77 -18.22 -0.05
C PRO B 382 -31.51 -17.56 0.58
N LEU B 383 -31.66 -16.32 1.02
CA LEU B 383 -30.55 -15.62 1.68
C LEU B 383 -31.11 -14.67 2.75
N GLN B 384 -30.25 -14.28 3.70
CA GLN B 384 -30.56 -13.23 4.66
C GLN B 384 -29.29 -12.47 4.99
N PHE B 385 -29.46 -11.32 5.62
CA PHE B 385 -28.38 -10.59 6.20
C PHE B 385 -28.55 -10.55 7.72
N THR B 386 -27.52 -10.99 8.43
CA THR B 386 -27.48 -11.00 9.89
C THR B 386 -26.62 -9.83 10.39
N GLY B 387 -26.83 -9.40 11.62
CA GLY B 387 -25.98 -8.36 12.18
C GLY B 387 -26.67 -7.39 13.10
N LEU B 388 -26.02 -6.26 13.34
CA LEU B 388 -26.52 -5.25 14.26
C LEU B 388 -26.06 -3.89 13.76
N GLY B 389 -26.88 -2.87 13.98
CA GLY B 389 -26.49 -1.51 13.59
C GLY B 389 -25.96 -1.46 12.16
N SER B 390 -24.82 -0.81 12.01
CA SER B 390 -24.14 -0.64 10.71
C SER B 390 -23.31 -1.84 10.22
N LEU B 391 -23.44 -2.98 10.90
CA LEU B 391 -22.71 -4.22 10.55
C LEU B 391 -23.62 -5.33 10.03
N GLY B 392 -23.20 -5.99 8.96
CA GLY B 392 -24.00 -7.08 8.43
C GLY B 392 -23.25 -8.01 7.51
N THR B 393 -23.73 -9.24 7.41
CA THR B 393 -23.15 -10.26 6.54
C THR B 393 -24.26 -11.07 5.88
N ILE B 394 -24.10 -11.33 4.58
CA ILE B 394 -25.01 -12.22 3.85
C ILE B 394 -24.76 -13.69 4.22
N HIS B 395 -25.84 -14.45 4.38
CA HIS B 395 -25.74 -15.90 4.52
C HIS B 395 -26.78 -16.54 3.61
N PHE B 396 -26.36 -17.49 2.79
CA PHE B 396 -27.27 -18.17 1.88
C PHE B 396 -28.03 -19.30 2.57
N SER B 397 -28.93 -18.88 3.47
CA SER B 397 -29.81 -19.77 4.23
C SER B 397 -30.98 -18.96 4.75
N ARG B 398 -32.14 -19.58 4.87
CA ARG B 398 -33.27 -18.91 5.53
C ARG B 398 -33.49 -19.48 6.94
N ALA B 399 -32.68 -20.48 7.30
CA ALA B 399 -32.63 -21.06 8.65
C ALA B 399 -32.03 -20.05 9.65
N PRO B 400 -32.22 -20.29 10.97
CA PRO B 400 -31.63 -19.41 11.95
C PRO B 400 -30.09 -19.45 11.89
N ILE B 401 -29.46 -18.29 11.98
CA ILE B 401 -28.01 -18.21 12.00
C ILE B 401 -27.60 -17.79 13.41
N ARG B 402 -27.23 -18.78 14.23
CA ARG B 402 -27.02 -18.55 15.66
C ARG B 402 -25.62 -18.92 16.13
N SER B 403 -24.96 -19.78 15.37
CA SER B 403 -23.63 -20.24 15.73
C SER B 403 -22.75 -20.46 14.48
N ALA B 404 -21.48 -20.76 14.73
CA ALA B 404 -20.52 -21.06 13.66
C ALA B 404 -20.99 -22.20 12.75
N GLY B 405 -21.59 -23.24 13.35
CA GLY B 405 -22.19 -24.33 12.58
C GLY B 405 -23.21 -23.87 11.55
N ASP B 406 -24.10 -22.95 11.93
CA ASP B 406 -25.10 -22.42 11.00
C ASP B 406 -24.47 -21.62 9.84
N VAL B 407 -23.49 -20.78 10.17
CA VAL B 407 -22.77 -20.00 9.16
C VAL B 407 -22.09 -20.94 8.16
N ARG B 408 -21.42 -21.96 8.65
CA ARG B 408 -20.71 -22.91 7.78
C ARG B 408 -21.64 -23.77 6.91
N ALA B 409 -22.82 -24.10 7.43
CA ALA B 409 -23.79 -24.92 6.72
C ALA B 409 -24.48 -24.15 5.58
N ALA B 410 -24.47 -22.82 5.63
CA ALA B 410 -25.10 -21.99 4.59
C ALA B 410 -24.27 -22.08 3.31
N ASP B 411 -24.87 -21.79 2.17
CA ASP B 411 -24.22 -22.08 0.90
C ASP B 411 -23.00 -21.18 0.68
N GLN B 412 -21.83 -21.80 0.60
CA GLN B 412 -20.56 -21.07 0.45
C GLN B 412 -20.25 -20.67 -0.99
N GLN B 413 -20.71 -21.48 -1.96
CA GLN B 413 -20.50 -21.18 -3.37
C GLN B 413 -21.31 -19.96 -3.82
N LEU B 414 -22.54 -19.85 -3.34
CA LEU B 414 -23.38 -18.68 -3.63
C LEU B 414 -22.80 -17.42 -3.00
N LYS B 415 -22.18 -17.54 -1.83
CA LYS B 415 -21.50 -16.42 -1.19
C LYS B 415 -20.36 -15.86 -2.09
N GLU B 416 -19.55 -16.75 -2.65
CA GLU B 416 -18.44 -16.32 -3.51
C GLU B 416 -18.96 -15.67 -4.79
N LEU B 417 -20.04 -16.23 -5.34
CA LEU B 417 -20.68 -15.70 -6.53
C LEU B 417 -21.21 -14.29 -6.27
N PHE B 418 -21.76 -14.09 -5.08
CA PHE B 418 -22.32 -12.79 -4.69
C PHE B 418 -21.25 -11.69 -4.65
N PHE B 419 -20.09 -12.03 -4.09
CA PHE B 419 -18.93 -11.12 -4.06
C PHE B 419 -18.60 -10.64 -5.48
N PHE B 420 -18.40 -11.58 -6.41
CA PHE B 420 -18.01 -11.20 -7.79
C PHE B 420 -19.08 -10.37 -8.49
N HIS B 421 -20.36 -10.71 -8.27
CA HIS B 421 -21.48 -9.93 -8.77
C HIS B 421 -21.45 -8.49 -8.27
N MET B 422 -21.29 -8.31 -6.95
CA MET B 422 -21.28 -6.96 -6.38
C MET B 422 -20.16 -6.12 -7.02
N LEU B 423 -18.98 -6.72 -7.20
CA LEU B 423 -17.84 -6.02 -7.85
C LEU B 423 -18.22 -5.52 -9.23
N ARG B 424 -18.93 -6.35 -9.99
CA ARG B 424 -19.37 -5.97 -11.31
C ARG B 424 -20.37 -4.83 -11.28
N LYS B 425 -21.05 -4.65 -10.14
CA LYS B 425 -21.99 -3.54 -9.99
C LYS B 425 -21.35 -2.32 -9.34
N GLY B 426 -20.02 -2.33 -9.19
CA GLY B 426 -19.31 -1.21 -8.56
C GLY B 426 -19.50 -1.12 -7.06
N ILE B 427 -19.78 -2.27 -6.44
CA ILE B 427 -19.95 -2.34 -4.97
C ILE B 427 -18.88 -3.28 -4.41
N TYR B 428 -18.05 -2.76 -3.53
CA TYR B 428 -17.03 -3.56 -2.87
C TYR B 428 -17.43 -3.90 -1.44
N LEU B 429 -17.57 -5.19 -1.13
CA LEU B 429 -17.67 -5.61 0.27
C LEU B 429 -16.76 -6.83 0.45
N ALA B 430 -16.66 -7.35 1.67
CA ALA B 430 -15.76 -8.46 1.94
C ALA B 430 -16.10 -9.66 1.08
N PRO B 431 -15.06 -10.41 0.65
CA PRO B 431 -15.30 -11.70 0.01
C PRO B 431 -16.30 -12.59 0.77
N ARG B 432 -16.29 -12.51 2.10
CA ARG B 432 -17.14 -13.35 2.96
C ARG B 432 -18.52 -12.75 3.13
N GLY B 433 -18.80 -11.64 2.44
CA GLY B 433 -20.14 -11.08 2.38
C GLY B 433 -20.50 -10.08 3.46
N MET B 434 -19.49 -9.56 4.16
CA MET B 434 -19.67 -8.56 5.22
C MET B 434 -19.58 -7.12 4.72
N TYR B 435 -20.52 -6.29 5.17
CA TYR B 435 -20.38 -4.83 5.04
C TYR B 435 -20.24 -4.18 6.41
N ALA B 436 -19.60 -3.02 6.45
CA ALA B 436 -19.53 -2.19 7.65
C ALA B 436 -19.64 -0.74 7.19
N LEU B 437 -20.84 -0.18 7.36
CA LEU B 437 -21.16 1.14 6.82
C LEU B 437 -20.29 2.19 7.50
N SER B 438 -19.62 2.99 6.67
CA SER B 438 -18.91 4.15 7.16
C SER B 438 -19.90 5.33 7.27
N LEU B 439 -19.43 6.41 7.85
CA LEU B 439 -20.16 7.67 7.96
C LEU B 439 -20.31 8.36 6.60
N GLU B 440 -19.49 7.94 5.64
CA GLU B 440 -19.47 8.55 4.32
C GLU B 440 -20.43 7.88 3.35
N ILE B 441 -20.98 6.71 3.69
CA ILE B 441 -21.96 6.04 2.84
C ILE B 441 -23.27 6.85 2.84
N ALA B 442 -23.76 7.19 1.65
CA ALA B 442 -24.96 8.03 1.50
C ALA B 442 -26.08 7.28 0.81
N ASP B 443 -27.21 7.98 0.61
CA ASP B 443 -28.40 7.38 -0.02
C ASP B 443 -28.10 6.68 -1.33
N ALA B 444 -27.38 7.34 -2.23
CA ALA B 444 -27.06 6.77 -3.54
C ALA B 444 -26.31 5.44 -3.41
N GLY B 445 -25.37 5.39 -2.46
CA GLY B 445 -24.62 4.17 -2.18
C GLY B 445 -25.52 3.03 -1.69
N ARG B 446 -26.29 3.29 -0.64
CA ARG B 446 -27.25 2.30 -0.13
C ARG B 446 -28.24 1.81 -1.19
N ASP B 447 -28.82 2.74 -1.96
CA ASP B 447 -29.69 2.38 -3.10
C ASP B 447 -29.00 1.49 -4.12
N ALA B 448 -27.76 1.82 -4.48
CA ALA B 448 -27.04 1.00 -5.47
C ALA B 448 -26.79 -0.42 -4.95
N PHE B 449 -26.46 -0.54 -3.66
CA PHE B 449 -26.29 -1.86 -3.03
C PHE B 449 -27.59 -2.67 -3.13
N ALA B 450 -28.70 -2.05 -2.72
CA ALA B 450 -30.00 -2.72 -2.70
C ALA B 450 -30.43 -3.13 -4.13
N GLU B 451 -30.16 -2.26 -5.11
CA GLU B 451 -30.47 -2.57 -6.51
C GLU B 451 -29.59 -3.71 -7.01
N ALA B 452 -28.32 -3.70 -6.61
CA ALA B 452 -27.42 -4.78 -7.00
C ALA B 452 -27.81 -6.14 -6.39
N LEU B 453 -28.32 -6.11 -5.15
CA LEU B 453 -28.85 -7.33 -4.53
C LEU B 453 -30.04 -7.88 -5.34
N ALA B 454 -31.01 -7.01 -5.62
CA ALA B 454 -32.13 -7.41 -6.49
C ALA B 454 -31.66 -7.99 -7.83
N ASP B 455 -30.66 -7.35 -8.45
CA ASP B 455 -30.08 -7.84 -9.70
C ASP B 455 -29.46 -9.22 -9.57
N PHE B 456 -28.76 -9.46 -8.46
CA PHE B 456 -28.19 -10.77 -8.19
C PHE B 456 -29.30 -11.82 -8.15
N ILE B 457 -30.39 -11.50 -7.45
CA ILE B 457 -31.48 -12.45 -7.27
C ILE B 457 -32.11 -12.82 -8.62
N GLY B 458 -32.35 -11.81 -9.46
CA GLY B 458 -32.86 -12.01 -10.82
C GLY B 458 -31.90 -12.73 -11.75
N GLU B 459 -30.67 -12.21 -11.86
CA GLU B 459 -29.67 -12.76 -12.78
C GLU B 459 -29.22 -14.17 -12.41
N GLN B 460 -29.21 -14.50 -11.12
CA GLN B 460 -28.76 -15.82 -10.67
C GLN B 460 -29.91 -16.72 -10.19
N ARG B 461 -31.13 -16.38 -10.58
CA ARG B 461 -32.34 -17.13 -10.21
C ARG B 461 -32.20 -18.65 -10.37
N ALA B 462 -31.63 -19.08 -11.50
CA ALA B 462 -31.48 -20.51 -11.78
C ALA B 462 -30.70 -21.24 -10.69
N LEU B 463 -29.78 -20.53 -10.04
CA LEU B 463 -28.92 -21.13 -9.02
C LEU B 463 -29.49 -20.98 -7.61
N LEU B 464 -30.62 -20.28 -7.50
CA LEU B 464 -31.22 -19.99 -6.20
C LEU B 464 -32.48 -20.84 -5.93
N MET B 465 -32.65 -21.92 -6.71
CA MET B 465 -33.84 -22.79 -6.63
C MET B 465 -33.58 -24.03 -5.78
N ASP C 35 -9.39 20.58 -58.58
CA ASP C 35 -10.45 19.69 -59.14
C ASP C 35 -11.59 20.51 -59.75
N THR C 36 -12.06 21.55 -59.05
CA THR C 36 -12.92 22.56 -59.68
C THR C 36 -12.40 23.95 -59.37
N ALA C 37 -12.67 24.87 -60.30
CA ALA C 37 -12.30 26.27 -60.15
C ALA C 37 -13.08 26.94 -59.02
N GLU C 38 -14.33 26.55 -58.79
CA GLU C 38 -15.12 27.09 -57.67
C GLU C 38 -14.46 26.76 -56.32
N LYS C 39 -13.98 25.52 -56.17
CA LYS C 39 -13.32 25.12 -54.92
C LYS C 39 -11.95 25.78 -54.73
N ALA C 40 -11.18 25.90 -55.81
CA ALA C 40 -9.88 26.60 -55.75
C ALA C 40 -10.05 28.07 -55.34
N GLN C 41 -11.06 28.74 -55.88
CA GLN C 41 -11.41 30.12 -55.49
C GLN C 41 -11.80 30.19 -54.01
N ALA C 42 -12.62 29.24 -53.56
CA ALA C 42 -12.97 29.16 -52.15
C ALA C 42 -11.74 28.97 -51.25
N ILE C 43 -10.78 28.16 -51.71
CA ILE C 43 -9.55 27.93 -50.94
C ILE C 43 -8.66 29.18 -50.93
N ALA C 44 -8.50 29.82 -52.09
CA ALA C 44 -7.78 31.09 -52.17
C ALA C 44 -8.36 32.12 -51.20
N ALA C 45 -9.69 32.25 -51.15
CA ALA C 45 -10.34 33.16 -50.21
C ALA C 45 -10.13 32.77 -48.74
N ALA C 46 -10.19 31.47 -48.43
CA ALA C 46 -9.98 30.99 -47.04
C ALA C 46 -8.53 31.25 -46.59
N ARG C 47 -7.59 30.99 -47.48
CA ARG C 47 -6.17 31.23 -47.22
C ARG C 47 -5.89 32.71 -46.95
N ASN C 48 -6.52 33.59 -47.74
CA ASN C 48 -6.41 35.03 -47.56
C ASN C 48 -7.00 35.52 -46.24
N THR C 49 -8.17 34.98 -45.87
CA THR C 49 -8.80 35.35 -44.60
C THR C 49 -7.94 34.89 -43.42
N PHE C 50 -7.42 33.67 -43.49
CA PHE C 50 -6.50 33.16 -42.46
C PHE C 50 -5.27 34.09 -42.35
N ALA C 51 -4.66 34.44 -43.48
CA ALA C 51 -3.51 35.37 -43.52
C ALA C 51 -3.85 36.74 -42.88
N ARG C 52 -5.01 37.29 -43.23
CA ARG C 52 -5.52 38.54 -42.65
C ARG C 52 -5.78 38.44 -41.14
N ASP C 53 -6.29 37.29 -40.71
CA ASP C 53 -6.59 37.05 -39.30
C ASP C 53 -5.31 36.94 -38.47
N ASN C 54 -4.23 36.44 -39.09
CA ASN C 54 -3.05 35.98 -38.37
C ASN C 54 -1.72 36.61 -38.79
N PRO C 55 -1.65 37.96 -38.84
CA PRO C 55 -0.38 38.58 -39.27
C PRO C 55 0.81 38.33 -38.33
N VAL C 56 0.58 38.14 -37.03
CA VAL C 56 1.70 37.84 -36.11
C VAL C 56 2.28 36.45 -36.42
N SER C 57 1.41 35.44 -36.63
CA SER C 57 1.91 34.15 -37.14
C SER C 57 2.67 34.31 -38.46
N ALA C 58 2.21 35.19 -39.35
CA ALA C 58 2.91 35.43 -40.62
C ALA C 58 4.31 35.98 -40.41
N GLY C 59 4.45 36.94 -39.48
CA GLY C 59 5.76 37.47 -39.08
C GLY C 59 6.69 36.38 -38.56
N HIS C 60 6.16 35.51 -37.69
CA HIS C 60 6.97 34.41 -37.18
C HIS C 60 7.48 33.50 -38.29
N HIS C 61 6.61 33.18 -39.26
CA HIS C 61 7.01 32.35 -40.40
C HIS C 61 8.20 32.92 -41.19
N GLU C 62 8.15 34.20 -41.53
CA GLU C 62 9.27 34.84 -42.22
C GLU C 62 10.59 34.70 -41.48
N ARG C 63 10.57 34.83 -40.15
CA ARG C 63 11.77 34.67 -39.31
C ARG C 63 12.22 33.22 -39.26
N ALA C 64 11.27 32.30 -39.05
CA ALA C 64 11.55 30.87 -38.99
C ALA C 64 12.25 30.32 -40.23
N ARG C 65 11.92 30.87 -41.40
CA ARG C 65 12.54 30.47 -42.68
C ARG C 65 14.04 30.68 -42.72
N ARG C 66 14.56 31.52 -41.84
CA ARG C 66 15.98 31.81 -41.93
C ARG C 66 16.89 30.74 -41.31
N SER C 67 16.34 29.88 -40.44
CA SER C 67 17.16 28.87 -39.73
C SER C 67 16.75 27.42 -39.98
N MET C 68 15.51 27.23 -40.48
CA MET C 68 14.94 25.90 -40.78
C MET C 68 14.39 25.90 -42.21
N PRO C 69 14.49 24.74 -42.90
CA PRO C 69 14.00 24.67 -44.29
C PRO C 69 12.53 25.00 -44.32
N GLY C 70 12.14 26.06 -45.03
CA GLY C 70 10.76 26.48 -45.06
C GLY C 70 10.19 26.85 -43.71
N GLY C 71 11.07 27.20 -42.77
CA GLY C 71 10.67 27.53 -41.40
C GLY C 71 10.10 26.34 -40.63
N ASN C 72 10.54 25.15 -41.01
CA ASN C 72 9.87 23.90 -40.58
C ASN C 72 10.86 22.88 -40.04
N THR C 73 10.46 22.14 -39.00
CA THR C 73 11.30 21.05 -38.53
C THR C 73 10.50 19.73 -38.32
N ARG C 74 9.23 19.76 -38.69
CA ARG C 74 8.32 18.60 -38.54
C ARG C 74 7.27 18.79 -39.63
N SER C 75 7.41 18.04 -40.73
CA SER C 75 6.71 18.38 -41.99
C SER C 75 5.19 18.53 -41.86
N ILE C 76 4.59 17.66 -41.05
CA ILE C 76 3.15 17.60 -40.83
C ILE C 76 2.56 18.92 -40.29
N LEU C 77 3.38 19.72 -39.60
CA LEU C 77 2.94 21.02 -39.08
C LEU C 77 2.76 22.12 -40.14
N PHE C 78 3.38 21.95 -41.31
CA PHE C 78 3.27 22.97 -42.35
C PHE C 78 1.96 22.87 -43.12
N HIS C 79 1.34 24.03 -43.34
CA HIS C 79 0.24 24.16 -44.28
C HIS C 79 0.29 25.58 -44.82
N ARG C 80 -0.23 25.74 -46.02
CA ARG C 80 -0.35 27.05 -46.64
C ARG C 80 -1.45 27.86 -45.96
N PRO C 81 -1.32 29.19 -45.93
CA PRO C 81 -0.20 29.95 -46.50
C PRO C 81 1.00 29.96 -45.54
N PHE C 82 0.75 29.67 -44.27
CA PHE C 82 1.78 29.50 -43.25
C PHE C 82 1.09 28.89 -42.05
N PRO C 83 1.85 28.18 -41.18
CA PRO C 83 1.23 27.58 -40.00
C PRO C 83 0.88 28.58 -38.91
N LEU C 84 -0.14 28.26 -38.13
CA LEU C 84 -0.40 28.97 -36.87
C LEU C 84 0.74 28.76 -35.87
N VAL C 85 1.12 29.81 -35.17
CA VAL C 85 2.10 29.70 -34.10
C VAL C 85 1.37 29.87 -32.78
N ILE C 86 1.47 28.86 -31.93
CA ILE C 86 0.76 28.87 -30.66
C ILE C 86 1.62 29.58 -29.62
N ALA C 87 0.96 30.37 -28.76
CA ALA C 87 1.66 31.10 -27.72
C ALA C 87 1.67 30.32 -26.40
N GLN C 88 0.52 29.76 -26.00
CA GLN C 88 0.43 29.07 -24.73
C GLN C 88 -0.84 28.23 -24.69
N GLY C 89 -0.90 27.30 -23.75
CA GLY C 89 -2.05 26.41 -23.65
C GLY C 89 -2.31 25.97 -22.24
N THR C 90 -3.56 25.78 -21.92
CA THR C 90 -3.94 25.18 -20.68
C THR C 90 -5.15 24.24 -20.86
N GLY C 91 -5.05 23.08 -20.26
CA GLY C 91 -6.10 22.05 -20.41
C GLY C 91 -6.29 21.70 -21.87
N SER C 92 -7.53 21.77 -22.35
CA SER C 92 -7.82 21.47 -23.74
C SER C 92 -7.74 22.69 -24.69
N ARG C 93 -7.39 23.87 -24.15
CA ARG C 93 -7.45 25.12 -24.91
C ARG C 93 -6.06 25.71 -25.15
N PHE C 94 -5.87 26.32 -26.30
CA PHE C 94 -4.65 27.12 -26.54
C PHE C 94 -4.96 28.43 -27.27
N GLN C 95 -3.96 29.31 -27.34
CA GLN C 95 -4.10 30.61 -27.91
C GLN C 95 -2.94 30.80 -28.85
N ASP C 96 -3.20 31.32 -30.04
CA ASP C 96 -2.14 31.60 -31.00
C ASP C 96 -1.49 32.95 -30.68
N VAL C 97 -0.44 33.28 -31.44
CA VAL C 97 0.33 34.51 -31.20
C VAL C 97 -0.43 35.82 -31.52
N ASP C 98 -1.56 35.70 -32.23
CA ASP C 98 -2.44 36.84 -32.47
C ASP C 98 -3.47 37.00 -31.36
N GLY C 99 -3.48 36.05 -30.42
CA GLY C 99 -4.40 36.10 -29.29
C GLY C 99 -5.70 35.30 -29.49
N HIS C 100 -5.87 34.67 -30.65
CA HIS C 100 -7.09 33.86 -30.86
C HIS C 100 -7.05 32.61 -30.00
N ALA C 101 -8.20 32.24 -29.42
CA ALA C 101 -8.31 31.03 -28.61
C ALA C 101 -9.00 29.89 -29.40
N TYR C 102 -8.59 28.65 -29.13
CA TYR C 102 -9.20 27.46 -29.75
C TYR C 102 -9.33 26.30 -28.76
N VAL C 103 -10.24 25.37 -29.05
CA VAL C 103 -10.18 24.05 -28.42
C VAL C 103 -9.29 23.16 -29.31
N ASN C 104 -8.34 22.49 -28.67
CA ASN C 104 -7.35 21.69 -29.38
C ASN C 104 -7.87 20.24 -29.50
N PHE C 105 -8.48 19.95 -30.64
CA PHE C 105 -8.97 18.60 -30.97
C PHE C 105 -7.91 17.73 -31.64
N LEU C 106 -6.76 18.31 -31.95
CA LEU C 106 -5.66 17.55 -32.56
C LEU C 106 -4.90 16.71 -31.52
N GLY C 107 -4.64 17.30 -30.35
CA GLY C 107 -3.98 16.57 -29.26
C GLY C 107 -2.66 15.94 -29.67
N GLU C 108 -1.77 16.77 -30.22
CA GLU C 108 -0.42 16.38 -30.62
C GLU C 108 -0.38 15.08 -31.43
N TYR C 109 -1.25 14.98 -32.44
CA TYR C 109 -1.35 13.78 -33.30
C TYR C 109 -1.38 12.52 -32.44
N THR C 110 -2.25 12.55 -31.42
CA THR C 110 -2.56 11.47 -30.47
C THR C 110 -1.61 11.32 -29.26
N ALA C 111 -0.45 11.98 -29.29
CA ALA C 111 0.45 12.01 -28.12
C ALA C 111 -0.11 12.86 -26.97
N GLY C 112 -0.92 13.86 -27.32
CA GLY C 112 -1.33 14.91 -26.39
C GLY C 112 -2.60 14.55 -25.66
N LEU C 113 -2.60 13.37 -25.04
CA LEU C 113 -3.76 12.82 -24.33
C LEU C 113 -4.16 13.55 -23.04
N PHE C 114 -3.24 14.33 -22.47
CA PHE C 114 -3.39 14.87 -21.11
C PHE C 114 -3.71 16.35 -21.12
N GLY C 115 -3.89 16.89 -22.32
CA GLY C 115 -4.03 18.34 -22.50
C GLY C 115 -2.71 19.04 -22.26
N HIS C 116 -2.77 20.36 -22.14
CA HIS C 116 -1.55 21.17 -22.12
C HIS C 116 -0.92 21.39 -20.76
N SER C 117 -1.63 21.02 -19.69
CA SER C 117 -1.18 21.39 -18.36
C SER C 117 -1.66 20.43 -17.27
N HIS C 118 -1.51 19.13 -17.51
CA HIS C 118 -2.09 18.15 -16.60
C HIS C 118 -1.30 18.15 -15.28
N PRO C 119 -2.00 18.30 -14.14
CA PRO C 119 -1.31 18.41 -12.84
C PRO C 119 -0.54 17.15 -12.43
N VAL C 120 -0.99 15.98 -12.87
CA VAL C 120 -0.29 14.75 -12.54
C VAL C 120 0.97 14.60 -13.40
N ILE C 121 0.89 14.98 -14.67
CA ILE C 121 2.12 15.04 -15.49
C ILE C 121 3.10 16.06 -14.91
N ARG C 122 2.60 17.23 -14.51
CA ARG C 122 3.45 18.25 -13.91
C ARG C 122 4.15 17.74 -12.64
N ALA C 123 3.42 17.01 -11.80
CA ALA C 123 3.99 16.45 -10.57
C ALA C 123 5.07 15.42 -10.88
N ALA C 124 4.86 14.59 -11.90
CA ALA C 124 5.88 13.61 -12.30
C ALA C 124 7.16 14.29 -12.80
N VAL C 125 7.01 15.38 -13.56
CA VAL C 125 8.14 16.19 -14.01
C VAL C 125 8.92 16.80 -12.81
N GLU C 126 8.18 17.35 -11.85
CA GLU C 126 8.77 17.95 -10.65
C GLU C 126 9.55 16.90 -9.85
N ARG C 127 8.96 15.72 -9.66
CA ARG C 127 9.63 14.64 -8.96
C ARG C 127 10.85 14.13 -9.72
N ALA C 128 10.76 14.08 -11.05
CA ALA C 128 11.93 13.72 -11.89
C ALA C 128 13.07 14.71 -11.69
N LEU C 129 12.76 16.01 -11.66
CA LEU C 129 13.79 17.04 -11.41
C LEU C 129 14.41 16.88 -10.03
N ALA C 130 13.60 16.46 -9.06
CA ALA C 130 14.06 16.31 -7.70
C ALA C 130 15.04 15.16 -7.59
N VAL C 131 14.74 14.05 -8.26
CA VAL C 131 15.61 12.87 -8.31
C VAL C 131 16.95 13.27 -8.96
N GLY C 132 16.88 13.94 -10.11
CA GLY C 132 18.09 14.31 -10.85
C GLY C 132 17.99 13.94 -12.33
N LEU C 133 18.58 14.78 -13.16
CA LEU C 133 18.54 14.63 -14.60
C LEU C 133 19.83 13.97 -15.10
N ASN C 134 19.74 13.26 -16.22
CA ASN C 134 20.93 12.69 -16.87
C ASN C 134 21.77 11.84 -15.90
N LEU C 135 21.12 10.94 -15.19
CA LEU C 135 21.82 10.25 -14.08
C LEU C 135 22.83 9.20 -14.52
N SER C 136 22.85 8.87 -15.80
CA SER C 136 23.98 8.17 -16.45
C SER C 136 24.08 6.70 -16.13
N THR C 137 23.06 6.13 -15.49
CA THR C 137 23.10 4.73 -15.09
C THR C 137 21.71 4.10 -15.20
N GLN C 138 21.64 2.81 -14.86
CA GLN C 138 20.37 2.12 -14.65
C GLN C 138 19.56 2.81 -13.52
N THR C 139 18.26 2.91 -13.71
CA THR C 139 17.36 3.60 -12.77
C THR C 139 16.24 2.63 -12.32
N GLU C 140 15.62 2.92 -11.18
CA GLU C 140 14.47 2.10 -10.78
C GLU C 140 13.27 2.46 -11.65
N ASN C 141 13.13 3.75 -11.97
CA ASN C 141 11.97 4.24 -12.72
C ASN C 141 11.77 3.54 -14.07
N GLU C 142 12.85 3.19 -14.75
CA GLU C 142 12.70 2.51 -16.04
C GLU C 142 12.08 1.12 -15.90
N ALA C 143 12.44 0.39 -14.84
CA ALA C 143 11.87 -0.93 -14.56
C ALA C 143 10.38 -0.85 -14.19
N LEU C 144 10.03 0.09 -13.31
CA LEU C 144 8.62 0.33 -12.93
C LEU C 144 7.75 0.69 -14.16
N PHE C 145 8.26 1.57 -15.02
CA PHE C 145 7.58 1.91 -16.29
C PHE C 145 7.42 0.66 -17.19
N ALA C 146 8.48 -0.14 -17.35
CA ALA C 146 8.41 -1.34 -18.19
C ALA C 146 7.38 -2.34 -17.65
N GLU C 147 7.33 -2.46 -16.33
CA GLU C 147 6.32 -3.28 -15.69
C GLU C 147 4.92 -2.78 -16.01
N ALA C 148 4.72 -1.46 -15.98
CA ALA C 148 3.39 -0.89 -16.26
C ALA C 148 3.01 -1.16 -17.71
N VAL C 149 3.99 -1.03 -18.62
CA VAL C 149 3.71 -1.33 -20.03
C VAL C 149 3.38 -2.81 -20.20
N CYS C 150 4.17 -3.71 -19.61
CA CYS C 150 3.92 -5.17 -19.73
C CYS C 150 2.54 -5.59 -19.15
N ASP C 151 2.13 -4.97 -18.04
CA ASP C 151 0.80 -5.23 -17.43
C ASP C 151 -0.31 -4.86 -18.40
N ARG C 152 -0.05 -3.79 -19.12
CA ARG C 152 -1.06 -3.09 -19.93
C ARG C 152 -1.32 -3.79 -21.27
N PHE C 153 -0.25 -4.25 -21.91
CA PHE C 153 -0.36 -4.78 -23.27
C PHE C 153 -0.20 -6.30 -23.29
N PRO C 154 -1.26 -7.01 -23.71
CA PRO C 154 -1.42 -8.45 -23.48
C PRO C 154 -0.43 -9.33 -24.29
N SER C 155 0.12 -8.81 -25.39
CA SER C 155 1.10 -9.56 -26.17
C SER C 155 2.54 -9.09 -25.94
N ILE C 156 2.74 -8.11 -25.06
CA ILE C 156 4.09 -7.67 -24.70
C ILE C 156 4.59 -8.36 -23.43
N ASP C 157 5.49 -9.34 -23.58
CA ASP C 157 6.08 -10.07 -22.43
C ASP C 157 7.27 -9.33 -21.84
N LEU C 158 8.05 -8.71 -22.73
CA LEU C 158 9.24 -7.94 -22.38
C LEU C 158 9.27 -6.75 -23.32
N VAL C 159 9.88 -5.65 -22.89
CA VAL C 159 9.81 -4.39 -23.64
C VAL C 159 11.14 -3.64 -23.57
N ARG C 160 11.46 -2.88 -24.61
CA ARG C 160 12.55 -1.89 -24.56
C ARG C 160 12.03 -0.54 -25.01
N PHE C 161 12.51 0.52 -24.39
CA PHE C 161 12.11 1.88 -24.73
C PHE C 161 13.05 2.48 -25.75
N THR C 162 12.47 3.29 -26.64
CA THR C 162 13.20 4.07 -27.64
C THR C 162 12.78 5.53 -27.45
N ASN C 163 13.21 6.40 -28.38
CA ASN C 163 12.96 7.83 -28.21
C ASN C 163 11.90 8.36 -29.16
N SER C 164 11.27 7.44 -29.89
CA SER C 164 10.25 7.81 -30.87
C SER C 164 9.61 6.52 -31.40
N GLY C 165 8.42 6.67 -31.98
CA GLY C 165 7.77 5.56 -32.71
C GLY C 165 8.59 5.15 -33.94
N THR C 166 9.28 6.13 -34.55
CA THR C 166 10.19 5.87 -35.69
C THR C 166 11.29 4.87 -35.29
N GLU C 167 11.94 5.15 -34.16
CA GLU C 167 12.95 4.24 -33.64
C GLU C 167 12.34 2.87 -33.25
N ALA C 168 11.18 2.88 -32.60
CA ALA C 168 10.54 1.60 -32.22
C ALA C 168 10.33 0.71 -33.45
N ASN C 169 9.76 1.28 -34.50
CA ASN C 169 9.53 0.52 -35.73
C ASN C 169 10.80 0.02 -36.40
N LEU C 170 11.82 0.88 -36.45
CA LEU C 170 13.11 0.48 -37.00
C LEU C 170 13.73 -0.65 -36.19
N MET C 171 13.63 -0.61 -34.86
CA MET C 171 14.21 -1.69 -34.05
C MET C 171 13.41 -2.99 -34.19
N ALA C 172 12.10 -2.86 -34.40
CA ALA C 172 11.25 -4.07 -34.63
C ALA C 172 11.66 -4.72 -35.95
N LEU C 173 11.86 -3.91 -36.98
CA LEU C 173 12.46 -4.44 -38.22
C LEU C 173 13.88 -5.01 -38.07
N ALA C 174 14.74 -4.31 -37.32
CA ALA C 174 16.08 -4.82 -37.03
C ALA C 174 16.00 -6.20 -36.36
N THR C 175 15.06 -6.34 -35.44
CA THR C 175 14.87 -7.60 -34.73
C THR C 175 14.43 -8.68 -35.69
N ALA C 176 13.43 -8.38 -36.53
CA ALA C 176 12.86 -9.38 -37.42
C ALA C 176 13.87 -9.90 -38.46
N THR C 177 14.61 -8.97 -39.07
CA THR C 177 15.56 -9.32 -40.12
C THR C 177 16.76 -10.07 -39.55
N ALA C 178 17.24 -9.65 -38.39
CA ALA C 178 18.38 -10.28 -37.74
C ALA C 178 18.04 -11.68 -37.25
N ILE C 179 16.82 -11.87 -36.72
CA ILE C 179 16.43 -13.19 -36.23
C ILE C 179 16.22 -14.16 -37.39
N THR C 180 15.50 -13.72 -38.41
CA THR C 180 15.08 -14.60 -39.51
C THR C 180 16.17 -14.79 -40.55
N GLY C 181 17.08 -13.83 -40.65
CA GLY C 181 18.09 -13.82 -41.70
C GLY C 181 17.51 -13.41 -43.04
N ARG C 182 16.27 -12.88 -43.04
CA ARG C 182 15.56 -12.54 -44.28
C ARG C 182 15.53 -11.03 -44.52
N LYS C 183 15.23 -10.64 -45.76
CA LYS C 183 15.30 -9.23 -46.16
C LYS C 183 13.97 -8.56 -46.48
N THR C 184 12.96 -9.33 -46.88
CA THR C 184 11.74 -8.73 -47.40
C THR C 184 10.80 -8.36 -46.27
N VAL C 185 10.27 -7.15 -46.35
CA VAL C 185 9.27 -6.68 -45.39
C VAL C 185 8.01 -6.39 -46.19
N LEU C 186 6.89 -6.95 -45.75
CA LEU C 186 5.60 -6.60 -46.35
C LEU C 186 4.98 -5.48 -45.52
N ALA C 187 4.67 -4.34 -46.15
CA ALA C 187 3.92 -3.27 -45.50
C ALA C 187 2.83 -2.80 -46.47
N PHE C 188 2.14 -1.73 -46.10
CA PHE C 188 0.94 -1.35 -46.85
C PHE C 188 0.92 0.10 -47.31
N ASP C 189 0.48 0.28 -48.56
CA ASP C 189 0.30 1.61 -49.15
C ASP C 189 -0.66 2.39 -48.27
N GLY C 190 -0.24 3.60 -47.90
CA GLY C 190 -0.98 4.43 -46.97
C GLY C 190 -0.45 4.28 -45.54
N GLY C 191 0.35 3.25 -45.31
CA GLY C 191 0.92 3.00 -43.98
C GLY C 191 1.96 4.05 -43.60
N TYR C 192 2.04 4.33 -42.31
CA TYR C 192 3.05 5.27 -41.83
C TYR C 192 3.66 4.76 -40.54
N HIS C 193 4.98 4.62 -40.55
CA HIS C 193 5.70 3.99 -39.46
C HIS C 193 6.89 4.84 -38.97
N GLY C 194 6.92 6.10 -39.38
CA GLY C 194 7.96 7.04 -38.91
C GLY C 194 8.76 7.65 -40.04
N GLY C 195 9.74 8.47 -39.68
CA GLY C 195 10.47 9.28 -40.66
C GLY C 195 11.22 8.48 -41.70
N LEU C 196 11.63 7.26 -41.34
CA LEU C 196 12.41 6.43 -42.26
C LEU C 196 11.57 5.30 -42.86
N LEU C 197 10.28 5.26 -42.53
CA LEU C 197 9.40 4.15 -42.94
C LEU C 197 8.04 4.74 -43.24
N ASN C 198 8.05 5.62 -44.23
CA ASN C 198 6.92 6.43 -44.64
C ASN C 198 6.35 5.90 -45.95
N PHE C 199 5.18 5.25 -45.88
CA PHE C 199 4.52 4.74 -47.10
C PHE C 199 3.18 5.43 -47.37
N ALA C 200 2.99 6.59 -46.73
CA ALA C 200 1.71 7.30 -46.81
C ALA C 200 1.34 7.67 -48.25
N SER C 201 2.35 7.89 -49.09
CA SER C 201 2.15 8.13 -50.52
C SER C 201 2.98 7.15 -51.33
N GLY C 202 3.03 5.90 -50.91
CA GLY C 202 3.91 4.91 -51.57
C GLY C 202 5.37 5.00 -51.09
N HIS C 203 6.31 4.53 -51.92
CA HIS C 203 7.72 4.54 -51.56
C HIS C 203 8.26 5.98 -51.57
N ALA C 204 8.84 6.41 -50.46
CA ALA C 204 9.48 7.72 -50.33
C ALA C 204 10.99 7.52 -50.54
N PRO C 205 11.63 8.43 -51.29
CA PRO C 205 13.03 8.21 -51.64
C PRO C 205 13.96 8.28 -50.43
N THR C 206 13.46 8.87 -49.33
CA THR C 206 14.19 8.99 -48.05
C THR C 206 14.08 7.76 -47.12
N ASN C 207 13.21 6.79 -47.48
CA ASN C 207 13.02 5.64 -46.60
C ASN C 207 14.32 4.85 -46.47
N ALA C 208 14.59 4.36 -45.27
CA ALA C 208 15.68 3.42 -45.04
C ALA C 208 15.49 2.23 -45.98
N PRO C 209 16.58 1.77 -46.62
CA PRO C 209 16.42 0.86 -47.76
C PRO C 209 16.13 -0.59 -47.39
N TYR C 210 15.17 -0.83 -46.49
CA TYR C 210 14.63 -2.18 -46.29
C TYR C 210 13.99 -2.61 -47.61
N HIS C 211 14.03 -3.91 -47.92
CA HIS C 211 13.38 -4.43 -49.13
C HIS C 211 11.86 -4.52 -48.90
N VAL C 212 11.15 -3.42 -49.11
CA VAL C 212 9.74 -3.35 -48.75
C VAL C 212 8.88 -3.62 -49.97
N VAL C 213 7.98 -4.59 -49.83
CA VAL C 213 6.95 -4.81 -50.83
C VAL C 213 5.66 -4.21 -50.26
N LEU C 214 5.01 -3.34 -51.02
CA LEU C 214 3.77 -2.69 -50.53
C LEU C 214 2.50 -3.34 -51.04
N GLY C 215 1.65 -3.80 -50.12
CA GLY C 215 0.31 -4.26 -50.47
C GLY C 215 -0.75 -3.17 -50.34
N VAL C 216 -1.98 -3.54 -50.64
CA VAL C 216 -3.12 -2.63 -50.51
C VAL C 216 -3.78 -2.94 -49.18
N TYR C 217 -3.98 -1.91 -48.35
CA TYR C 217 -4.57 -2.10 -47.02
C TYR C 217 -5.98 -2.69 -47.17
N ASN C 218 -6.30 -3.66 -46.31
CA ASN C 218 -7.58 -4.38 -46.30
C ASN C 218 -7.87 -5.29 -47.51
N ASP C 219 -6.91 -5.39 -48.42
CA ASP C 219 -7.08 -6.19 -49.63
C ASP C 219 -6.65 -7.62 -49.38
N VAL C 220 -7.61 -8.49 -49.07
CA VAL C 220 -7.29 -9.88 -48.75
C VAL C 220 -6.71 -10.65 -49.94
N GLU C 221 -7.39 -10.65 -51.08
CA GLU C 221 -6.94 -11.45 -52.24
C GLU C 221 -5.59 -10.99 -52.79
N GLY C 222 -5.40 -9.69 -52.98
CA GLY C 222 -4.12 -9.16 -53.45
C GLY C 222 -2.99 -9.45 -52.47
N THR C 223 -3.26 -9.29 -51.17
CA THR C 223 -2.22 -9.50 -50.16
C THR C 223 -1.84 -10.98 -50.05
N ALA C 224 -2.83 -11.86 -50.09
CA ALA C 224 -2.55 -13.30 -50.10
C ALA C 224 -1.65 -13.69 -51.29
N ASP C 225 -1.84 -13.05 -52.44
CA ASP C 225 -1.01 -13.28 -53.62
C ASP C 225 0.44 -12.81 -53.40
N LEU C 226 0.61 -11.61 -52.82
CA LEU C 226 1.95 -11.13 -52.45
C LEU C 226 2.66 -12.08 -51.48
N LEU C 227 1.91 -12.64 -50.53
CA LEU C 227 2.48 -13.57 -49.56
C LEU C 227 2.87 -14.92 -50.17
N LYS C 228 2.13 -15.35 -51.19
CA LYS C 228 2.50 -16.55 -51.97
C LYS C 228 3.84 -16.34 -52.70
N ARG C 229 4.03 -15.16 -53.28
CA ARG C 229 5.25 -14.82 -54.02
C ARG C 229 6.47 -14.54 -53.13
N HIS C 230 6.27 -13.77 -52.06
CA HIS C 230 7.37 -13.24 -51.25
C HIS C 230 7.51 -13.89 -49.87
N GLY C 231 6.52 -14.66 -49.45
CA GLY C 231 6.43 -15.12 -48.05
C GLY C 231 7.68 -15.79 -47.50
N HIS C 232 8.31 -16.59 -48.34
CA HIS C 232 9.51 -17.35 -48.01
C HIS C 232 10.74 -16.48 -47.68
N ASP C 233 10.82 -15.27 -48.23
CA ASP C 233 11.92 -14.35 -47.88
C ASP C 233 11.43 -13.20 -46.98
N CYS C 234 10.26 -13.38 -46.39
N CYS C 234 10.21 -13.32 -46.45
CA CYS C 234 9.66 -12.37 -45.56
CA CYS C 234 9.65 -12.28 -45.57
C CYS C 234 10.14 -12.41 -44.10
C CYS C 234 10.12 -12.39 -44.13
N ALA C 235 10.90 -11.39 -43.71
CA ALA C 235 11.33 -11.24 -42.32
C ALA C 235 10.15 -10.77 -41.47
N ALA C 236 9.28 -9.96 -42.05
CA ALA C 236 8.23 -9.31 -41.26
C ALA C 236 7.07 -8.86 -42.10
N ILE C 237 5.90 -8.81 -41.47
CA ILE C 237 4.76 -8.05 -41.98
C ILE C 237 4.57 -6.91 -40.96
N LEU C 238 4.63 -5.67 -41.45
CA LEU C 238 4.49 -4.48 -40.61
C LEU C 238 3.19 -3.78 -40.95
N VAL C 239 2.32 -3.60 -39.97
CA VAL C 239 0.98 -3.11 -40.25
C VAL C 239 0.38 -2.36 -39.05
N GLU C 240 -0.31 -1.24 -39.32
CA GLU C 240 -1.11 -0.56 -38.28
C GLU C 240 -2.50 -1.23 -38.21
N PRO C 241 -3.03 -1.47 -37.01
CA PRO C 241 -4.40 -2.00 -36.97
C PRO C 241 -5.45 -1.00 -37.45
N MET C 242 -5.05 0.25 -37.62
CA MET C 242 -5.88 1.27 -38.27
C MET C 242 -4.89 2.26 -38.87
N LEU C 243 -5.02 2.59 -40.14
CA LEU C 243 -4.13 3.61 -40.75
C LEU C 243 -4.38 4.91 -39.98
N GLY C 244 -3.31 5.54 -39.51
CA GLY C 244 -3.45 6.72 -38.64
C GLY C 244 -3.28 7.94 -39.53
N ALA C 245 -2.04 8.26 -39.85
CA ALA C 245 -1.75 9.31 -40.86
C ALA C 245 -2.44 9.05 -42.18
N GLY C 246 -2.62 7.77 -42.54
CA GLY C 246 -3.28 7.38 -43.80
C GLY C 246 -4.78 7.58 -43.88
N GLY C 247 -5.40 7.99 -42.77
CA GLY C 247 -6.78 8.44 -42.77
C GLY C 247 -7.74 7.93 -41.70
N CYS C 248 -7.23 7.38 -40.59
CA CYS C 248 -8.07 6.68 -39.58
C CYS C 248 -8.96 5.64 -40.27
N VAL C 249 -8.31 4.73 -40.98
CA VAL C 249 -8.97 3.67 -41.75
C VAL C 249 -8.82 2.35 -40.95
N PRO C 250 -9.92 1.87 -40.32
CA PRO C 250 -9.75 0.64 -39.54
C PRO C 250 -9.43 -0.58 -40.42
N ALA C 251 -8.55 -1.45 -39.91
CA ALA C 251 -8.32 -2.75 -40.52
C ALA C 251 -9.55 -3.65 -40.28
N GLU C 252 -9.90 -4.43 -41.30
CA GLU C 252 -10.98 -5.41 -41.16
C GLU C 252 -10.41 -6.71 -40.60
N ARG C 253 -11.23 -7.46 -39.85
CA ARG C 253 -10.75 -8.68 -39.21
C ARG C 253 -10.16 -9.70 -40.20
N ALA C 254 -10.83 -9.90 -41.35
CA ALA C 254 -10.37 -10.87 -42.36
C ALA C 254 -8.95 -10.54 -42.83
N PHE C 255 -8.67 -9.25 -42.99
CA PHE C 255 -7.35 -8.76 -43.39
C PHE C 255 -6.31 -9.13 -42.33
N LEU C 256 -6.53 -8.74 -41.07
CA LEU C 256 -5.57 -9.08 -40.01
C LEU C 256 -5.43 -10.59 -39.74
N ASP C 257 -6.52 -11.34 -39.83
CA ASP C 257 -6.48 -12.80 -39.68
C ASP C 257 -5.57 -13.40 -40.76
N LEU C 258 -5.70 -12.88 -41.99
CA LEU C 258 -4.83 -13.32 -43.06
C LEU C 258 -3.35 -13.10 -42.71
N LEU C 259 -3.03 -11.90 -42.23
CA LEU C 259 -1.63 -11.59 -41.92
C LEU C 259 -1.12 -12.47 -40.81
N ARG C 260 -1.94 -12.70 -39.81
CA ARG C 260 -1.53 -13.55 -38.68
C ARG C 260 -1.30 -15.00 -39.12
N ALA C 261 -2.21 -15.52 -39.91
CA ALA C 261 -2.09 -16.90 -40.35
C ALA C 261 -0.87 -17.08 -41.27
N GLU C 262 -0.68 -16.15 -42.21
CA GLU C 262 0.40 -16.26 -43.18
C GLU C 262 1.79 -15.95 -42.60
N ALA C 263 1.87 -15.06 -41.61
CA ALA C 263 3.13 -14.83 -40.90
C ALA C 263 3.55 -16.12 -40.21
N SER C 264 2.60 -16.74 -39.49
CA SER C 264 2.87 -18.00 -38.80
C SER C 264 3.29 -19.11 -39.78
N ARG C 265 2.60 -19.23 -40.91
CA ARG C 265 2.94 -20.24 -41.94
C ARG C 265 4.33 -20.07 -42.55
N CYS C 266 4.71 -18.85 -42.91
N CYS C 266 4.68 -18.83 -42.88
CA CYS C 266 5.95 -18.66 -43.66
CA CYS C 266 5.88 -18.52 -43.65
C CYS C 266 7.15 -18.34 -42.77
C CYS C 266 7.11 -18.32 -42.76
N GLY C 267 6.88 -18.12 -41.47
CA GLY C 267 7.93 -17.83 -40.50
C GLY C 267 8.32 -16.35 -40.42
N ALA C 268 7.47 -15.45 -40.90
CA ALA C 268 7.70 -13.98 -40.77
C ALA C 268 7.21 -13.55 -39.39
N LEU C 269 7.80 -12.49 -38.84
CA LEU C 269 7.27 -11.90 -37.62
C LEU C 269 6.16 -10.91 -37.99
N LEU C 270 4.97 -11.12 -37.43
CA LEU C 270 3.92 -10.12 -37.55
C LEU C 270 4.19 -8.98 -36.56
N ILE C 271 4.34 -7.75 -37.08
CA ILE C 271 4.57 -6.57 -36.24
C ILE C 271 3.35 -5.66 -36.33
N PHE C 272 2.65 -5.50 -35.22
CA PHE C 272 1.58 -4.51 -35.17
C PHE C 272 2.18 -3.19 -34.68
N ASP C 273 2.12 -2.18 -35.55
CA ASP C 273 2.45 -0.80 -35.17
C ASP C 273 1.23 -0.18 -34.46
N GLU C 274 1.28 -0.16 -33.13
CA GLU C 274 0.21 0.44 -32.34
C GLU C 274 0.65 1.78 -31.76
N VAL C 275 1.59 2.45 -32.45
CA VAL C 275 2.04 3.77 -32.00
C VAL C 275 0.83 4.70 -31.77
N MET C 276 -0.17 4.63 -32.66
CA MET C 276 -1.41 5.36 -32.46
C MET C 276 -2.50 4.50 -31.81
N THR C 277 -2.70 3.30 -32.31
CA THR C 277 -3.86 2.47 -31.86
C THR C 277 -3.79 1.92 -30.42
N SER C 278 -2.63 1.97 -29.78
CA SER C 278 -2.52 1.40 -28.43
C SER C 278 -3.57 2.00 -27.47
N ARG C 279 -4.01 3.22 -27.75
CA ARG C 279 -4.94 3.95 -26.86
C ARG C 279 -6.37 3.41 -26.89
N LEU C 280 -6.69 2.63 -27.91
CA LEU C 280 -8.09 2.29 -28.20
C LEU C 280 -8.78 1.44 -27.14
N SER C 281 -8.06 0.50 -26.55
CA SER C 281 -8.64 -0.08 -25.33
C SER C 281 -7.53 -0.11 -24.31
N GLY C 282 -7.82 -0.62 -23.11
CA GLY C 282 -6.78 -0.91 -22.12
C GLY C 282 -5.59 -1.64 -22.72
N GLY C 283 -5.88 -2.59 -23.60
CA GLY C 283 -4.80 -3.36 -24.21
C GLY C 283 -4.60 -3.09 -25.67
N GLY C 284 -4.97 -1.89 -26.13
CA GLY C 284 -4.81 -1.49 -27.54
C GLY C 284 -5.68 -2.29 -28.50
N ALA C 285 -5.31 -2.30 -29.78
CA ALA C 285 -6.15 -2.98 -30.76
C ALA C 285 -6.08 -4.52 -30.62
N GLN C 286 -4.97 -5.04 -30.10
CA GLN C 286 -4.86 -6.47 -29.91
C GLN C 286 -5.86 -7.04 -28.91
N GLU C 287 -6.07 -6.31 -27.81
CA GLU C 287 -7.16 -6.67 -26.87
C GLU C 287 -8.53 -6.72 -27.55
N MET C 288 -8.85 -5.67 -28.28
CA MET C 288 -10.09 -5.57 -29.03
C MET C 288 -10.30 -6.70 -30.01
N LEU C 289 -9.23 -7.06 -30.73
CA LEU C 289 -9.29 -8.05 -31.80
C LEU C 289 -9.20 -9.51 -31.36
N GLY C 290 -8.50 -9.77 -30.25
CA GLY C 290 -8.13 -11.15 -29.88
C GLY C 290 -7.10 -11.72 -30.85
N ILE C 291 -6.28 -10.86 -31.44
CA ILE C 291 -5.18 -11.29 -32.31
C ILE C 291 -3.87 -10.80 -31.69
N SER C 292 -2.86 -11.67 -31.60
CA SER C 292 -1.56 -11.29 -31.05
C SER C 292 -0.48 -11.17 -32.13
N ALA C 293 0.16 -10.01 -32.18
CA ALA C 293 1.35 -9.83 -33.00
C ALA C 293 2.57 -10.43 -32.30
N ASP C 294 3.61 -10.73 -33.07
CA ASP C 294 4.85 -11.25 -32.52
C ASP C 294 5.64 -10.13 -31.83
N LEU C 295 5.61 -8.94 -32.43
CA LEU C 295 6.21 -7.74 -31.86
C LEU C 295 5.19 -6.62 -31.99
N THR C 296 5.21 -5.68 -31.05
CA THR C 296 4.28 -4.57 -31.06
C THR C 296 5.11 -3.30 -30.81
N THR C 297 4.80 -2.25 -31.54
CA THR C 297 5.49 -0.98 -31.33
C THR C 297 4.52 0.05 -30.75
N LEU C 298 5.05 0.95 -29.93
CA LEU C 298 4.26 1.85 -29.12
C LEU C 298 4.91 3.22 -29.24
N GLY C 299 4.14 4.27 -28.97
CA GLY C 299 4.66 5.62 -29.02
C GLY C 299 3.63 6.61 -28.47
N LYS C 300 3.73 7.85 -28.94
CA LYS C 300 2.75 8.88 -28.63
C LYS C 300 2.55 9.14 -27.13
N TYR C 301 1.36 8.85 -26.60
CA TYR C 301 0.94 9.32 -25.28
C TYR C 301 1.58 8.56 -24.09
N ILE C 302 2.16 7.38 -24.36
CA ILE C 302 2.49 6.45 -23.27
C ILE C 302 3.59 6.98 -22.34
N GLY C 303 4.46 7.86 -22.86
CA GLY C 303 5.48 8.49 -22.01
C GLY C 303 5.02 9.78 -21.36
N GLY C 304 3.71 9.95 -21.17
CA GLY C 304 3.16 11.14 -20.55
C GLY C 304 3.27 12.43 -21.35
N GLY C 305 3.52 12.32 -22.66
CA GLY C 305 3.73 13.50 -23.51
C GLY C 305 5.22 13.85 -23.67
N MET C 306 6.08 13.10 -22.99
CA MET C 306 7.53 13.25 -23.15
C MET C 306 7.98 12.42 -24.37
N SER C 307 9.19 12.66 -24.88
CA SER C 307 9.75 11.79 -25.94
C SER C 307 9.61 10.32 -25.55
N PHE C 308 9.17 9.49 -26.51
CA PHE C 308 8.84 8.11 -26.20
C PHE C 308 8.57 7.24 -27.43
N GLY C 309 9.09 6.03 -27.37
CA GLY C 309 8.61 4.94 -28.20
C GLY C 309 8.97 3.68 -27.45
N ALA C 310 8.46 2.54 -27.92
CA ALA C 310 8.87 1.25 -27.36
C ALA C 310 8.62 0.13 -28.36
N PHE C 311 9.42 -0.91 -28.26
CA PHE C 311 9.12 -2.14 -28.99
C PHE C 311 9.20 -3.30 -28.03
N GLY C 312 8.22 -4.18 -28.11
CA GLY C 312 8.20 -5.34 -27.26
C GLY C 312 7.46 -6.47 -27.91
N GLY C 313 7.29 -7.57 -27.19
CA GLY C 313 6.50 -8.66 -27.75
C GLY C 313 6.83 -9.97 -27.08
N ARG C 314 6.85 -11.02 -27.88
CA ARG C 314 7.18 -12.36 -27.38
C ARG C 314 8.51 -12.39 -26.65
N ARG C 315 8.49 -13.03 -25.48
CA ARG C 315 9.69 -13.22 -24.67
C ARG C 315 10.88 -13.78 -25.46
N ASP C 316 10.68 -14.85 -26.22
CA ASP C 316 11.78 -15.53 -26.90
C ASP C 316 12.44 -14.65 -27.97
N LEU C 317 11.67 -13.73 -28.58
CA LEU C 317 12.24 -12.77 -29.52
C LEU C 317 12.97 -11.64 -28.79
N MET C 318 12.35 -11.09 -27.75
CA MET C 318 12.93 -9.93 -27.03
C MET C 318 14.17 -10.33 -26.24
N GLU C 319 14.26 -11.60 -25.84
CA GLU C 319 15.42 -12.06 -25.08
C GLU C 319 16.72 -12.03 -25.87
N ARG C 320 16.61 -11.90 -27.19
CA ARG C 320 17.79 -11.71 -28.04
C ARG C 320 18.58 -10.43 -27.69
N PHE C 321 17.94 -9.48 -26.98
CA PHE C 321 18.58 -8.23 -26.51
C PHE C 321 19.14 -8.28 -25.08
N ASP C 322 19.03 -9.42 -24.40
CA ASP C 322 19.64 -9.61 -23.08
C ASP C 322 21.16 -9.46 -23.21
N PRO C 323 21.72 -8.38 -22.65
CA PRO C 323 23.13 -8.07 -22.87
C PRO C 323 24.10 -9.06 -22.21
N ALA C 324 23.60 -9.96 -21.36
CA ALA C 324 24.45 -11.03 -20.81
C ALA C 324 24.55 -12.27 -21.71
N ARG C 325 23.77 -12.30 -22.79
CA ARG C 325 23.83 -13.43 -23.72
C ARG C 325 24.95 -13.23 -24.71
N ASP C 326 25.62 -14.34 -25.06
CA ASP C 326 26.57 -14.38 -26.19
C ASP C 326 25.83 -14.05 -27.48
N GLY C 327 26.39 -13.12 -28.26
CA GLY C 327 25.75 -12.70 -29.53
C GLY C 327 24.52 -11.82 -29.31
N ALA C 328 24.38 -11.26 -28.11
CA ALA C 328 23.25 -10.37 -27.81
C ALA C 328 23.14 -9.25 -28.86
N PHE C 329 21.92 -8.90 -29.24
CA PHE C 329 21.71 -7.75 -30.11
C PHE C 329 21.95 -6.47 -29.30
N ALA C 330 22.54 -5.47 -29.94
CA ALA C 330 22.90 -4.23 -29.27
C ALA C 330 21.82 -3.17 -29.51
N HIS C 331 21.41 -2.50 -28.44
CA HIS C 331 20.44 -1.41 -28.59
C HIS C 331 20.68 -0.39 -27.49
N ALA C 332 21.60 0.53 -27.75
CA ALA C 332 21.83 1.65 -26.86
C ALA C 332 20.86 2.77 -27.27
N GLY C 333 21.13 4.00 -26.82
CA GLY C 333 20.26 5.15 -27.15
C GLY C 333 20.30 6.07 -25.94
N THR C 334 20.97 7.21 -26.09
CA THR C 334 21.26 8.14 -25.00
C THR C 334 20.05 8.36 -24.09
N PHE C 335 18.91 8.67 -24.68
CA PHE C 335 17.73 9.05 -23.90
C PHE C 335 16.68 7.97 -23.70
N ASN C 336 17.02 6.72 -24.04
CA ASN C 336 16.09 5.60 -23.89
C ASN C 336 15.41 5.55 -22.54
N ASN C 337 16.21 5.63 -21.47
CA ASN C 337 15.73 5.47 -20.12
C ASN C 337 15.71 6.80 -19.37
N ASN C 338 15.57 7.93 -20.07
CA ASN C 338 15.64 9.24 -19.41
C ASN C 338 14.54 9.40 -18.36
N ILE C 339 14.87 10.10 -17.29
CA ILE C 339 14.01 10.13 -16.09
C ILE C 339 12.65 10.80 -16.33
N LEU C 340 12.60 11.81 -17.20
CA LEU C 340 11.33 12.47 -17.50
C LEU C 340 10.33 11.53 -18.17
N THR C 341 10.77 10.81 -19.21
CA THR C 341 9.90 9.82 -19.85
C THR C 341 9.49 8.67 -18.93
N MET C 342 10.45 8.08 -18.20
CA MET C 342 10.12 6.95 -17.29
C MET C 342 9.11 7.36 -16.22
N SER C 343 9.31 8.55 -15.68
N SER C 343 9.29 8.55 -15.69
CA SER C 343 8.47 9.11 -14.61
CA SER C 343 8.45 9.06 -14.61
C SER C 343 7.07 9.48 -15.09
C SER C 343 7.07 9.49 -15.08
N ALA C 344 7.00 10.33 -16.12
CA ALA C 344 5.72 10.80 -16.66
C ALA C 344 4.95 9.65 -17.31
N GLY C 345 5.68 8.70 -17.90
CA GLY C 345 5.07 7.54 -18.52
C GLY C 345 4.44 6.63 -17.48
N HIS C 346 5.16 6.40 -16.38
CA HIS C 346 4.63 5.52 -15.33
C HIS C 346 3.35 6.15 -14.79
N ALA C 347 3.39 7.47 -14.56
CA ALA C 347 2.21 8.20 -14.11
C ALA C 347 1.06 8.13 -15.14
N ALA C 348 1.40 8.32 -16.40
CA ALA C 348 0.42 8.27 -17.51
C ALA C 348 -0.38 6.95 -17.53
N LEU C 349 0.32 5.83 -17.43
CA LEU C 349 -0.34 4.52 -17.52
C LEU C 349 -1.06 4.12 -16.24
N THR C 350 -0.50 4.51 -15.09
CA THR C 350 -0.98 3.91 -13.84
C THR C 350 -1.85 4.86 -13.06
N GLN C 351 -1.71 6.15 -13.31
CA GLN C 351 -2.52 7.12 -12.58
C GLN C 351 -3.55 7.88 -13.43
N ILE C 352 -3.30 8.08 -14.72
CA ILE C 352 -4.17 8.98 -15.50
C ILE C 352 -5.01 8.19 -16.51
N TYR C 353 -4.33 7.61 -17.49
CA TYR C 353 -5.01 6.86 -18.54
C TYR C 353 -4.96 5.39 -18.19
N THR C 354 -5.71 5.02 -17.16
CA THR C 354 -5.88 3.62 -16.78
C THR C 354 -6.65 2.87 -17.86
N ARG C 355 -6.71 1.54 -17.72
CA ARG C 355 -7.48 0.71 -18.66
C ARG C 355 -8.95 1.15 -18.76
N GLN C 356 -9.58 1.40 -17.62
CA GLN C 356 -10.97 1.92 -17.61
C GLN C 356 -11.10 3.30 -18.24
N ALA C 357 -10.13 4.19 -17.98
CA ALA C 357 -10.11 5.48 -18.65
C ALA C 357 -10.03 5.30 -20.17
N ALA C 358 -9.26 4.32 -20.62
CA ALA C 358 -9.17 4.06 -22.07
C ALA C 358 -10.52 3.59 -22.64
N SER C 359 -11.16 2.65 -21.95
N SER C 359 -11.15 2.65 -21.94
CA SER C 359 -12.50 2.20 -22.37
CA SER C 359 -12.49 2.18 -22.31
C SER C 359 -13.47 3.37 -22.40
C SER C 359 -13.46 3.36 -22.39
N ASP C 360 -13.46 4.20 -21.35
CA ASP C 360 -14.36 5.34 -21.23
C ASP C 360 -14.14 6.37 -22.34
N LEU C 361 -12.87 6.70 -22.60
CA LEU C 361 -12.56 7.66 -23.67
C LEU C 361 -12.93 7.16 -25.09
N SER C 362 -12.69 5.87 -25.33
CA SER C 362 -13.03 5.26 -26.61
C SER C 362 -14.57 5.22 -26.82
N ALA C 363 -15.31 4.90 -25.75
CA ALA C 363 -16.77 4.90 -25.82
C ALA C 363 -17.29 6.33 -26.07
N SER C 364 -16.73 7.32 -25.36
CA SER C 364 -17.03 8.74 -25.60
C SER C 364 -16.73 9.12 -27.07
N GLY C 365 -15.57 8.72 -27.56
CA GLY C 365 -15.17 8.93 -28.95
C GLY C 365 -16.11 8.31 -29.98
N ASP C 366 -16.54 7.07 -29.70
CA ASP C 366 -17.50 6.38 -30.57
C ASP C 366 -18.83 7.12 -30.65
N ARG C 367 -19.32 7.59 -29.51
CA ARG C 367 -20.55 8.40 -29.47
C ARG C 367 -20.38 9.73 -30.21
N PHE C 368 -19.24 10.39 -29.95
CA PHE C 368 -18.87 11.63 -30.67
C PHE C 368 -18.87 11.42 -32.18
N ARG C 369 -18.15 10.41 -32.65
CA ARG C 369 -18.01 10.14 -34.07
C ARG C 369 -19.38 9.78 -34.69
N ALA C 370 -20.18 9.01 -33.95
CA ALA C 370 -21.52 8.64 -34.41
C ALA C 370 -22.39 9.88 -34.55
N ASN C 371 -22.30 10.79 -33.57
CA ASN C 371 -23.05 12.06 -33.63
CA ASN C 371 -23.03 12.07 -33.62
C ASN C 371 -22.61 12.94 -34.81
N LEU C 372 -21.32 12.95 -35.13
CA LEU C 372 -20.81 13.68 -36.30
C LEU C 372 -21.37 13.09 -37.60
N ASN C 373 -21.33 11.76 -37.70
CA ASN C 373 -21.92 11.09 -38.86
C ASN C 373 -23.45 11.28 -39.00
N ARG C 374 -24.16 11.35 -37.87
CA ARG C 374 -25.60 11.65 -37.84
C ARG C 374 -25.86 13.05 -38.43
N ILE C 375 -25.05 14.04 -38.01
CA ILE C 375 -25.13 15.38 -38.58
C ILE C 375 -24.95 15.36 -40.10
N ALA C 376 -23.95 14.61 -40.58
CA ALA C 376 -23.74 14.46 -42.02
C ALA C 376 -24.97 13.86 -42.73
N VAL C 377 -25.48 12.75 -42.18
CA VAL C 377 -26.64 12.03 -42.75
C VAL C 377 -27.91 12.90 -42.77
N GLU C 378 -28.21 13.53 -41.64
CA GLU C 378 -29.38 14.39 -41.50
C GLU C 378 -29.36 15.64 -42.40
N ASN C 379 -28.16 16.09 -42.80
CA ASN C 379 -28.05 17.21 -43.73
C ASN C 379 -27.69 16.79 -45.15
N GLN C 380 -27.80 15.50 -45.42
CA GLN C 380 -27.46 14.89 -46.71
C GLN C 380 -26.09 15.37 -47.21
N ALA C 381 -25.11 15.45 -46.32
CA ALA C 381 -23.80 15.95 -46.70
C ALA C 381 -22.91 14.83 -47.24
N PRO C 382 -22.11 15.11 -48.28
CA PRO C 382 -21.19 14.11 -48.85
C PRO C 382 -19.85 14.03 -48.07
N LEU C 383 -19.95 13.68 -46.79
CA LEU C 383 -18.80 13.56 -45.93
C LEU C 383 -19.08 12.55 -44.83
N GLN C 384 -18.02 11.94 -44.32
CA GLN C 384 -18.10 11.02 -43.19
C GLN C 384 -16.86 11.20 -42.32
N PHE C 385 -16.96 10.77 -41.06
CA PHE C 385 -15.78 10.60 -40.22
C PHE C 385 -15.50 9.11 -40.03
N THR C 386 -14.27 8.70 -40.36
CA THR C 386 -13.85 7.32 -40.14
C THR C 386 -12.98 7.26 -38.89
N GLY C 387 -12.88 6.08 -38.28
CA GLY C 387 -11.97 5.90 -37.17
C GLY C 387 -12.45 4.91 -36.14
N LEU C 388 -11.84 4.98 -34.96
CA LEU C 388 -12.15 4.09 -33.85
C LEU C 388 -11.95 4.84 -32.57
N GLY C 389 -12.77 4.51 -31.56
CA GLY C 389 -12.68 5.14 -30.25
C GLY C 389 -12.57 6.66 -30.38
N SER C 390 -11.57 7.22 -29.73
CA SER C 390 -11.35 8.68 -29.66
C SER C 390 -10.58 9.29 -30.86
N LEU C 391 -10.41 8.51 -31.94
CA LEU C 391 -9.66 8.94 -33.13
C LEU C 391 -10.57 9.01 -34.35
N GLY C 392 -10.44 10.06 -35.15
CA GLY C 392 -11.33 10.25 -36.29
C GLY C 392 -10.75 11.15 -37.34
N THR C 393 -11.15 10.93 -38.59
CA THR C 393 -10.74 11.77 -39.71
C THR C 393 -11.92 11.99 -40.65
N ILE C 394 -12.10 13.23 -41.09
CA ILE C 394 -13.13 13.56 -42.10
C ILE C 394 -12.66 13.11 -43.49
N HIS C 395 -13.59 12.55 -44.25
CA HIS C 395 -13.35 12.30 -45.69
C HIS C 395 -14.58 12.78 -46.46
N PHE C 396 -14.35 13.53 -47.53
CA PHE C 396 -15.44 14.05 -48.31
C PHE C 396 -15.82 13.01 -49.37
N SER C 397 -16.50 11.95 -48.89
CA SER C 397 -17.04 10.87 -49.73
C SER C 397 -18.02 10.11 -48.85
N ARG C 398 -19.02 9.47 -49.46
CA ARG C 398 -19.90 8.59 -48.68
C ARG C 398 -19.66 7.11 -49.03
N ALA C 399 -18.74 6.89 -49.97
CA ALA C 399 -18.26 5.54 -50.31
C ALA C 399 -17.52 4.92 -49.12
N PRO C 400 -17.44 3.57 -49.05
CA PRO C 400 -16.64 2.96 -48.00
C PRO C 400 -15.18 3.40 -48.13
N ILE C 401 -14.57 3.71 -46.99
CA ILE C 401 -13.18 4.12 -46.93
C ILE C 401 -12.40 2.95 -46.34
N ARG C 402 -11.74 2.18 -47.19
CA ARG C 402 -11.11 0.93 -46.73
C ARG C 402 -9.62 0.84 -47.00
N SER C 403 -9.13 1.66 -47.91
CA SER C 403 -7.72 1.63 -48.32
C SER C 403 -7.20 3.01 -48.69
N ALA C 404 -5.89 3.10 -48.95
CA ALA C 404 -5.25 4.40 -49.30
C ALA C 404 -5.91 5.03 -50.53
N GLY C 405 -6.26 4.20 -51.51
CA GLY C 405 -6.94 4.64 -52.72
C GLY C 405 -8.25 5.36 -52.46
N ASP C 406 -9.05 4.81 -51.55
CA ASP C 406 -10.33 5.43 -51.16
C ASP C 406 -10.13 6.82 -50.55
N VAL C 407 -9.15 6.91 -49.64
CA VAL C 407 -8.80 8.20 -49.02
C VAL C 407 -8.38 9.22 -50.07
N ARG C 408 -7.49 8.81 -50.98
CA ARG C 408 -6.97 9.69 -52.03
C ARG C 408 -8.05 10.19 -53.01
N ALA C 409 -9.03 9.33 -53.31
CA ALA C 409 -10.10 9.67 -54.26
C ALA C 409 -11.15 10.62 -53.68
N ALA C 410 -11.21 10.74 -52.36
CA ALA C 410 -12.17 11.66 -51.74
C ALA C 410 -11.70 13.11 -51.90
N ASP C 411 -12.62 14.07 -51.88
CA ASP C 411 -12.31 15.45 -52.22
C ASP C 411 -11.29 16.09 -51.28
N GLN C 412 -10.13 16.45 -51.83
CA GLN C 412 -9.03 17.03 -51.04
C GLN C 412 -9.19 18.52 -50.82
N GLN C 413 -9.81 19.21 -51.79
CA GLN C 413 -10.04 20.65 -51.63
C GLN C 413 -11.04 20.98 -50.50
N LEU C 414 -12.09 20.17 -50.38
CA LEU C 414 -13.12 20.42 -49.35
C LEU C 414 -12.53 20.20 -47.95
N LYS C 415 -11.54 19.32 -47.89
CA LYS C 415 -10.80 19.00 -46.66
C LYS C 415 -10.01 20.24 -46.19
N GLU C 416 -9.33 20.90 -47.12
CA GLU C 416 -8.59 22.13 -46.79
C GLU C 416 -9.55 23.23 -46.35
N LEU C 417 -10.67 23.37 -47.08
CA LEU C 417 -11.69 24.32 -46.70
C LEU C 417 -12.24 24.07 -45.29
N PHE C 418 -12.46 22.80 -44.96
CA PHE C 418 -12.97 22.39 -43.67
C PHE C 418 -12.05 22.89 -42.55
N PHE C 419 -10.75 22.69 -42.74
CA PHE C 419 -9.72 23.08 -41.77
C PHE C 419 -9.83 24.58 -41.42
N PHE C 420 -9.86 25.40 -42.47
CA PHE C 420 -9.95 26.85 -42.29
C PHE C 420 -11.25 27.26 -41.61
N HIS C 421 -12.35 26.57 -41.95
CA HIS C 421 -13.65 26.87 -41.35
C HIS C 421 -13.64 26.58 -39.85
N MET C 422 -13.11 25.42 -39.48
CA MET C 422 -13.09 25.05 -38.07
C MET C 422 -12.27 26.06 -37.26
N LEU C 423 -11.14 26.52 -37.82
CA LEU C 423 -10.31 27.51 -37.14
C LEU C 423 -11.11 28.77 -36.83
N ARG C 424 -11.90 29.23 -37.80
CA ARG C 424 -12.72 30.44 -37.62
C ARG C 424 -13.77 30.26 -36.56
N LYS C 425 -14.12 29.00 -36.28
CA LYS C 425 -15.08 28.67 -35.24
C LYS C 425 -14.40 28.33 -33.92
N GLY C 426 -13.09 28.52 -33.83
CA GLY C 426 -12.35 28.30 -32.58
C GLY C 426 -12.10 26.82 -32.29
N ILE C 427 -12.06 26.02 -33.35
CA ILE C 427 -11.76 24.59 -33.23
C ILE C 427 -10.50 24.29 -34.04
N TYR C 428 -9.48 23.74 -33.37
CA TYR C 428 -8.28 23.31 -34.05
C TYR C 428 -8.24 21.79 -34.19
N LEU C 429 -8.14 21.30 -35.43
CA LEU C 429 -7.79 19.88 -35.70
C LEU C 429 -6.72 19.83 -36.78
N ALA C 430 -6.22 18.64 -37.11
CA ALA C 430 -5.18 18.52 -38.13
C ALA C 430 -5.64 19.12 -39.47
N PRO C 431 -4.72 19.78 -40.23
CA PRO C 431 -5.03 20.16 -41.61
C PRO C 431 -5.67 19.05 -42.44
N ARG C 432 -5.20 17.82 -42.24
CA ARG C 432 -5.69 16.64 -42.97
C ARG C 432 -7.02 16.10 -42.42
N GLY C 433 -7.61 16.78 -41.43
CA GLY C 433 -8.97 16.48 -40.99
C GLY C 433 -9.09 15.49 -39.84
N MET C 434 -7.97 15.22 -39.17
CA MET C 434 -7.92 14.28 -38.06
C MET C 434 -8.11 14.98 -36.70
N TYR C 435 -8.98 14.41 -35.86
CA TYR C 435 -8.99 14.73 -34.44
C TYR C 435 -8.54 13.54 -33.58
N ALA C 436 -8.07 13.84 -32.38
CA ALA C 436 -7.68 12.80 -31.44
C ALA C 436 -8.04 13.36 -30.07
N LEU C 437 -9.16 12.88 -29.53
CA LEU C 437 -9.72 13.50 -28.33
C LEU C 437 -8.78 13.27 -27.16
N SER C 438 -8.47 14.34 -26.44
CA SER C 438 -7.74 14.25 -25.18
C SER C 438 -8.69 13.99 -24.00
N LEU C 439 -8.12 13.69 -22.85
CA LEU C 439 -8.90 13.51 -21.63
C LEU C 439 -9.56 14.81 -21.13
N GLU C 440 -9.11 15.93 -21.68
CA GLU C 440 -9.58 17.25 -21.24
C GLU C 440 -10.70 17.85 -22.09
N ILE C 441 -11.02 17.20 -23.21
CA ILE C 441 -12.14 17.64 -24.04
C ILE C 441 -13.43 17.33 -23.28
N ALA C 442 -14.27 18.35 -23.11
CA ALA C 442 -15.54 18.14 -22.40
C ALA C 442 -16.74 18.36 -23.31
N ASP C 443 -17.95 18.37 -22.71
CA ASP C 443 -19.19 18.51 -23.50
C ASP C 443 -19.16 19.79 -24.33
N ALA C 444 -18.79 20.89 -23.69
CA ALA C 444 -18.76 22.20 -24.38
C ALA C 444 -17.92 22.18 -25.65
N GLY C 445 -16.72 21.58 -25.58
CA GLY C 445 -15.87 21.45 -26.78
C GLY C 445 -16.51 20.55 -27.83
N ARG C 446 -17.03 19.41 -27.39
CA ARG C 446 -17.67 18.47 -28.33
C ARG C 446 -18.91 19.09 -28.99
N ASP C 447 -19.75 19.74 -28.19
CA ASP C 447 -20.90 20.51 -28.72
C ASP C 447 -20.46 21.56 -29.74
N ALA C 448 -19.40 22.32 -29.42
CA ALA C 448 -18.95 23.37 -30.32
C ALA C 448 -18.41 22.80 -31.63
N PHE C 449 -17.73 21.66 -31.56
CA PHE C 449 -17.24 20.96 -32.75
C PHE C 449 -18.45 20.55 -33.63
N ALA C 450 -19.44 19.90 -33.01
CA ALA C 450 -20.64 19.45 -33.73
C ALA C 450 -21.36 20.64 -34.40
N GLU C 451 -21.54 21.73 -33.66
CA GLU C 451 -22.19 22.93 -34.20
C GLU C 451 -21.39 23.54 -35.35
N ALA C 452 -20.07 23.55 -35.21
CA ALA C 452 -19.23 24.07 -36.29
C ALA C 452 -19.31 23.20 -37.54
N LEU C 453 -19.46 21.88 -37.35
CA LEU C 453 -19.64 20.99 -38.49
C LEU C 453 -20.95 21.29 -39.24
N ALA C 454 -22.05 21.39 -38.49
CA ALA C 454 -23.35 21.80 -39.04
C ALA C 454 -23.26 23.13 -39.79
N ASP C 455 -22.61 24.11 -39.17
CA ASP C 455 -22.34 25.40 -39.82
C ASP C 455 -21.53 25.28 -41.11
N PHE C 456 -20.51 24.42 -41.13
CA PHE C 456 -19.76 24.21 -42.38
C PHE C 456 -20.70 23.74 -43.51
N ILE C 457 -21.57 22.78 -43.16
CA ILE C 457 -22.49 22.18 -44.13
C ILE C 457 -23.45 23.25 -44.68
N GLY C 458 -24.02 24.06 -43.79
CA GLY C 458 -24.88 25.19 -44.18
C GLY C 458 -24.16 26.24 -45.01
N GLU C 459 -23.01 26.71 -44.52
CA GLU C 459 -22.31 27.84 -45.11
C GLU C 459 -21.63 27.52 -46.43
N GLN C 460 -21.21 26.26 -46.61
CA GLN C 460 -20.51 25.83 -47.83
C GLN C 460 -21.35 24.90 -48.69
N ARG C 461 -22.66 24.95 -48.48
CA ARG C 461 -23.64 24.09 -49.15
C ARG C 461 -23.52 24.08 -50.67
N ALA C 462 -23.20 25.22 -51.25
CA ALA C 462 -23.09 25.35 -52.70
C ALA C 462 -21.98 24.46 -53.25
N LEU C 463 -20.95 24.26 -52.43
CA LEU C 463 -19.81 23.44 -52.81
C LEU C 463 -20.01 21.96 -52.46
N LEU C 464 -21.07 21.67 -51.71
CA LEU C 464 -21.36 20.29 -51.32
C LEU C 464 -22.51 19.74 -52.15
#